data_4M5C
# 
_entry.id   4M5C 
# 
_audit_conform.dict_name       mmcif_pdbx.dic 
_audit_conform.dict_version    5.388 
_audit_conform.dict_location   http://mmcif.pdb.org/dictionaries/ascii/mmcif_pdbx.dic 
# 
loop_
_database_2.database_id 
_database_2.database_code 
_database_2.pdbx_database_accession 
_database_2.pdbx_DOI 
PDB   4M5C         pdb_00004m5c 10.2210/pdb4m5c/pdb 
RCSB  RCSB081485   ?            ?                   
WWPDB D_1000081485 ?            ?                   
# 
loop_
_pdbx_audit_revision_history.ordinal 
_pdbx_audit_revision_history.data_content_type 
_pdbx_audit_revision_history.major_revision 
_pdbx_audit_revision_history.minor_revision 
_pdbx_audit_revision_history.revision_date 
1 'Structure model' 1 0 2014-03-26 
2 'Structure model' 1 1 2024-03-20 
# 
_pdbx_audit_revision_details.ordinal             1 
_pdbx_audit_revision_details.revision_ordinal    1 
_pdbx_audit_revision_details.data_content_type   'Structure model' 
_pdbx_audit_revision_details.provider            repository 
_pdbx_audit_revision_details.type                'Initial release' 
_pdbx_audit_revision_details.description         ? 
_pdbx_audit_revision_details.details             ? 
# 
loop_
_pdbx_audit_revision_group.ordinal 
_pdbx_audit_revision_group.revision_ordinal 
_pdbx_audit_revision_group.data_content_type 
_pdbx_audit_revision_group.group 
1 2 'Structure model' 'Data collection'      
2 2 'Structure model' 'Database references'  
3 2 'Structure model' 'Derived calculations' 
# 
loop_
_pdbx_audit_revision_category.ordinal 
_pdbx_audit_revision_category.revision_ordinal 
_pdbx_audit_revision_category.data_content_type 
_pdbx_audit_revision_category.category 
1 2 'Structure model' chem_comp_atom         
2 2 'Structure model' chem_comp_bond         
3 2 'Structure model' database_2             
4 2 'Structure model' pdbx_struct_conn_angle 
5 2 'Structure model' struct_conn            
6 2 'Structure model' struct_ref_seq_dif     
7 2 'Structure model' struct_site            
# 
loop_
_pdbx_audit_revision_item.ordinal 
_pdbx_audit_revision_item.revision_ordinal 
_pdbx_audit_revision_item.data_content_type 
_pdbx_audit_revision_item.item 
1  2 'Structure model' '_database_2.pdbx_DOI'                        
2  2 'Structure model' '_database_2.pdbx_database_accession'         
3  2 'Structure model' '_pdbx_struct_conn_angle.ptnr1_auth_comp_id'  
4  2 'Structure model' '_pdbx_struct_conn_angle.ptnr1_auth_seq_id'   
5  2 'Structure model' '_pdbx_struct_conn_angle.ptnr1_label_atom_id' 
6  2 'Structure model' '_pdbx_struct_conn_angle.ptnr1_label_comp_id' 
7  2 'Structure model' '_pdbx_struct_conn_angle.ptnr1_label_seq_id'  
8  2 'Structure model' '_pdbx_struct_conn_angle.ptnr3_auth_comp_id'  
9  2 'Structure model' '_pdbx_struct_conn_angle.ptnr3_auth_seq_id'   
10 2 'Structure model' '_pdbx_struct_conn_angle.ptnr3_label_atom_id' 
11 2 'Structure model' '_pdbx_struct_conn_angle.ptnr3_label_comp_id' 
12 2 'Structure model' '_pdbx_struct_conn_angle.ptnr3_label_seq_id'  
13 2 'Structure model' '_pdbx_struct_conn_angle.value'               
14 2 'Structure model' '_struct_conn.pdbx_dist_value'                
15 2 'Structure model' '_struct_conn.ptnr1_auth_comp_id'             
16 2 'Structure model' '_struct_conn.ptnr1_auth_seq_id'              
17 2 'Structure model' '_struct_conn.ptnr1_label_atom_id'            
18 2 'Structure model' '_struct_conn.ptnr1_label_comp_id'            
19 2 'Structure model' '_struct_conn.ptnr1_label_seq_id'             
20 2 'Structure model' '_struct_ref_seq_dif.details'                 
21 2 'Structure model' '_struct_site.pdbx_auth_asym_id'              
22 2 'Structure model' '_struct_site.pdbx_auth_comp_id'              
23 2 'Structure model' '_struct_site.pdbx_auth_seq_id'               
# 
_pdbx_database_status.status_code                     REL 
_pdbx_database_status.entry_id                        4M5C 
_pdbx_database_status.recvd_initial_deposition_date   2013-08-08 
_pdbx_database_status.deposit_site                    RCSB 
_pdbx_database_status.process_site                    PDBJ 
_pdbx_database_status.methods_development_category    ? 
_pdbx_database_status.status_code_sf                  REL 
_pdbx_database_status.status_code_mr                  ? 
_pdbx_database_status.SG_entry                        ? 
_pdbx_database_status.status_code_cs                  ? 
_pdbx_database_status.pdb_format_compatible           Y 
_pdbx_database_status.status_code_nmr_data            ? 
# 
loop_
_pdbx_database_related.db_name 
_pdbx_database_related.db_id 
_pdbx_database_related.details 
_pdbx_database_related.content_type 
PDB 4M58 . unspecified 
PDB 4M5B . unspecified 
# 
loop_
_audit_author.name 
_audit_author.pdbx_ordinal 
'Yu, Y.'     1 
'Zhou, M.Z.' 2 
'Gu, J.K.'   3 
# 
_citation.id                        primary 
_citation.title                     'Planar substrate-binding site dictates the specificity of ECF-type nickel/cobalt transporters' 
_citation.journal_abbrev            'Cell Res.' 
_citation.journal_volume            24 
_citation.page_first                267 
_citation.page_last                 277 
_citation.year                      2014 
_citation.journal_id_ASTM           ? 
_citation.country                   CN 
_citation.journal_id_ISSN           1001-0602 
_citation.journal_id_CSD            ? 
_citation.book_publisher            ? 
_citation.pdbx_database_id_PubMed   24366337 
_citation.pdbx_database_id_DOI      10.1038/cr.2013.172 
# 
loop_
_citation_author.citation_id 
_citation_author.name 
_citation_author.ordinal 
_citation_author.identifier_ORCID 
primary 'Yu, Y.'       1  ? 
primary 'Zhou, M.Z.'   2  ? 
primary 'Kirsch, F.'   3  ? 
primary 'Xu, C.Q.'     4  ? 
primary 'Zhang, L.'    5  ? 
primary 'Wang, Y.'     6  ? 
primary 'Jiang, Z.'    7  ? 
primary 'Wang, N.'     8  ? 
primary 'Li, J.'       9  ? 
primary 'Eitinger, T.' 10 ? 
primary 'Yang, M.J.'   11 ? 
# 
loop_
_entity.id 
_entity.type 
_entity.src_method 
_entity.pdbx_description 
_entity.formula_weight 
_entity.pdbx_number_of_molecules 
_entity.pdbx_ec 
_entity.pdbx_mutation 
_entity.pdbx_fragment 
_entity.details 
1 polymer     man 'Cobalamin biosynthesis protein CbiM' 22765.900 1  ? ? 'UNP residues 1-209' ? 
2 non-polymer syn 'COBALT (II) ION'                     58.933    1  ? ? ?                    ? 
3 non-polymer syn HEXANE-1,6-DIOL                       118.174   5  ? ? ?                    ? 
4 water       nat water                                 18.015    41 ? ? ?                    ? 
# 
_entity_name_com.entity_id   1 
_entity_name_com.name        TtNikM2 
# 
_entity_poly.entity_id                      1 
_entity_poly.type                           'polypeptide(L)' 
_entity_poly.nstd_linkage                   no 
_entity_poly.nstd_monomer                   no 
_entity_poly.pdbx_seq_one_letter_code       
;MHIPEGYLSPQTCAVMGAAMVPVLTVAAKKVNKSFDKKDVPAMAIGSAFAFTIMMFNVPIPGGTTAHAIGATLLATTLGP
WAASISLTLALFIQALLFGDGGILALGANSFNMAFIAPFVGYGIYRLMLSLKLNKVLSSAIGGYVGINAAALATAIELGL
QPLLFHTANGTPLYFPYGLNVAIPAMMFAHLTVAGIVEAVITGLVVYYLLEHHHHHH
;
_entity_poly.pdbx_seq_one_letter_code_can   
;MHIPEGYLSPQTCAVMGAAMVPVLTVAAKKVNKSFDKKDVPAMAIGSAFAFTIMMFNVPIPGGTTAHAIGATLLATTLGP
WAASISLTLALFIQALLFGDGGILALGANSFNMAFIAPFVGYGIYRLMLSLKLNKVLSSAIGGYVGINAAALATAIELGL
QPLLFHTANGTPLYFPYGLNVAIPAMMFAHLTVAGIVEAVITGLVVYYLLEHHHHHH
;
_entity_poly.pdbx_strand_id                 A 
_entity_poly.pdbx_target_identifier         ? 
# 
loop_
_pdbx_entity_nonpoly.entity_id 
_pdbx_entity_nonpoly.name 
_pdbx_entity_nonpoly.comp_id 
2 'COBALT (II) ION' CO  
3 HEXANE-1,6-DIOL   HEZ 
4 water             HOH 
# 
loop_
_entity_poly_seq.entity_id 
_entity_poly_seq.num 
_entity_poly_seq.mon_id 
_entity_poly_seq.hetero 
1 1   MET n 
1 2   HIS n 
1 3   ILE n 
1 4   PRO n 
1 5   GLU n 
1 6   GLY n 
1 7   TYR n 
1 8   LEU n 
1 9   SER n 
1 10  PRO n 
1 11  GLN n 
1 12  THR n 
1 13  CYS n 
1 14  ALA n 
1 15  VAL n 
1 16  MET n 
1 17  GLY n 
1 18  ALA n 
1 19  ALA n 
1 20  MET n 
1 21  VAL n 
1 22  PRO n 
1 23  VAL n 
1 24  LEU n 
1 25  THR n 
1 26  VAL n 
1 27  ALA n 
1 28  ALA n 
1 29  LYS n 
1 30  LYS n 
1 31  VAL n 
1 32  ASN n 
1 33  LYS n 
1 34  SER n 
1 35  PHE n 
1 36  ASP n 
1 37  LYS n 
1 38  LYS n 
1 39  ASP n 
1 40  VAL n 
1 41  PRO n 
1 42  ALA n 
1 43  MET n 
1 44  ALA n 
1 45  ILE n 
1 46  GLY n 
1 47  SER n 
1 48  ALA n 
1 49  PHE n 
1 50  ALA n 
1 51  PHE n 
1 52  THR n 
1 53  ILE n 
1 54  MET n 
1 55  MET n 
1 56  PHE n 
1 57  ASN n 
1 58  VAL n 
1 59  PRO n 
1 60  ILE n 
1 61  PRO n 
1 62  GLY n 
1 63  GLY n 
1 64  THR n 
1 65  THR n 
1 66  ALA n 
1 67  HIS n 
1 68  ALA n 
1 69  ILE n 
1 70  GLY n 
1 71  ALA n 
1 72  THR n 
1 73  LEU n 
1 74  LEU n 
1 75  ALA n 
1 76  THR n 
1 77  THR n 
1 78  LEU n 
1 79  GLY n 
1 80  PRO n 
1 81  TRP n 
1 82  ALA n 
1 83  ALA n 
1 84  SER n 
1 85  ILE n 
1 86  SER n 
1 87  LEU n 
1 88  THR n 
1 89  LEU n 
1 90  ALA n 
1 91  LEU n 
1 92  PHE n 
1 93  ILE n 
1 94  GLN n 
1 95  ALA n 
1 96  LEU n 
1 97  LEU n 
1 98  PHE n 
1 99  GLY n 
1 100 ASP n 
1 101 GLY n 
1 102 GLY n 
1 103 ILE n 
1 104 LEU n 
1 105 ALA n 
1 106 LEU n 
1 107 GLY n 
1 108 ALA n 
1 109 ASN n 
1 110 SER n 
1 111 PHE n 
1 112 ASN n 
1 113 MET n 
1 114 ALA n 
1 115 PHE n 
1 116 ILE n 
1 117 ALA n 
1 118 PRO n 
1 119 PHE n 
1 120 VAL n 
1 121 GLY n 
1 122 TYR n 
1 123 GLY n 
1 124 ILE n 
1 125 TYR n 
1 126 ARG n 
1 127 LEU n 
1 128 MET n 
1 129 LEU n 
1 130 SER n 
1 131 LEU n 
1 132 LYS n 
1 133 LEU n 
1 134 ASN n 
1 135 LYS n 
1 136 VAL n 
1 137 LEU n 
1 138 SER n 
1 139 SER n 
1 140 ALA n 
1 141 ILE n 
1 142 GLY n 
1 143 GLY n 
1 144 TYR n 
1 145 VAL n 
1 146 GLY n 
1 147 ILE n 
1 148 ASN n 
1 149 ALA n 
1 150 ALA n 
1 151 ALA n 
1 152 LEU n 
1 153 ALA n 
1 154 THR n 
1 155 ALA n 
1 156 ILE n 
1 157 GLU n 
1 158 LEU n 
1 159 GLY n 
1 160 LEU n 
1 161 GLN n 
1 162 PRO n 
1 163 LEU n 
1 164 LEU n 
1 165 PHE n 
1 166 HIS n 
1 167 THR n 
1 168 ALA n 
1 169 ASN n 
1 170 GLY n 
1 171 THR n 
1 172 PRO n 
1 173 LEU n 
1 174 TYR n 
1 175 PHE n 
1 176 PRO n 
1 177 TYR n 
1 178 GLY n 
1 179 LEU n 
1 180 ASN n 
1 181 VAL n 
1 182 ALA n 
1 183 ILE n 
1 184 PRO n 
1 185 ALA n 
1 186 MET n 
1 187 MET n 
1 188 PHE n 
1 189 ALA n 
1 190 HIS n 
1 191 LEU n 
1 192 THR n 
1 193 VAL n 
1 194 ALA n 
1 195 GLY n 
1 196 ILE n 
1 197 VAL n 
1 198 GLU n 
1 199 ALA n 
1 200 VAL n 
1 201 ILE n 
1 202 THR n 
1 203 GLY n 
1 204 LEU n 
1 205 VAL n 
1 206 VAL n 
1 207 TYR n 
1 208 TYR n 
1 209 LEU n 
1 210 LEU n 
1 211 GLU n 
1 212 HIS n 
1 213 HIS n 
1 214 HIS n 
1 215 HIS n 
1 216 HIS n 
1 217 HIS n 
# 
_entity_src_gen.entity_id                          1 
_entity_src_gen.pdbx_src_id                        1 
_entity_src_gen.pdbx_alt_source_flag               sample 
_entity_src_gen.pdbx_seq_type                      ? 
_entity_src_gen.pdbx_beg_seq_num                   ? 
_entity_src_gen.pdbx_end_seq_num                   ? 
_entity_src_gen.gene_src_common_name               ? 
_entity_src_gen.gene_src_genus                     ? 
_entity_src_gen.pdbx_gene_src_gene                 'CbiM2, TTE1695' 
_entity_src_gen.gene_src_species                   ? 
_entity_src_gen.gene_src_strain                    MB4 
_entity_src_gen.gene_src_tissue                    ? 
_entity_src_gen.gene_src_tissue_fraction           ? 
_entity_src_gen.gene_src_details                   ? 
_entity_src_gen.pdbx_gene_src_fragment             ? 
_entity_src_gen.pdbx_gene_src_scientific_name      'Thermoanaerobacter tengcongensis' 
_entity_src_gen.pdbx_gene_src_ncbi_taxonomy_id     273068 
_entity_src_gen.pdbx_gene_src_variant              ? 
_entity_src_gen.pdbx_gene_src_cell_line            ? 
_entity_src_gen.pdbx_gene_src_atcc                 ? 
_entity_src_gen.pdbx_gene_src_organ                ? 
_entity_src_gen.pdbx_gene_src_organelle            ? 
_entity_src_gen.pdbx_gene_src_cell                 ? 
_entity_src_gen.pdbx_gene_src_cellular_location    ? 
_entity_src_gen.host_org_common_name               ? 
_entity_src_gen.pdbx_host_org_scientific_name      'Escherichia coli' 
_entity_src_gen.pdbx_host_org_ncbi_taxonomy_id     562 
_entity_src_gen.host_org_genus                     ? 
_entity_src_gen.pdbx_host_org_gene                 ? 
_entity_src_gen.pdbx_host_org_organ                ? 
_entity_src_gen.host_org_species                   ? 
_entity_src_gen.pdbx_host_org_tissue               ? 
_entity_src_gen.pdbx_host_org_tissue_fraction      ? 
_entity_src_gen.pdbx_host_org_strain               ? 
_entity_src_gen.pdbx_host_org_variant              ? 
_entity_src_gen.pdbx_host_org_cell_line            ? 
_entity_src_gen.pdbx_host_org_atcc                 ? 
_entity_src_gen.pdbx_host_org_culture_collection   ? 
_entity_src_gen.pdbx_host_org_cell                 ? 
_entity_src_gen.pdbx_host_org_organelle            ? 
_entity_src_gen.pdbx_host_org_cellular_location    ? 
_entity_src_gen.pdbx_host_org_vector_type          plasmid 
_entity_src_gen.pdbx_host_org_vector               ? 
_entity_src_gen.host_org_details                   ? 
_entity_src_gen.expression_system_id               ? 
_entity_src_gen.plasmid_name                       ? 
_entity_src_gen.plasmid_details                    ? 
_entity_src_gen.pdbx_description                   ? 
# 
loop_
_chem_comp.id 
_chem_comp.type 
_chem_comp.mon_nstd_flag 
_chem_comp.name 
_chem_comp.pdbx_synonyms 
_chem_comp.formula 
_chem_comp.formula_weight 
ALA 'L-peptide linking' y ALANINE           ? 'C3 H7 N O2'     89.093  
ARG 'L-peptide linking' y ARGININE          ? 'C6 H15 N4 O2 1' 175.209 
ASN 'L-peptide linking' y ASPARAGINE        ? 'C4 H8 N2 O3'    132.118 
ASP 'L-peptide linking' y 'ASPARTIC ACID'   ? 'C4 H7 N O4'     133.103 
CO  non-polymer         . 'COBALT (II) ION' ? 'Co 2'           58.933  
CYS 'L-peptide linking' y CYSTEINE          ? 'C3 H7 N O2 S'   121.158 
GLN 'L-peptide linking' y GLUTAMINE         ? 'C5 H10 N2 O3'   146.144 
GLU 'L-peptide linking' y 'GLUTAMIC ACID'   ? 'C5 H9 N O4'     147.129 
GLY 'peptide linking'   y GLYCINE           ? 'C2 H5 N O2'     75.067  
HEZ non-polymer         . HEXANE-1,6-DIOL   ? 'C6 H14 O2'      118.174 
HIS 'L-peptide linking' y HISTIDINE         ? 'C6 H10 N3 O2 1' 156.162 
HOH non-polymer         . WATER             ? 'H2 O'           18.015  
ILE 'L-peptide linking' y ISOLEUCINE        ? 'C6 H13 N O2'    131.173 
LEU 'L-peptide linking' y LEUCINE           ? 'C6 H13 N O2'    131.173 
LYS 'L-peptide linking' y LYSINE            ? 'C6 H15 N2 O2 1' 147.195 
MET 'L-peptide linking' y METHIONINE        ? 'C5 H11 N O2 S'  149.211 
PHE 'L-peptide linking' y PHENYLALANINE     ? 'C9 H11 N O2'    165.189 
PRO 'L-peptide linking' y PROLINE           ? 'C5 H9 N O2'     115.130 
SER 'L-peptide linking' y SERINE            ? 'C3 H7 N O3'     105.093 
THR 'L-peptide linking' y THREONINE         ? 'C4 H9 N O3'     119.119 
TRP 'L-peptide linking' y TRYPTOPHAN        ? 'C11 H12 N2 O2'  204.225 
TYR 'L-peptide linking' y TYROSINE          ? 'C9 H11 N O3'    181.189 
VAL 'L-peptide linking' y VALINE            ? 'C5 H11 N O2'    117.146 
# 
loop_
_pdbx_poly_seq_scheme.asym_id 
_pdbx_poly_seq_scheme.entity_id 
_pdbx_poly_seq_scheme.seq_id 
_pdbx_poly_seq_scheme.mon_id 
_pdbx_poly_seq_scheme.ndb_seq_num 
_pdbx_poly_seq_scheme.pdb_seq_num 
_pdbx_poly_seq_scheme.auth_seq_num 
_pdbx_poly_seq_scheme.pdb_mon_id 
_pdbx_poly_seq_scheme.auth_mon_id 
_pdbx_poly_seq_scheme.pdb_strand_id 
_pdbx_poly_seq_scheme.pdb_ins_code 
_pdbx_poly_seq_scheme.hetero 
A 1 1   MET 1   1   1   MET MET A . n 
A 1 2   HIS 2   2   2   HIS HIS A . n 
A 1 3   ILE 3   3   3   ILE ILE A . n 
A 1 4   PRO 4   4   4   PRO PRO A . n 
A 1 5   GLU 5   5   5   GLU GLU A . n 
A 1 6   GLY 6   6   6   GLY GLY A . n 
A 1 7   TYR 7   7   7   TYR TYR A . n 
A 1 8   LEU 8   8   8   LEU LEU A . n 
A 1 9   SER 9   9   9   SER SER A . n 
A 1 10  PRO 10  10  10  PRO PRO A . n 
A 1 11  GLN 11  11  11  GLN GLN A . n 
A 1 12  THR 12  12  12  THR THR A . n 
A 1 13  CYS 13  13  13  CYS CYS A . n 
A 1 14  ALA 14  14  14  ALA ALA A . n 
A 1 15  VAL 15  15  15  VAL VAL A . n 
A 1 16  MET 16  16  16  MET MET A . n 
A 1 17  GLY 17  17  17  GLY GLY A . n 
A 1 18  ALA 18  18  18  ALA ALA A . n 
A 1 19  ALA 19  19  19  ALA ALA A . n 
A 1 20  MET 20  20  20  MET MET A . n 
A 1 21  VAL 21  21  21  VAL VAL A . n 
A 1 22  PRO 22  22  22  PRO PRO A . n 
A 1 23  VAL 23  23  23  VAL VAL A . n 
A 1 24  LEU 24  24  24  LEU LEU A . n 
A 1 25  THR 25  25  25  THR THR A . n 
A 1 26  VAL 26  26  26  VAL VAL A . n 
A 1 27  ALA 27  27  27  ALA ALA A . n 
A 1 28  ALA 28  28  28  ALA ALA A . n 
A 1 29  LYS 29  29  29  LYS LYS A . n 
A 1 30  LYS 30  30  30  LYS LYS A . n 
A 1 31  VAL 31  31  31  VAL VAL A . n 
A 1 32  ASN 32  32  32  ASN ASN A . n 
A 1 33  LYS 33  33  33  LYS LYS A . n 
A 1 34  SER 34  34  34  SER SER A . n 
A 1 35  PHE 35  35  35  PHE PHE A . n 
A 1 36  ASP 36  36  36  ASP ASP A . n 
A 1 37  LYS 37  37  37  LYS LYS A . n 
A 1 38  LYS 38  38  38  LYS LYS A . n 
A 1 39  ASP 39  39  39  ASP ASP A . n 
A 1 40  VAL 40  40  40  VAL VAL A . n 
A 1 41  PRO 41  41  41  PRO PRO A . n 
A 1 42  ALA 42  42  42  ALA ALA A . n 
A 1 43  MET 43  43  43  MET MET A . n 
A 1 44  ALA 44  44  44  ALA ALA A . n 
A 1 45  ILE 45  45  45  ILE ILE A . n 
A 1 46  GLY 46  46  46  GLY GLY A . n 
A 1 47  SER 47  47  47  SER SER A . n 
A 1 48  ALA 48  48  48  ALA ALA A . n 
A 1 49  PHE 49  49  49  PHE PHE A . n 
A 1 50  ALA 50  50  50  ALA ALA A . n 
A 1 51  PHE 51  51  51  PHE PHE A . n 
A 1 52  THR 52  52  52  THR THR A . n 
A 1 53  ILE 53  53  53  ILE ILE A . n 
A 1 54  MET 54  54  54  MET MET A . n 
A 1 55  MET 55  55  55  MET MET A . n 
A 1 56  PHE 56  56  56  PHE PHE A . n 
A 1 57  ASN 57  57  57  ASN ASN A . n 
A 1 58  VAL 58  58  58  VAL VAL A . n 
A 1 59  PRO 59  59  59  PRO PRO A . n 
A 1 60  ILE 60  60  60  ILE ILE A . n 
A 1 61  PRO 61  61  61  PRO PRO A . n 
A 1 62  GLY 62  62  62  GLY GLY A . n 
A 1 63  GLY 63  63  63  GLY GLY A . n 
A 1 64  THR 64  64  64  THR THR A . n 
A 1 65  THR 65  65  65  THR THR A . n 
A 1 66  ALA 66  66  66  ALA ALA A . n 
A 1 67  HIS 67  67  67  HIS HIS A . n 
A 1 68  ALA 68  68  68  ALA ALA A . n 
A 1 69  ILE 69  69  69  ILE ILE A . n 
A 1 70  GLY 70  70  70  GLY GLY A . n 
A 1 71  ALA 71  71  71  ALA ALA A . n 
A 1 72  THR 72  72  72  THR THR A . n 
A 1 73  LEU 73  73  73  LEU LEU A . n 
A 1 74  LEU 74  74  74  LEU LEU A . n 
A 1 75  ALA 75  75  75  ALA ALA A . n 
A 1 76  THR 76  76  76  THR THR A . n 
A 1 77  THR 77  77  77  THR THR A . n 
A 1 78  LEU 78  78  78  LEU LEU A . n 
A 1 79  GLY 79  79  79  GLY GLY A . n 
A 1 80  PRO 80  80  80  PRO PRO A . n 
A 1 81  TRP 81  81  81  TRP TRP A . n 
A 1 82  ALA 82  82  82  ALA ALA A . n 
A 1 83  ALA 83  83  83  ALA ALA A . n 
A 1 84  SER 84  84  84  SER SER A . n 
A 1 85  ILE 85  85  85  ILE ILE A . n 
A 1 86  SER 86  86  86  SER SER A . n 
A 1 87  LEU 87  87  87  LEU LEU A . n 
A 1 88  THR 88  88  88  THR THR A . n 
A 1 89  LEU 89  89  89  LEU LEU A . n 
A 1 90  ALA 90  90  90  ALA ALA A . n 
A 1 91  LEU 91  91  91  LEU LEU A . n 
A 1 92  PHE 92  92  92  PHE PHE A . n 
A 1 93  ILE 93  93  93  ILE ILE A . n 
A 1 94  GLN 94  94  94  GLN GLN A . n 
A 1 95  ALA 95  95  95  ALA ALA A . n 
A 1 96  LEU 96  96  96  LEU LEU A . n 
A 1 97  LEU 97  97  97  LEU LEU A . n 
A 1 98  PHE 98  98  98  PHE PHE A . n 
A 1 99  GLY 99  99  99  GLY GLY A . n 
A 1 100 ASP 100 100 100 ASP ASP A . n 
A 1 101 GLY 101 101 101 GLY GLY A . n 
A 1 102 GLY 102 102 102 GLY GLY A . n 
A 1 103 ILE 103 103 103 ILE ILE A . n 
A 1 104 LEU 104 104 104 LEU LEU A . n 
A 1 105 ALA 105 105 105 ALA ALA A . n 
A 1 106 LEU 106 106 106 LEU LEU A . n 
A 1 107 GLY 107 107 107 GLY GLY A . n 
A 1 108 ALA 108 108 108 ALA ALA A . n 
A 1 109 ASN 109 109 109 ASN ASN A . n 
A 1 110 SER 110 110 110 SER SER A . n 
A 1 111 PHE 111 111 111 PHE PHE A . n 
A 1 112 ASN 112 112 112 ASN ASN A . n 
A 1 113 MET 113 113 113 MET MET A . n 
A 1 114 ALA 114 114 114 ALA ALA A . n 
A 1 115 PHE 115 115 115 PHE PHE A . n 
A 1 116 ILE 116 116 116 ILE ILE A . n 
A 1 117 ALA 117 117 117 ALA ALA A . n 
A 1 118 PRO 118 118 118 PRO PRO A . n 
A 1 119 PHE 119 119 119 PHE PHE A . n 
A 1 120 VAL 120 120 120 VAL VAL A . n 
A 1 121 GLY 121 121 121 GLY GLY A . n 
A 1 122 TYR 122 122 122 TYR TYR A . n 
A 1 123 GLY 123 123 123 GLY GLY A . n 
A 1 124 ILE 124 124 124 ILE ILE A . n 
A 1 125 TYR 125 125 125 TYR TYR A . n 
A 1 126 ARG 126 126 126 ARG ARG A . n 
A 1 127 LEU 127 127 127 LEU LEU A . n 
A 1 128 MET 128 128 128 MET MET A . n 
A 1 129 LEU 129 129 129 LEU LEU A . n 
A 1 130 SER 130 130 130 SER SER A . n 
A 1 131 LEU 131 131 131 LEU LEU A . n 
A 1 132 LYS 132 132 132 LYS LYS A . n 
A 1 133 LEU 133 133 133 LEU LEU A . n 
A 1 134 ASN 134 134 134 ASN ASN A . n 
A 1 135 LYS 135 135 135 LYS LYS A . n 
A 1 136 VAL 136 136 136 VAL VAL A . n 
A 1 137 LEU 137 137 137 LEU LEU A . n 
A 1 138 SER 138 138 138 SER SER A . n 
A 1 139 SER 139 139 139 SER SER A . n 
A 1 140 ALA 140 140 140 ALA ALA A . n 
A 1 141 ILE 141 141 141 ILE ILE A . n 
A 1 142 GLY 142 142 142 GLY GLY A . n 
A 1 143 GLY 143 143 143 GLY GLY A . n 
A 1 144 TYR 144 144 144 TYR TYR A . n 
A 1 145 VAL 145 145 145 VAL VAL A . n 
A 1 146 GLY 146 146 146 GLY GLY A . n 
A 1 147 ILE 147 147 147 ILE ILE A . n 
A 1 148 ASN 148 148 148 ASN ASN A . n 
A 1 149 ALA 149 149 149 ALA ALA A . n 
A 1 150 ALA 150 150 150 ALA ALA A . n 
A 1 151 ALA 151 151 151 ALA ALA A . n 
A 1 152 LEU 152 152 152 LEU LEU A . n 
A 1 153 ALA 153 153 153 ALA ALA A . n 
A 1 154 THR 154 154 154 THR THR A . n 
A 1 155 ALA 155 155 155 ALA ALA A . n 
A 1 156 ILE 156 156 156 ILE ILE A . n 
A 1 157 GLU 157 157 157 GLU GLU A . n 
A 1 158 LEU 158 158 158 LEU LEU A . n 
A 1 159 GLY 159 159 159 GLY GLY A . n 
A 1 160 LEU 160 160 160 LEU LEU A . n 
A 1 161 GLN 161 161 161 GLN GLN A . n 
A 1 162 PRO 162 162 162 PRO PRO A . n 
A 1 163 LEU 163 163 163 LEU LEU A . n 
A 1 164 LEU 164 164 164 LEU LEU A . n 
A 1 165 PHE 165 165 165 PHE PHE A . n 
A 1 166 HIS 166 166 166 HIS HIS A . n 
A 1 167 THR 167 167 167 THR THR A . n 
A 1 168 ALA 168 168 168 ALA ALA A . n 
A 1 169 ASN 169 169 169 ASN ASN A . n 
A 1 170 GLY 170 170 170 GLY GLY A . n 
A 1 171 THR 171 171 171 THR THR A . n 
A 1 172 PRO 172 172 172 PRO PRO A . n 
A 1 173 LEU 173 173 173 LEU LEU A . n 
A 1 174 TYR 174 174 174 TYR TYR A . n 
A 1 175 PHE 175 175 175 PHE PHE A . n 
A 1 176 PRO 176 176 176 PRO PRO A . n 
A 1 177 TYR 177 177 177 TYR TYR A . n 
A 1 178 GLY 178 178 178 GLY GLY A . n 
A 1 179 LEU 179 179 179 LEU LEU A . n 
A 1 180 ASN 180 180 180 ASN ASN A . n 
A 1 181 VAL 181 181 181 VAL VAL A . n 
A 1 182 ALA 182 182 182 ALA ALA A . n 
A 1 183 ILE 183 183 183 ILE ILE A . n 
A 1 184 PRO 184 184 184 PRO PRO A . n 
A 1 185 ALA 185 185 185 ALA ALA A . n 
A 1 186 MET 186 186 186 MET MET A . n 
A 1 187 MET 187 187 187 MET MET A . n 
A 1 188 PHE 188 188 188 PHE PHE A . n 
A 1 189 ALA 189 189 189 ALA ALA A . n 
A 1 190 HIS 190 190 190 HIS HIS A . n 
A 1 191 LEU 191 191 191 LEU LEU A . n 
A 1 192 THR 192 192 192 THR THR A . n 
A 1 193 VAL 193 193 193 VAL VAL A . n 
A 1 194 ALA 194 194 194 ALA ALA A . n 
A 1 195 GLY 195 195 195 GLY GLY A . n 
A 1 196 ILE 196 196 196 ILE ILE A . n 
A 1 197 VAL 197 197 197 VAL VAL A . n 
A 1 198 GLU 198 198 198 GLU GLU A . n 
A 1 199 ALA 199 199 199 ALA ALA A . n 
A 1 200 VAL 200 200 200 VAL VAL A . n 
A 1 201 ILE 201 201 201 ILE ILE A . n 
A 1 202 THR 202 202 202 THR THR A . n 
A 1 203 GLY 203 203 203 GLY GLY A . n 
A 1 204 LEU 204 204 204 LEU LEU A . n 
A 1 205 VAL 205 205 205 VAL VAL A . n 
A 1 206 VAL 206 206 206 VAL VAL A . n 
A 1 207 TYR 207 207 207 TYR TYR A . n 
A 1 208 TYR 208 208 208 TYR TYR A . n 
A 1 209 LEU 209 209 209 LEU LEU A . n 
A 1 210 LEU 210 210 210 LEU ALA A . n 
A 1 211 GLU 211 211 211 GLU ALA A . n 
A 1 212 HIS 212 212 212 HIS HIS A . n 
A 1 213 HIS 213 213 213 HIS ALA A . n 
A 1 214 HIS 214 214 214 HIS ALA A . n 
A 1 215 HIS 215 215 ?   ?   ?   A . n 
A 1 216 HIS 216 216 ?   ?   ?   A . n 
A 1 217 HIS 217 217 ?   ?   ?   A . n 
# 
loop_
_pdbx_nonpoly_scheme.asym_id 
_pdbx_nonpoly_scheme.entity_id 
_pdbx_nonpoly_scheme.mon_id 
_pdbx_nonpoly_scheme.ndb_seq_num 
_pdbx_nonpoly_scheme.pdb_seq_num 
_pdbx_nonpoly_scheme.auth_seq_num 
_pdbx_nonpoly_scheme.pdb_mon_id 
_pdbx_nonpoly_scheme.auth_mon_id 
_pdbx_nonpoly_scheme.pdb_strand_id 
_pdbx_nonpoly_scheme.pdb_ins_code 
B 2 CO  1  301 1  CO  CO  A . 
C 3 HEZ 1  302 1  HEZ HEZ A . 
D 3 HEZ 1  303 1  HEZ HEZ A . 
E 3 HEZ 1  304 1  HEZ HEZ A . 
F 3 HEZ 1  305 1  HEZ HEZ A . 
G 3 HEZ 1  306 1  HEZ HEZ A . 
H 4 HOH 1  401 1  HOH HOH A . 
H 4 HOH 2  402 2  HOH HOH A . 
H 4 HOH 3  403 3  HOH HOH A . 
H 4 HOH 4  404 4  HOH HOH A . 
H 4 HOH 5  405 5  HOH HOH A . 
H 4 HOH 6  406 6  HOH HOH A . 
H 4 HOH 7  407 7  HOH HOH A . 
H 4 HOH 8  408 8  HOH HOH A . 
H 4 HOH 9  409 9  HOH HOH A . 
H 4 HOH 10 410 10 HOH HOH A . 
H 4 HOH 11 411 11 HOH HOH A . 
H 4 HOH 12 412 12 HOH HOH A . 
H 4 HOH 13 413 13 HOH HOH A . 
H 4 HOH 14 414 14 HOH HOH A . 
H 4 HOH 15 415 15 HOH HOH A . 
H 4 HOH 16 416 16 HOH HOH A . 
H 4 HOH 17 417 17 HOH HOH A . 
H 4 HOH 18 418 18 HOH HOH A . 
H 4 HOH 19 419 19 HOH HOH A . 
H 4 HOH 20 420 20 HOH HOH A . 
H 4 HOH 21 421 21 HOH HOH A . 
H 4 HOH 22 422 22 HOH HOH A . 
H 4 HOH 23 423 23 HOH HOH A . 
H 4 HOH 24 424 24 HOH HOH A . 
H 4 HOH 25 425 25 HOH HOH A . 
H 4 HOH 26 426 26 HOH HOH A . 
H 4 HOH 27 427 27 HOH HOH A . 
H 4 HOH 28 428 28 HOH HOH A . 
H 4 HOH 29 429 29 HOH HOH A . 
H 4 HOH 30 430 30 HOH HOH A . 
H 4 HOH 31 431 31 HOH HOH A . 
H 4 HOH 32 432 32 HOH HOH A . 
H 4 HOH 33 433 33 HOH HOH A . 
H 4 HOH 34 434 34 HOH HOH A . 
H 4 HOH 35 435 35 HOH HOH A . 
H 4 HOH 36 436 36 HOH HOH A . 
H 4 HOH 37 437 37 HOH HOH A . 
H 4 HOH 38 438 38 HOH HOH A . 
H 4 HOH 39 439 39 HOH HOH A . 
H 4 HOH 40 440 40 HOH HOH A . 
H 4 HOH 41 441 41 HOH HOH A . 
# 
loop_
_pdbx_unobs_or_zero_occ_atoms.id 
_pdbx_unobs_or_zero_occ_atoms.PDB_model_num 
_pdbx_unobs_or_zero_occ_atoms.polymer_flag 
_pdbx_unobs_or_zero_occ_atoms.occupancy_flag 
_pdbx_unobs_or_zero_occ_atoms.auth_asym_id 
_pdbx_unobs_or_zero_occ_atoms.auth_comp_id 
_pdbx_unobs_or_zero_occ_atoms.auth_seq_id 
_pdbx_unobs_or_zero_occ_atoms.PDB_ins_code 
_pdbx_unobs_or_zero_occ_atoms.auth_atom_id 
_pdbx_unobs_or_zero_occ_atoms.label_alt_id 
_pdbx_unobs_or_zero_occ_atoms.label_asym_id 
_pdbx_unobs_or_zero_occ_atoms.label_comp_id 
_pdbx_unobs_or_zero_occ_atoms.label_seq_id 
_pdbx_unobs_or_zero_occ_atoms.label_atom_id 
1  1 Y 1 A HIS 213 ? CG  ? A HIS 213 CG  
2  1 Y 1 A HIS 213 ? ND1 ? A HIS 213 ND1 
3  1 Y 1 A HIS 213 ? CD2 ? A HIS 213 CD2 
4  1 Y 1 A HIS 213 ? CE1 ? A HIS 213 CE1 
5  1 Y 1 A HIS 213 ? NE2 ? A HIS 213 NE2 
6  1 Y 1 A HIS 214 ? CG  ? A HIS 214 CG  
7  1 Y 1 A HIS 214 ? ND1 ? A HIS 214 ND1 
8  1 Y 1 A HIS 214 ? CD2 ? A HIS 214 CD2 
9  1 Y 1 A HIS 214 ? CE1 ? A HIS 214 CE1 
10 1 Y 1 A HIS 214 ? NE2 ? A HIS 214 NE2 
# 
loop_
_software.name 
_software.classification 
_software.version 
_software.citation_id 
_software.pdbx_ordinal 
CBASS    'data collection' .                           ? 1 
PHASES   phasing           .                           ? 2 
PHENIX   refinement        '(phenix.refine: 1.8_1069)' ? 3 
HKL-2000 'data reduction'  .                           ? 4 
HKL-2000 'data scaling'    .                           ? 5 
# 
_cell.entry_id           4M5C 
_cell.length_a           64.479 
_cell.length_b           103.820 
_cell.length_c           121.285 
_cell.angle_alpha        90.00 
_cell.angle_beta         90.00 
_cell.angle_gamma        90.00 
_cell.Z_PDB              8 
_cell.pdbx_unique_axis   ? 
_cell.length_a_esd       ? 
_cell.length_b_esd       ? 
_cell.length_c_esd       ? 
_cell.angle_alpha_esd    ? 
_cell.angle_beta_esd     ? 
_cell.angle_gamma_esd    ? 
# 
_symmetry.entry_id                         4M5C 
_symmetry.space_group_name_H-M             'C 2 2 21' 
_symmetry.pdbx_full_space_group_name_H-M   ? 
_symmetry.cell_setting                     ? 
_symmetry.Int_Tables_number                20 
_symmetry.space_group_name_Hall            ? 
# 
_exptl.entry_id          4M5C 
_exptl.method            'X-RAY DIFFRACTION' 
_exptl.crystals_number   1 
# 
_exptl_crystal.id                    1 
_exptl_crystal.density_meas          ? 
_exptl_crystal.density_Matthews      4.46 
_exptl_crystal.density_percent_sol   72.41 
_exptl_crystal.description           ? 
_exptl_crystal.F_000                 ? 
_exptl_crystal.preparation           ? 
# 
_exptl_crystal_grow.crystal_id      1 
_exptl_crystal_grow.method          'VAPOR DIFFUSION, HANGING DROP' 
_exptl_crystal_grow.temp            291.15 
_exptl_crystal_grow.temp_details    ? 
_exptl_crystal_grow.pH              9.8 
_exptl_crystal_grow.pdbx_pH_range   ? 
_exptl_crystal_grow.pdbx_details    
'30% PEG 400, 0.05M CAPSO, 0.05M magnesium acetate,, pH 9.8, VAPOR DIFFUSION, HANGING DROP, temperature 291.15K' 
# 
_diffrn.id                     1 
_diffrn.ambient_temp           100 
_diffrn.ambient_temp_details   ? 
_diffrn.crystal_id             1 
# 
_diffrn_detector.diffrn_id              1 
_diffrn_detector.detector               CCD 
_diffrn_detector.type                   'ADSC QUANTUM 315r' 
_diffrn_detector.pdbx_collection_date   2013-06-03 
_diffrn_detector.details                ? 
# 
_diffrn_radiation.diffrn_id                        1 
_diffrn_radiation.wavelength_id                    1 
_diffrn_radiation.pdbx_monochromatic_or_laue_m_l   M 
_diffrn_radiation.monochromator                    'Si 111 CHANNEL' 
_diffrn_radiation.pdbx_diffrn_protocol             'SINGLE WAVELENGTH' 
_diffrn_radiation.pdbx_scattering_type             x-ray 
# 
_diffrn_radiation_wavelength.id           1 
_diffrn_radiation_wavelength.wavelength   1.589 
_diffrn_radiation_wavelength.wt           1.0 
# 
_diffrn_source.diffrn_id                   1 
_diffrn_source.source                      SYNCHROTRON 
_diffrn_source.type                        'SSRF BEAMLINE BL17U' 
_diffrn_source.pdbx_synchrotron_site       SSRF 
_diffrn_source.pdbx_synchrotron_beamline   BL17U 
_diffrn_source.pdbx_wavelength             ? 
_diffrn_source.pdbx_wavelength_list        1.589 
# 
_reflns.pdbx_diffrn_id               1 
_reflns.pdbx_ordinal                 1 
_reflns.entry_id                     4M5C 
_reflns.observed_criterion_sigma_I   1 
_reflns.observed_criterion_sigma_F   1 
_reflns.d_resolution_low             50 
_reflns.d_resolution_high            2.5 
_reflns.number_obs                   27181 
_reflns.number_all                   27318 
_reflns.percent_possible_obs         99.5 
_reflns.pdbx_Rmerge_I_obs            ? 
_reflns.pdbx_Rsym_value              ? 
_reflns.pdbx_netI_over_sigmaI        ? 
_reflns.B_iso_Wilson_estimate        ? 
_reflns.pdbx_redundancy              ? 
_reflns.R_free_details               ? 
_reflns.limit_h_max                  ? 
_reflns.limit_h_min                  ? 
_reflns.limit_k_max                  ? 
_reflns.limit_k_min                  ? 
_reflns.limit_l_max                  ? 
_reflns.limit_l_min                  ? 
_reflns.observed_criterion_F_max     ? 
_reflns.observed_criterion_F_min     ? 
_reflns.pdbx_chi_squared             ? 
_reflns.pdbx_scaling_rejects         ? 
# 
_reflns_shell.pdbx_diffrn_id         1 
_reflns_shell.pdbx_ordinal           1 
_reflns_shell.d_res_high             2.5 
_reflns_shell.d_res_low              ? 
_reflns_shell.percent_possible_all   ? 
_reflns_shell.Rmerge_I_obs           ? 
_reflns_shell.pdbx_Rsym_value        ? 
_reflns_shell.meanI_over_sigI_obs    ? 
_reflns_shell.pdbx_redundancy        ? 
_reflns_shell.percent_possible_obs   ? 
_reflns_shell.number_unique_all      ? 
_reflns_shell.number_measured_all    ? 
_reflns_shell.number_measured_obs    ? 
_reflns_shell.number_unique_obs      ? 
_reflns_shell.pdbx_chi_squared       ? 
# 
_refine.pdbx_refine_id                           'X-RAY DIFFRACTION' 
_refine.entry_id                                 4M5C 
_refine.pdbx_diffrn_id                           1 
_refine.pdbx_TLS_residual_ADP_flag               ? 
_refine.ls_number_reflns_obs                     14394 
_refine.ls_number_reflns_all                     14466 
_refine.pdbx_ls_sigma_I                          ? 
_refine.pdbx_ls_sigma_F                          1.36 
_refine.pdbx_data_cutoff_high_absF               ? 
_refine.pdbx_data_cutoff_low_absF                ? 
_refine.pdbx_data_cutoff_high_rms_absF           ? 
_refine.ls_d_res_low                             47.723 
_refine.ls_d_res_high                            2.50 
_refine.ls_percent_reflns_obs                    99.34 
_refine.ls_R_factor_obs                          0.2034 
_refine.ls_R_factor_all                          ? 
_refine.ls_R_factor_R_work                       0.2014 
_refine.ls_R_factor_R_free                       0.2410 
_refine.ls_R_factor_R_free_error                 ? 
_refine.ls_R_factor_R_free_error_details         ? 
_refine.ls_percent_reflns_R_free                 5.01 
_refine.ls_number_reflns_R_free                  721 
_refine.ls_number_parameters                     ? 
_refine.ls_number_restraints                     ? 
_refine.correlation_coeff_Fo_to_Fc               ? 
_refine.correlation_coeff_Fo_to_Fc_free          ? 
_refine.B_iso_mean                               27.0563 
_refine.aniso_B[1][1]                            ? 
_refine.aniso_B[2][2]                            ? 
_refine.aniso_B[3][3]                            ? 
_refine.aniso_B[1][2]                            ? 
_refine.aniso_B[1][3]                            ? 
_refine.aniso_B[2][3]                            ? 
_refine.solvent_model_details                    'FLAT BULK SOLVENT MODEL' 
_refine.solvent_model_param_ksol                 ? 
_refine.solvent_model_param_bsol                 ? 
_refine.pdbx_solvent_vdw_probe_radii             1.11 
_refine.pdbx_solvent_ion_probe_radii             ? 
_refine.pdbx_solvent_shrinkage_radii             0.90 
_refine.pdbx_ls_cross_valid_method               ? 
_refine.details                                  
'SF FILE CONTAINS FRIEDEL PAIRS UNDER UNDER I_PLUS/MINUS AND F_PLUS/MINUS COLUMNS.' 
_refine.pdbx_starting_model                      ? 
_refine.pdbx_method_to_determine_struct          'MOLECULAR REPLACEMENT' 
_refine.pdbx_isotropic_thermal_model             ? 
_refine.pdbx_stereochemistry_target_values       ML 
_refine.pdbx_stereochem_target_val_spec_case     ? 
_refine.pdbx_R_Free_selection_details            ? 
_refine.pdbx_overall_ESU_R                       ? 
_refine.pdbx_overall_ESU_R_Free                  ? 
_refine.overall_SU_ML                            0.30 
_refine.overall_FOM_work_R_set                   0.8401 
_refine.B_iso_max                                93.440 
_refine.B_iso_min                                7.440 
_refine.pdbx_overall_phase_error                 22.6500 
_refine.occupancy_max                            1.000 
_refine.occupancy_min                            0.090 
_refine.ls_redundancy_reflns_obs                 ? 
_refine.overall_SU_B                             ? 
_refine.overall_SU_R_Cruickshank_DPI             ? 
_refine.overall_SU_R_free                        ? 
_refine.ls_wR_factor_R_free                      ? 
_refine.ls_wR_factor_R_work                      ? 
_refine.overall_FOM_free_R_set                   ? 
_refine.pdbx_overall_SU_R_free_Cruickshank_DPI   ? 
_refine.pdbx_overall_SU_R_Blow_DPI               ? 
_refine.pdbx_overall_SU_R_free_Blow_DPI          ? 
# 
_refine_hist.pdbx_refine_id                   'X-RAY DIFFRACTION' 
_refine_hist.cycle_id                         LAST 
_refine_hist.pdbx_number_atoms_protein        1562 
_refine_hist.pdbx_number_atoms_nucleic_acid   0 
_refine_hist.pdbx_number_atoms_ligand         41 
_refine_hist.number_atoms_solvent             41 
_refine_hist.number_atoms_total               1644 
_refine_hist.d_res_high                       2.50 
_refine_hist.d_res_low                        47.723 
# 
loop_
_refine_ls_restr.type 
_refine_ls_restr.dev_ideal 
_refine_ls_restr.dev_ideal_target 
_refine_ls_restr.weight 
_refine_ls_restr.number 
_refine_ls_restr.pdbx_refine_id 
_refine_ls_restr.pdbx_restraint_function 
f_bond_d           0.007  ? ? 1677 'X-RAY DIFFRACTION' ? 
f_angle_d          1.063  ? ? 2285 'X-RAY DIFFRACTION' ? 
f_dihedral_angle_d 13.403 ? ? 594  'X-RAY DIFFRACTION' ? 
f_chiral_restr     0.067  ? ? 278  'X-RAY DIFFRACTION' ? 
f_plane_restr      0.006  ? ? 278  'X-RAY DIFFRACTION' ? 
# 
loop_
_refine_ls_shell.d_res_high 
_refine_ls_shell.d_res_low 
_refine_ls_shell.pdbx_total_number_of_bins_used 
_refine_ls_shell.percent_reflns_obs 
_refine_ls_shell.number_reflns_R_work 
_refine_ls_shell.R_factor_all 
_refine_ls_shell.R_factor_R_work 
_refine_ls_shell.R_factor_R_free 
_refine_ls_shell.percent_reflns_R_free 
_refine_ls_shell.number_reflns_R_free 
_refine_ls_shell.R_factor_R_free_error 
_refine_ls_shell.number_reflns_all 
_refine_ls_shell.number_reflns_obs 
_refine_ls_shell.pdbx_refine_id 
_refine_ls_shell.redundancy_reflns_obs 
2.4974 2.6902  5 98.0000  2642 . 0.2108 0.2696 . 150 . 2792 . 'X-RAY DIFFRACTION' . 
2.6902 2.9609  5 100.0000 2708 . 0.1962 0.2610 . 137 . 2845 . 'X-RAY DIFFRACTION' . 
2.9609 3.3893  5 100.0000 2720 . 0.1884 0.2179 . 161 . 2881 . 'X-RAY DIFFRACTION' . 
3.3893 4.2697  5 100.0000 2733 . 0.1874 0.2558 . 136 . 2869 . 'X-RAY DIFFRACTION' . 
4.2697 47.7314 5 99.0000  2870 . 0.2165 0.2286 . 137 . 3007 . 'X-RAY DIFFRACTION' . 
# 
_struct.entry_id                  4M5C 
_struct.title                     'Crystal Structure of an Truncated Transition metal Transporter' 
_struct.pdbx_model_details        ? 
_struct.pdbx_CASP_flag            ? 
_struct.pdbx_model_type_details   ? 
# 
_struct_keywords.entry_id        4M5C 
_struct_keywords.pdbx_keywords   'MEMBRANE PROTEIN' 
_struct_keywords.text            'membrane protein, transporter, Cobalt' 
# 
loop_
_struct_asym.id 
_struct_asym.pdbx_blank_PDB_chainid_flag 
_struct_asym.pdbx_modified 
_struct_asym.entity_id 
_struct_asym.details 
A N N 1 ? 
B N N 2 ? 
C N N 3 ? 
D N N 3 ? 
E N N 3 ? 
F N N 3 ? 
G N N 3 ? 
H N N 4 ? 
# 
_struct_ref.id                         1 
_struct_ref.db_name                    UNP 
_struct_ref.db_code                    Q8R9C0_THETN 
_struct_ref.pdbx_db_accession          Q8R9C0 
_struct_ref.entity_id                  1 
_struct_ref.pdbx_seq_one_letter_code   
;MHIPEGYLSPQTCAVMGAAMVPVLTVAAKKVNKSFDKKDVPAMAIGSAFAFTIMMFNVPIPGGTTAHAIGATLLATTLGP
WAASISLTLALFIQALLFGDGGILALGANSFNMAFIAPFVGYGIYRLMLSLKLNKVLSSAIGGYVGINAAALATAIELGL
QPLLFHTANGTPLYFPYGLNVAIPAMMFAHLTVAGIVEAVITGLVVYYL
;
_struct_ref.pdbx_align_begin           1 
_struct_ref.pdbx_db_isoform            ? 
# 
_struct_ref_seq.align_id                      1 
_struct_ref_seq.ref_id                        1 
_struct_ref_seq.pdbx_PDB_id_code              4M5C 
_struct_ref_seq.pdbx_strand_id                A 
_struct_ref_seq.seq_align_beg                 1 
_struct_ref_seq.pdbx_seq_align_beg_ins_code   ? 
_struct_ref_seq.seq_align_end                 209 
_struct_ref_seq.pdbx_seq_align_end_ins_code   ? 
_struct_ref_seq.pdbx_db_accession             Q8R9C0 
_struct_ref_seq.db_align_beg                  1 
_struct_ref_seq.pdbx_db_align_beg_ins_code    ? 
_struct_ref_seq.db_align_end                  209 
_struct_ref_seq.pdbx_db_align_end_ins_code    ? 
_struct_ref_seq.pdbx_auth_seq_align_beg       1 
_struct_ref_seq.pdbx_auth_seq_align_end       209 
# 
loop_
_struct_ref_seq_dif.align_id 
_struct_ref_seq_dif.pdbx_pdb_id_code 
_struct_ref_seq_dif.mon_id 
_struct_ref_seq_dif.pdbx_pdb_strand_id 
_struct_ref_seq_dif.seq_num 
_struct_ref_seq_dif.pdbx_pdb_ins_code 
_struct_ref_seq_dif.pdbx_seq_db_name 
_struct_ref_seq_dif.pdbx_seq_db_accession_code 
_struct_ref_seq_dif.db_mon_id 
_struct_ref_seq_dif.pdbx_seq_db_seq_num 
_struct_ref_seq_dif.details 
_struct_ref_seq_dif.pdbx_auth_seq_num 
_struct_ref_seq_dif.pdbx_ordinal 
1 4M5C LEU A 210 ? UNP Q8R9C0 ? ? 'expression tag' 210 1 
1 4M5C GLU A 211 ? UNP Q8R9C0 ? ? 'expression tag' 211 2 
1 4M5C HIS A 212 ? UNP Q8R9C0 ? ? 'expression tag' 212 3 
1 4M5C HIS A 213 ? UNP Q8R9C0 ? ? 'expression tag' 213 4 
1 4M5C HIS A 214 ? UNP Q8R9C0 ? ? 'expression tag' 214 5 
1 4M5C HIS A 215 ? UNP Q8R9C0 ? ? 'expression tag' 215 6 
1 4M5C HIS A 216 ? UNP Q8R9C0 ? ? 'expression tag' 216 7 
1 4M5C HIS A 217 ? UNP Q8R9C0 ? ? 'expression tag' 217 8 
# 
_pdbx_struct_assembly.id                   1 
_pdbx_struct_assembly.details              author_and_software_defined_assembly 
_pdbx_struct_assembly.method_details       PISA 
_pdbx_struct_assembly.oligomeric_details   monomeric 
_pdbx_struct_assembly.oligomeric_count     1 
# 
_pdbx_struct_assembly_gen.assembly_id       1 
_pdbx_struct_assembly_gen.oper_expression   1 
_pdbx_struct_assembly_gen.asym_id_list      A,B,C,D,E,F,G,H 
# 
_pdbx_struct_oper_list.id                   1 
_pdbx_struct_oper_list.type                 'identity operation' 
_pdbx_struct_oper_list.name                 1_555 
_pdbx_struct_oper_list.symmetry_operation   x,y,z 
_pdbx_struct_oper_list.matrix[1][1]         1.0000000000 
_pdbx_struct_oper_list.matrix[1][2]         0.0000000000 
_pdbx_struct_oper_list.matrix[1][3]         0.0000000000 
_pdbx_struct_oper_list.vector[1]            0.0000000000 
_pdbx_struct_oper_list.matrix[2][1]         0.0000000000 
_pdbx_struct_oper_list.matrix[2][2]         1.0000000000 
_pdbx_struct_oper_list.matrix[2][3]         0.0000000000 
_pdbx_struct_oper_list.vector[2]            0.0000000000 
_pdbx_struct_oper_list.matrix[3][1]         0.0000000000 
_pdbx_struct_oper_list.matrix[3][2]         0.0000000000 
_pdbx_struct_oper_list.matrix[3][3]         1.0000000000 
_pdbx_struct_oper_list.vector[3]            0.0000000000 
# 
_struct_biol.id        1 
_struct_biol.details   ? 
# 
loop_
_struct_conf.conf_type_id 
_struct_conf.id 
_struct_conf.pdbx_PDB_helix_id 
_struct_conf.beg_label_comp_id 
_struct_conf.beg_label_asym_id 
_struct_conf.beg_label_seq_id 
_struct_conf.pdbx_beg_PDB_ins_code 
_struct_conf.end_label_comp_id 
_struct_conf.end_label_asym_id 
_struct_conf.end_label_seq_id 
_struct_conf.pdbx_end_PDB_ins_code 
_struct_conf.beg_auth_comp_id 
_struct_conf.beg_auth_asym_id 
_struct_conf.beg_auth_seq_id 
_struct_conf.end_auth_comp_id 
_struct_conf.end_auth_asym_id 
_struct_conf.end_auth_seq_id 
_struct_conf.pdbx_PDB_helix_class 
_struct_conf.details 
_struct_conf.pdbx_PDB_helix_length 
HELX_P HELX_P1  1  SER A 9   ? PHE A 35  ? SER A 9   PHE A 35  1 ? 27 
HELX_P HELX_P2  2  ASP A 36  ? LYS A 38  ? ASP A 36  LYS A 38  5 ? 3  
HELX_P HELX_P3  3  ASP A 39  ? MET A 55  ? ASP A 39  MET A 55  1 ? 17 
HELX_P HELX_P4  4  GLY A 70  ? GLY A 79  ? GLY A 70  GLY A 79  1 ? 10 
HELX_P HELX_P5  5  GLY A 79  ? GLY A 99  ? GLY A 79  GLY A 99  1 ? 21 
HELX_P HELX_P6  6  ALA A 105 ? ALA A 114 ? ALA A 105 ALA A 114 1 ? 10 
HELX_P HELX_P7  7  PHE A 115 ? LEU A 131 ? PHE A 115 LEU A 131 1 ? 17 
HELX_P HELX_P8  8  ASN A 134 ? PHE A 165 ? ASN A 134 PHE A 165 1 ? 32 
HELX_P HELX_P9  9  GLY A 178 ? VAL A 193 ? GLY A 178 VAL A 193 1 ? 16 
HELX_P HELX_P10 10 VAL A 193 ? GLU A 211 ? VAL A 193 GLU A 211 1 ? 19 
# 
_struct_conf_type.id          HELX_P 
_struct_conf_type.criteria    ? 
_struct_conf_type.reference   ? 
# 
loop_
_struct_conn.id 
_struct_conn.conn_type_id 
_struct_conn.pdbx_leaving_atom_flag 
_struct_conn.pdbx_PDB_id 
_struct_conn.ptnr1_label_asym_id 
_struct_conn.ptnr1_label_comp_id 
_struct_conn.ptnr1_label_seq_id 
_struct_conn.ptnr1_label_atom_id 
_struct_conn.pdbx_ptnr1_label_alt_id 
_struct_conn.pdbx_ptnr1_PDB_ins_code 
_struct_conn.pdbx_ptnr1_standard_comp_id 
_struct_conn.ptnr1_symmetry 
_struct_conn.ptnr2_label_asym_id 
_struct_conn.ptnr2_label_comp_id 
_struct_conn.ptnr2_label_seq_id 
_struct_conn.ptnr2_label_atom_id 
_struct_conn.pdbx_ptnr2_label_alt_id 
_struct_conn.pdbx_ptnr2_PDB_ins_code 
_struct_conn.ptnr1_auth_asym_id 
_struct_conn.ptnr1_auth_comp_id 
_struct_conn.ptnr1_auth_seq_id 
_struct_conn.ptnr2_auth_asym_id 
_struct_conn.ptnr2_auth_comp_id 
_struct_conn.ptnr2_auth_seq_id 
_struct_conn.ptnr2_symmetry 
_struct_conn.pdbx_ptnr3_label_atom_id 
_struct_conn.pdbx_ptnr3_label_seq_id 
_struct_conn.pdbx_ptnr3_label_comp_id 
_struct_conn.pdbx_ptnr3_label_asym_id 
_struct_conn.pdbx_ptnr3_label_alt_id 
_struct_conn.pdbx_ptnr3_PDB_ins_code 
_struct_conn.details 
_struct_conn.pdbx_dist_value 
_struct_conn.pdbx_value_order 
_struct_conn.pdbx_role 
metalc1 metalc ? ? A MET 1  N   ? ? ? 1_555 B CO . CO ? ? A MET 1  A CO 301 1_555 ? ? ? ? ? ? ? 2.303 ? ? 
metalc2 metalc ? ? A HIS 2  N   ? ? ? 1_555 B CO . CO ? ? A HIS 2  A CO 301 1_555 ? ? ? ? ? ? ? 2.134 ? ? 
metalc3 metalc ? ? A HIS 2  ND1 ? ? ? 1_555 B CO . CO ? ? A HIS 2  A CO 301 1_555 ? ? ? ? ? ? ? 2.258 ? ? 
metalc4 metalc ? ? A HIS 67 NE2 ? ? ? 1_555 B CO . CO ? ? A HIS 67 A CO 301 1_555 ? ? ? ? ? ? ? 2.278 ? ? 
# 
_struct_conn_type.id          metalc 
_struct_conn_type.criteria    ? 
_struct_conn_type.reference   ? 
# 
loop_
_pdbx_struct_conn_angle.id 
_pdbx_struct_conn_angle.ptnr1_label_atom_id 
_pdbx_struct_conn_angle.ptnr1_label_alt_id 
_pdbx_struct_conn_angle.ptnr1_label_asym_id 
_pdbx_struct_conn_angle.ptnr1_label_comp_id 
_pdbx_struct_conn_angle.ptnr1_label_seq_id 
_pdbx_struct_conn_angle.ptnr1_auth_atom_id 
_pdbx_struct_conn_angle.ptnr1_auth_asym_id 
_pdbx_struct_conn_angle.ptnr1_auth_comp_id 
_pdbx_struct_conn_angle.ptnr1_auth_seq_id 
_pdbx_struct_conn_angle.ptnr1_PDB_ins_code 
_pdbx_struct_conn_angle.ptnr1_symmetry 
_pdbx_struct_conn_angle.ptnr2_label_atom_id 
_pdbx_struct_conn_angle.ptnr2_label_alt_id 
_pdbx_struct_conn_angle.ptnr2_label_asym_id 
_pdbx_struct_conn_angle.ptnr2_label_comp_id 
_pdbx_struct_conn_angle.ptnr2_label_seq_id 
_pdbx_struct_conn_angle.ptnr2_auth_atom_id 
_pdbx_struct_conn_angle.ptnr2_auth_asym_id 
_pdbx_struct_conn_angle.ptnr2_auth_comp_id 
_pdbx_struct_conn_angle.ptnr2_auth_seq_id 
_pdbx_struct_conn_angle.ptnr2_PDB_ins_code 
_pdbx_struct_conn_angle.ptnr2_symmetry 
_pdbx_struct_conn_angle.ptnr3_label_atom_id 
_pdbx_struct_conn_angle.ptnr3_label_alt_id 
_pdbx_struct_conn_angle.ptnr3_label_asym_id 
_pdbx_struct_conn_angle.ptnr3_label_comp_id 
_pdbx_struct_conn_angle.ptnr3_label_seq_id 
_pdbx_struct_conn_angle.ptnr3_auth_atom_id 
_pdbx_struct_conn_angle.ptnr3_auth_asym_id 
_pdbx_struct_conn_angle.ptnr3_auth_comp_id 
_pdbx_struct_conn_angle.ptnr3_auth_seq_id 
_pdbx_struct_conn_angle.ptnr3_PDB_ins_code 
_pdbx_struct_conn_angle.ptnr3_symmetry 
_pdbx_struct_conn_angle.value 
_pdbx_struct_conn_angle.value_esd 
1 N   ? A MET 1 ? A MET 1 ? 1_555 CO ? B CO . ? A CO 301 ? 1_555 N   ? A HIS 2  ? A HIS 2  ? 1_555 76.2  ? 
2 N   ? A MET 1 ? A MET 1 ? 1_555 CO ? B CO . ? A CO 301 ? 1_555 ND1 ? A HIS 2  ? A HIS 2  ? 1_555 177.4 ? 
3 N   ? A HIS 2 ? A HIS 2 ? 1_555 CO ? B CO . ? A CO 301 ? 1_555 ND1 ? A HIS 2  ? A HIS 2  ? 1_555 101.3 ? 
4 N   ? A MET 1 ? A MET 1 ? 1_555 CO ? B CO . ? A CO 301 ? 1_555 NE2 ? A HIS 67 ? A HIS 67 ? 1_555 98.4  ? 
5 N   ? A HIS 2 ? A HIS 2 ? 1_555 CO ? B CO . ? A CO 301 ? 1_555 NE2 ? A HIS 67 ? A HIS 67 ? 1_555 173.2 ? 
6 ND1 ? A HIS 2 ? A HIS 2 ? 1_555 CO ? B CO . ? A CO 301 ? 1_555 NE2 ? A HIS 67 ? A HIS 67 ? 1_555 84.2  ? 
# 
_struct_sheet.id               A 
_struct_sheet.type             ? 
_struct_sheet.number_strands   2 
_struct_sheet.details          ? 
# 
_struct_sheet_order.sheet_id     A 
_struct_sheet_order.range_id_1   1 
_struct_sheet_order.range_id_2   2 
_struct_sheet_order.offset       ? 
_struct_sheet_order.sense        anti-parallel 
# 
loop_
_struct_sheet_range.sheet_id 
_struct_sheet_range.id 
_struct_sheet_range.beg_label_comp_id 
_struct_sheet_range.beg_label_asym_id 
_struct_sheet_range.beg_label_seq_id 
_struct_sheet_range.pdbx_beg_PDB_ins_code 
_struct_sheet_range.end_label_comp_id 
_struct_sheet_range.end_label_asym_id 
_struct_sheet_range.end_label_seq_id 
_struct_sheet_range.pdbx_end_PDB_ins_code 
_struct_sheet_range.beg_auth_comp_id 
_struct_sheet_range.beg_auth_asym_id 
_struct_sheet_range.beg_auth_seq_id 
_struct_sheet_range.end_auth_comp_id 
_struct_sheet_range.end_auth_asym_id 
_struct_sheet_range.end_auth_seq_id 
A 1 VAL A 58 ? PRO A 59 ? VAL A 58 PRO A 59 
A 2 THR A 65 ? ALA A 66 ? THR A 65 ALA A 66 
# 
_pdbx_struct_sheet_hbond.sheet_id                A 
_pdbx_struct_sheet_hbond.range_id_1              1 
_pdbx_struct_sheet_hbond.range_id_2              2 
_pdbx_struct_sheet_hbond.range_1_label_atom_id   N 
_pdbx_struct_sheet_hbond.range_1_label_comp_id   VAL 
_pdbx_struct_sheet_hbond.range_1_label_asym_id   A 
_pdbx_struct_sheet_hbond.range_1_label_seq_id    58 
_pdbx_struct_sheet_hbond.range_1_PDB_ins_code    ? 
_pdbx_struct_sheet_hbond.range_1_auth_atom_id    N 
_pdbx_struct_sheet_hbond.range_1_auth_comp_id    VAL 
_pdbx_struct_sheet_hbond.range_1_auth_asym_id    A 
_pdbx_struct_sheet_hbond.range_1_auth_seq_id     58 
_pdbx_struct_sheet_hbond.range_2_label_atom_id   O 
_pdbx_struct_sheet_hbond.range_2_label_comp_id   ALA 
_pdbx_struct_sheet_hbond.range_2_label_asym_id   A 
_pdbx_struct_sheet_hbond.range_2_label_seq_id    66 
_pdbx_struct_sheet_hbond.range_2_PDB_ins_code    ? 
_pdbx_struct_sheet_hbond.range_2_auth_atom_id    O 
_pdbx_struct_sheet_hbond.range_2_auth_comp_id    ALA 
_pdbx_struct_sheet_hbond.range_2_auth_asym_id    A 
_pdbx_struct_sheet_hbond.range_2_auth_seq_id     66 
# 
loop_
_struct_site.id 
_struct_site.pdbx_evidence_code 
_struct_site.pdbx_auth_asym_id 
_struct_site.pdbx_auth_comp_id 
_struct_site.pdbx_auth_seq_id 
_struct_site.pdbx_auth_ins_code 
_struct_site.pdbx_num_residues 
_struct_site.details 
AC1 Software A CO  301 ? 4 'BINDING SITE FOR RESIDUE CO A 301'  
AC2 Software A HEZ 302 ? 1 'BINDING SITE FOR RESIDUE HEZ A 302' 
AC3 Software A HEZ 304 ? 1 'BINDING SITE FOR RESIDUE HEZ A 304' 
AC4 Software A HEZ 305 ? 6 'BINDING SITE FOR RESIDUE HEZ A 305' 
AC5 Software A HEZ 306 ? 2 'BINDING SITE FOR RESIDUE HEZ A 306' 
# 
loop_
_struct_site_gen.id 
_struct_site_gen.site_id 
_struct_site_gen.pdbx_num_res 
_struct_site_gen.label_comp_id 
_struct_site_gen.label_asym_id 
_struct_site_gen.label_seq_id 
_struct_site_gen.pdbx_auth_ins_code 
_struct_site_gen.auth_comp_id 
_struct_site_gen.auth_asym_id 
_struct_site_gen.auth_seq_id 
_struct_site_gen.label_atom_id 
_struct_site_gen.label_alt_id 
_struct_site_gen.symmetry 
_struct_site_gen.details 
1  AC1 4 MET A 1   ? MET A 1   . ? 1_555 ? 
2  AC1 4 HIS A 2   ? HIS A 2   . ? 1_555 ? 
3  AC1 4 THR A 65  ? THR A 65  . ? 1_555 ? 
4  AC1 4 HIS A 67  ? HIS A 67  . ? 1_555 ? 
5  AC2 1 LEU A 204 ? LEU A 204 . ? 1_555 ? 
6  AC3 1 HOH H .   ? HOH A 408 . ? 1_555 ? 
7  AC4 6 LYS A 37  ? LYS A 37  . ? 4_575 ? 
8  AC4 6 LYS A 38  ? LYS A 38  . ? 4_575 ? 
9  AC4 6 ALA A 95  ? ALA A 95  . ? 1_555 ? 
10 AC4 6 LEU A 96  ? LEU A 96  . ? 1_555 ? 
11 AC4 6 PHE A 98  ? PHE A 98  . ? 1_555 ? 
12 AC4 6 HOH H .   ? HOH A 424 . ? 1_555 ? 
13 AC5 2 TYR A 7   ? TYR A 7   . ? 1_555 ? 
14 AC5 2 TYR A 177 ? TYR A 177 . ? 1_555 ? 
# 
loop_
_pdbx_validate_close_contact.id 
_pdbx_validate_close_contact.PDB_model_num 
_pdbx_validate_close_contact.auth_atom_id_1 
_pdbx_validate_close_contact.auth_asym_id_1 
_pdbx_validate_close_contact.auth_comp_id_1 
_pdbx_validate_close_contact.auth_seq_id_1 
_pdbx_validate_close_contact.PDB_ins_code_1 
_pdbx_validate_close_contact.label_alt_id_1 
_pdbx_validate_close_contact.auth_atom_id_2 
_pdbx_validate_close_contact.auth_asym_id_2 
_pdbx_validate_close_contact.auth_comp_id_2 
_pdbx_validate_close_contact.auth_seq_id_2 
_pdbx_validate_close_contact.PDB_ins_code_2 
_pdbx_validate_close_contact.label_alt_id_2 
_pdbx_validate_close_contact.dist 
1 1 O A HOH 404 ? ? O A HOH 417 ? ? 2.03 
2 1 O A HIS 2   ? ? O A HOH 432 ? ? 2.16 
# 
loop_
_pdbx_validate_torsion.id 
_pdbx_validate_torsion.PDB_model_num 
_pdbx_validate_torsion.auth_comp_id 
_pdbx_validate_torsion.auth_asym_id 
_pdbx_validate_torsion.auth_seq_id 
_pdbx_validate_torsion.PDB_ins_code 
_pdbx_validate_torsion.label_alt_id 
_pdbx_validate_torsion.phi 
_pdbx_validate_torsion.psi 
1 1 LYS A 37  ? ? -32.64  -38.17  
2 1 THR A 64  ? ? -111.73 -94.54  
3 1 PHE A 115 ? ? -127.61 -68.31  
4 1 TYR A 174 ? ? -141.07 -132.18 
5 1 VAL A 193 ? ? -131.98 -61.09  
6 1 HIS A 212 ? ? 53.38   4.52    
7 1 HIS A 213 ? ? -155.23 -86.40  
# 
loop_
_pdbx_unobs_or_zero_occ_residues.id 
_pdbx_unobs_or_zero_occ_residues.PDB_model_num 
_pdbx_unobs_or_zero_occ_residues.polymer_flag 
_pdbx_unobs_or_zero_occ_residues.occupancy_flag 
_pdbx_unobs_or_zero_occ_residues.auth_asym_id 
_pdbx_unobs_or_zero_occ_residues.auth_comp_id 
_pdbx_unobs_or_zero_occ_residues.auth_seq_id 
_pdbx_unobs_or_zero_occ_residues.PDB_ins_code 
_pdbx_unobs_or_zero_occ_residues.label_asym_id 
_pdbx_unobs_or_zero_occ_residues.label_comp_id 
_pdbx_unobs_or_zero_occ_residues.label_seq_id 
1 1 Y 1 A HIS 215 ? A HIS 215 
2 1 Y 1 A HIS 216 ? A HIS 216 
3 1 Y 1 A HIS 217 ? A HIS 217 
# 
loop_
_chem_comp_atom.comp_id 
_chem_comp_atom.atom_id 
_chem_comp_atom.type_symbol 
_chem_comp_atom.pdbx_aromatic_flag 
_chem_comp_atom.pdbx_stereo_config 
_chem_comp_atom.pdbx_ordinal 
ALA N    N  N N 1   
ALA CA   C  N S 2   
ALA C    C  N N 3   
ALA O    O  N N 4   
ALA CB   C  N N 5   
ALA OXT  O  N N 6   
ALA H    H  N N 7   
ALA H2   H  N N 8   
ALA HA   H  N N 9   
ALA HB1  H  N N 10  
ALA HB2  H  N N 11  
ALA HB3  H  N N 12  
ALA HXT  H  N N 13  
ARG N    N  N N 14  
ARG CA   C  N S 15  
ARG C    C  N N 16  
ARG O    O  N N 17  
ARG CB   C  N N 18  
ARG CG   C  N N 19  
ARG CD   C  N N 20  
ARG NE   N  N N 21  
ARG CZ   C  N N 22  
ARG NH1  N  N N 23  
ARG NH2  N  N N 24  
ARG OXT  O  N N 25  
ARG H    H  N N 26  
ARG H2   H  N N 27  
ARG HA   H  N N 28  
ARG HB2  H  N N 29  
ARG HB3  H  N N 30  
ARG HG2  H  N N 31  
ARG HG3  H  N N 32  
ARG HD2  H  N N 33  
ARG HD3  H  N N 34  
ARG HE   H  N N 35  
ARG HH11 H  N N 36  
ARG HH12 H  N N 37  
ARG HH21 H  N N 38  
ARG HH22 H  N N 39  
ARG HXT  H  N N 40  
ASN N    N  N N 41  
ASN CA   C  N S 42  
ASN C    C  N N 43  
ASN O    O  N N 44  
ASN CB   C  N N 45  
ASN CG   C  N N 46  
ASN OD1  O  N N 47  
ASN ND2  N  N N 48  
ASN OXT  O  N N 49  
ASN H    H  N N 50  
ASN H2   H  N N 51  
ASN HA   H  N N 52  
ASN HB2  H  N N 53  
ASN HB3  H  N N 54  
ASN HD21 H  N N 55  
ASN HD22 H  N N 56  
ASN HXT  H  N N 57  
ASP N    N  N N 58  
ASP CA   C  N S 59  
ASP C    C  N N 60  
ASP O    O  N N 61  
ASP CB   C  N N 62  
ASP CG   C  N N 63  
ASP OD1  O  N N 64  
ASP OD2  O  N N 65  
ASP OXT  O  N N 66  
ASP H    H  N N 67  
ASP H2   H  N N 68  
ASP HA   H  N N 69  
ASP HB2  H  N N 70  
ASP HB3  H  N N 71  
ASP HD2  H  N N 72  
ASP HXT  H  N N 73  
CO  CO   CO N N 74  
CYS N    N  N N 75  
CYS CA   C  N R 76  
CYS C    C  N N 77  
CYS O    O  N N 78  
CYS CB   C  N N 79  
CYS SG   S  N N 80  
CYS OXT  O  N N 81  
CYS H    H  N N 82  
CYS H2   H  N N 83  
CYS HA   H  N N 84  
CYS HB2  H  N N 85  
CYS HB3  H  N N 86  
CYS HG   H  N N 87  
CYS HXT  H  N N 88  
GLN N    N  N N 89  
GLN CA   C  N S 90  
GLN C    C  N N 91  
GLN O    O  N N 92  
GLN CB   C  N N 93  
GLN CG   C  N N 94  
GLN CD   C  N N 95  
GLN OE1  O  N N 96  
GLN NE2  N  N N 97  
GLN OXT  O  N N 98  
GLN H    H  N N 99  
GLN H2   H  N N 100 
GLN HA   H  N N 101 
GLN HB2  H  N N 102 
GLN HB3  H  N N 103 
GLN HG2  H  N N 104 
GLN HG3  H  N N 105 
GLN HE21 H  N N 106 
GLN HE22 H  N N 107 
GLN HXT  H  N N 108 
GLU N    N  N N 109 
GLU CA   C  N S 110 
GLU C    C  N N 111 
GLU O    O  N N 112 
GLU CB   C  N N 113 
GLU CG   C  N N 114 
GLU CD   C  N N 115 
GLU OE1  O  N N 116 
GLU OE2  O  N N 117 
GLU OXT  O  N N 118 
GLU H    H  N N 119 
GLU H2   H  N N 120 
GLU HA   H  N N 121 
GLU HB2  H  N N 122 
GLU HB3  H  N N 123 
GLU HG2  H  N N 124 
GLU HG3  H  N N 125 
GLU HE2  H  N N 126 
GLU HXT  H  N N 127 
GLY N    N  N N 128 
GLY CA   C  N N 129 
GLY C    C  N N 130 
GLY O    O  N N 131 
GLY OXT  O  N N 132 
GLY H    H  N N 133 
GLY H2   H  N N 134 
GLY HA2  H  N N 135 
GLY HA3  H  N N 136 
GLY HXT  H  N N 137 
HEZ O1   O  N N 138 
HEZ C1   C  N N 139 
HEZ C2   C  N N 140 
HEZ C3   C  N N 141 
HEZ C4   C  N N 142 
HEZ C5   C  N N 143 
HEZ C6   C  N N 144 
HEZ O6   O  N N 145 
HEZ HO1  H  N N 146 
HEZ H11  H  N N 147 
HEZ H12  H  N N 148 
HEZ H21  H  N N 149 
HEZ H22  H  N N 150 
HEZ H31  H  N N 151 
HEZ H32  H  N N 152 
HEZ H41  H  N N 153 
HEZ H42  H  N N 154 
HEZ H51  H  N N 155 
HEZ H52  H  N N 156 
HEZ H61  H  N N 157 
HEZ H62  H  N N 158 
HEZ HO6  H  N N 159 
HIS N    N  N N 160 
HIS CA   C  N S 161 
HIS C    C  N N 162 
HIS O    O  N N 163 
HIS CB   C  N N 164 
HIS CG   C  Y N 165 
HIS ND1  N  Y N 166 
HIS CD2  C  Y N 167 
HIS CE1  C  Y N 168 
HIS NE2  N  Y N 169 
HIS OXT  O  N N 170 
HIS H    H  N N 171 
HIS H2   H  N N 172 
HIS HA   H  N N 173 
HIS HB2  H  N N 174 
HIS HB3  H  N N 175 
HIS HD1  H  N N 176 
HIS HD2  H  N N 177 
HIS HE1  H  N N 178 
HIS HE2  H  N N 179 
HIS HXT  H  N N 180 
HOH O    O  N N 181 
HOH H1   H  N N 182 
HOH H2   H  N N 183 
ILE N    N  N N 184 
ILE CA   C  N S 185 
ILE C    C  N N 186 
ILE O    O  N N 187 
ILE CB   C  N S 188 
ILE CG1  C  N N 189 
ILE CG2  C  N N 190 
ILE CD1  C  N N 191 
ILE OXT  O  N N 192 
ILE H    H  N N 193 
ILE H2   H  N N 194 
ILE HA   H  N N 195 
ILE HB   H  N N 196 
ILE HG12 H  N N 197 
ILE HG13 H  N N 198 
ILE HG21 H  N N 199 
ILE HG22 H  N N 200 
ILE HG23 H  N N 201 
ILE HD11 H  N N 202 
ILE HD12 H  N N 203 
ILE HD13 H  N N 204 
ILE HXT  H  N N 205 
LEU N    N  N N 206 
LEU CA   C  N S 207 
LEU C    C  N N 208 
LEU O    O  N N 209 
LEU CB   C  N N 210 
LEU CG   C  N N 211 
LEU CD1  C  N N 212 
LEU CD2  C  N N 213 
LEU OXT  O  N N 214 
LEU H    H  N N 215 
LEU H2   H  N N 216 
LEU HA   H  N N 217 
LEU HB2  H  N N 218 
LEU HB3  H  N N 219 
LEU HG   H  N N 220 
LEU HD11 H  N N 221 
LEU HD12 H  N N 222 
LEU HD13 H  N N 223 
LEU HD21 H  N N 224 
LEU HD22 H  N N 225 
LEU HD23 H  N N 226 
LEU HXT  H  N N 227 
LYS N    N  N N 228 
LYS CA   C  N S 229 
LYS C    C  N N 230 
LYS O    O  N N 231 
LYS CB   C  N N 232 
LYS CG   C  N N 233 
LYS CD   C  N N 234 
LYS CE   C  N N 235 
LYS NZ   N  N N 236 
LYS OXT  O  N N 237 
LYS H    H  N N 238 
LYS H2   H  N N 239 
LYS HA   H  N N 240 
LYS HB2  H  N N 241 
LYS HB3  H  N N 242 
LYS HG2  H  N N 243 
LYS HG3  H  N N 244 
LYS HD2  H  N N 245 
LYS HD3  H  N N 246 
LYS HE2  H  N N 247 
LYS HE3  H  N N 248 
LYS HZ1  H  N N 249 
LYS HZ2  H  N N 250 
LYS HZ3  H  N N 251 
LYS HXT  H  N N 252 
MET N    N  N N 253 
MET CA   C  N S 254 
MET C    C  N N 255 
MET O    O  N N 256 
MET CB   C  N N 257 
MET CG   C  N N 258 
MET SD   S  N N 259 
MET CE   C  N N 260 
MET OXT  O  N N 261 
MET H    H  N N 262 
MET H2   H  N N 263 
MET HA   H  N N 264 
MET HB2  H  N N 265 
MET HB3  H  N N 266 
MET HG2  H  N N 267 
MET HG3  H  N N 268 
MET HE1  H  N N 269 
MET HE2  H  N N 270 
MET HE3  H  N N 271 
MET HXT  H  N N 272 
PHE N    N  N N 273 
PHE CA   C  N S 274 
PHE C    C  N N 275 
PHE O    O  N N 276 
PHE CB   C  N N 277 
PHE CG   C  Y N 278 
PHE CD1  C  Y N 279 
PHE CD2  C  Y N 280 
PHE CE1  C  Y N 281 
PHE CE2  C  Y N 282 
PHE CZ   C  Y N 283 
PHE OXT  O  N N 284 
PHE H    H  N N 285 
PHE H2   H  N N 286 
PHE HA   H  N N 287 
PHE HB2  H  N N 288 
PHE HB3  H  N N 289 
PHE HD1  H  N N 290 
PHE HD2  H  N N 291 
PHE HE1  H  N N 292 
PHE HE2  H  N N 293 
PHE HZ   H  N N 294 
PHE HXT  H  N N 295 
PRO N    N  N N 296 
PRO CA   C  N S 297 
PRO C    C  N N 298 
PRO O    O  N N 299 
PRO CB   C  N N 300 
PRO CG   C  N N 301 
PRO CD   C  N N 302 
PRO OXT  O  N N 303 
PRO H    H  N N 304 
PRO HA   H  N N 305 
PRO HB2  H  N N 306 
PRO HB3  H  N N 307 
PRO HG2  H  N N 308 
PRO HG3  H  N N 309 
PRO HD2  H  N N 310 
PRO HD3  H  N N 311 
PRO HXT  H  N N 312 
SER N    N  N N 313 
SER CA   C  N S 314 
SER C    C  N N 315 
SER O    O  N N 316 
SER CB   C  N N 317 
SER OG   O  N N 318 
SER OXT  O  N N 319 
SER H    H  N N 320 
SER H2   H  N N 321 
SER HA   H  N N 322 
SER HB2  H  N N 323 
SER HB3  H  N N 324 
SER HG   H  N N 325 
SER HXT  H  N N 326 
THR N    N  N N 327 
THR CA   C  N S 328 
THR C    C  N N 329 
THR O    O  N N 330 
THR CB   C  N R 331 
THR OG1  O  N N 332 
THR CG2  C  N N 333 
THR OXT  O  N N 334 
THR H    H  N N 335 
THR H2   H  N N 336 
THR HA   H  N N 337 
THR HB   H  N N 338 
THR HG1  H  N N 339 
THR HG21 H  N N 340 
THR HG22 H  N N 341 
THR HG23 H  N N 342 
THR HXT  H  N N 343 
TRP N    N  N N 344 
TRP CA   C  N S 345 
TRP C    C  N N 346 
TRP O    O  N N 347 
TRP CB   C  N N 348 
TRP CG   C  Y N 349 
TRP CD1  C  Y N 350 
TRP CD2  C  Y N 351 
TRP NE1  N  Y N 352 
TRP CE2  C  Y N 353 
TRP CE3  C  Y N 354 
TRP CZ2  C  Y N 355 
TRP CZ3  C  Y N 356 
TRP CH2  C  Y N 357 
TRP OXT  O  N N 358 
TRP H    H  N N 359 
TRP H2   H  N N 360 
TRP HA   H  N N 361 
TRP HB2  H  N N 362 
TRP HB3  H  N N 363 
TRP HD1  H  N N 364 
TRP HE1  H  N N 365 
TRP HE3  H  N N 366 
TRP HZ2  H  N N 367 
TRP HZ3  H  N N 368 
TRP HH2  H  N N 369 
TRP HXT  H  N N 370 
TYR N    N  N N 371 
TYR CA   C  N S 372 
TYR C    C  N N 373 
TYR O    O  N N 374 
TYR CB   C  N N 375 
TYR CG   C  Y N 376 
TYR CD1  C  Y N 377 
TYR CD2  C  Y N 378 
TYR CE1  C  Y N 379 
TYR CE2  C  Y N 380 
TYR CZ   C  Y N 381 
TYR OH   O  N N 382 
TYR OXT  O  N N 383 
TYR H    H  N N 384 
TYR H2   H  N N 385 
TYR HA   H  N N 386 
TYR HB2  H  N N 387 
TYR HB3  H  N N 388 
TYR HD1  H  N N 389 
TYR HD2  H  N N 390 
TYR HE1  H  N N 391 
TYR HE2  H  N N 392 
TYR HH   H  N N 393 
TYR HXT  H  N N 394 
VAL N    N  N N 395 
VAL CA   C  N S 396 
VAL C    C  N N 397 
VAL O    O  N N 398 
VAL CB   C  N N 399 
VAL CG1  C  N N 400 
VAL CG2  C  N N 401 
VAL OXT  O  N N 402 
VAL H    H  N N 403 
VAL H2   H  N N 404 
VAL HA   H  N N 405 
VAL HB   H  N N 406 
VAL HG11 H  N N 407 
VAL HG12 H  N N 408 
VAL HG13 H  N N 409 
VAL HG21 H  N N 410 
VAL HG22 H  N N 411 
VAL HG23 H  N N 412 
VAL HXT  H  N N 413 
# 
loop_
_chem_comp_bond.comp_id 
_chem_comp_bond.atom_id_1 
_chem_comp_bond.atom_id_2 
_chem_comp_bond.value_order 
_chem_comp_bond.pdbx_aromatic_flag 
_chem_comp_bond.pdbx_stereo_config 
_chem_comp_bond.pdbx_ordinal 
ALA N   CA   sing N N 1   
ALA N   H    sing N N 2   
ALA N   H2   sing N N 3   
ALA CA  C    sing N N 4   
ALA CA  CB   sing N N 5   
ALA CA  HA   sing N N 6   
ALA C   O    doub N N 7   
ALA C   OXT  sing N N 8   
ALA CB  HB1  sing N N 9   
ALA CB  HB2  sing N N 10  
ALA CB  HB3  sing N N 11  
ALA OXT HXT  sing N N 12  
ARG N   CA   sing N N 13  
ARG N   H    sing N N 14  
ARG N   H2   sing N N 15  
ARG CA  C    sing N N 16  
ARG CA  CB   sing N N 17  
ARG CA  HA   sing N N 18  
ARG C   O    doub N N 19  
ARG C   OXT  sing N N 20  
ARG CB  CG   sing N N 21  
ARG CB  HB2  sing N N 22  
ARG CB  HB3  sing N N 23  
ARG CG  CD   sing N N 24  
ARG CG  HG2  sing N N 25  
ARG CG  HG3  sing N N 26  
ARG CD  NE   sing N N 27  
ARG CD  HD2  sing N N 28  
ARG CD  HD3  sing N N 29  
ARG NE  CZ   sing N N 30  
ARG NE  HE   sing N N 31  
ARG CZ  NH1  sing N N 32  
ARG CZ  NH2  doub N N 33  
ARG NH1 HH11 sing N N 34  
ARG NH1 HH12 sing N N 35  
ARG NH2 HH21 sing N N 36  
ARG NH2 HH22 sing N N 37  
ARG OXT HXT  sing N N 38  
ASN N   CA   sing N N 39  
ASN N   H    sing N N 40  
ASN N   H2   sing N N 41  
ASN CA  C    sing N N 42  
ASN CA  CB   sing N N 43  
ASN CA  HA   sing N N 44  
ASN C   O    doub N N 45  
ASN C   OXT  sing N N 46  
ASN CB  CG   sing N N 47  
ASN CB  HB2  sing N N 48  
ASN CB  HB3  sing N N 49  
ASN CG  OD1  doub N N 50  
ASN CG  ND2  sing N N 51  
ASN ND2 HD21 sing N N 52  
ASN ND2 HD22 sing N N 53  
ASN OXT HXT  sing N N 54  
ASP N   CA   sing N N 55  
ASP N   H    sing N N 56  
ASP N   H2   sing N N 57  
ASP CA  C    sing N N 58  
ASP CA  CB   sing N N 59  
ASP CA  HA   sing N N 60  
ASP C   O    doub N N 61  
ASP C   OXT  sing N N 62  
ASP CB  CG   sing N N 63  
ASP CB  HB2  sing N N 64  
ASP CB  HB3  sing N N 65  
ASP CG  OD1  doub N N 66  
ASP CG  OD2  sing N N 67  
ASP OD2 HD2  sing N N 68  
ASP OXT HXT  sing N N 69  
CYS N   CA   sing N N 70  
CYS N   H    sing N N 71  
CYS N   H2   sing N N 72  
CYS CA  C    sing N N 73  
CYS CA  CB   sing N N 74  
CYS CA  HA   sing N N 75  
CYS C   O    doub N N 76  
CYS C   OXT  sing N N 77  
CYS CB  SG   sing N N 78  
CYS CB  HB2  sing N N 79  
CYS CB  HB3  sing N N 80  
CYS SG  HG   sing N N 81  
CYS OXT HXT  sing N N 82  
GLN N   CA   sing N N 83  
GLN N   H    sing N N 84  
GLN N   H2   sing N N 85  
GLN CA  C    sing N N 86  
GLN CA  CB   sing N N 87  
GLN CA  HA   sing N N 88  
GLN C   O    doub N N 89  
GLN C   OXT  sing N N 90  
GLN CB  CG   sing N N 91  
GLN CB  HB2  sing N N 92  
GLN CB  HB3  sing N N 93  
GLN CG  CD   sing N N 94  
GLN CG  HG2  sing N N 95  
GLN CG  HG3  sing N N 96  
GLN CD  OE1  doub N N 97  
GLN CD  NE2  sing N N 98  
GLN NE2 HE21 sing N N 99  
GLN NE2 HE22 sing N N 100 
GLN OXT HXT  sing N N 101 
GLU N   CA   sing N N 102 
GLU N   H    sing N N 103 
GLU N   H2   sing N N 104 
GLU CA  C    sing N N 105 
GLU CA  CB   sing N N 106 
GLU CA  HA   sing N N 107 
GLU C   O    doub N N 108 
GLU C   OXT  sing N N 109 
GLU CB  CG   sing N N 110 
GLU CB  HB2  sing N N 111 
GLU CB  HB3  sing N N 112 
GLU CG  CD   sing N N 113 
GLU CG  HG2  sing N N 114 
GLU CG  HG3  sing N N 115 
GLU CD  OE1  doub N N 116 
GLU CD  OE2  sing N N 117 
GLU OE2 HE2  sing N N 118 
GLU OXT HXT  sing N N 119 
GLY N   CA   sing N N 120 
GLY N   H    sing N N 121 
GLY N   H2   sing N N 122 
GLY CA  C    sing N N 123 
GLY CA  HA2  sing N N 124 
GLY CA  HA3  sing N N 125 
GLY C   O    doub N N 126 
GLY C   OXT  sing N N 127 
GLY OXT HXT  sing N N 128 
HEZ O1  C1   sing N N 129 
HEZ O1  HO1  sing N N 130 
HEZ C1  C2   sing N N 131 
HEZ C1  H11  sing N N 132 
HEZ C1  H12  sing N N 133 
HEZ C2  C3   sing N N 134 
HEZ C2  H21  sing N N 135 
HEZ C2  H22  sing N N 136 
HEZ C3  C4   sing N N 137 
HEZ C3  H31  sing N N 138 
HEZ C3  H32  sing N N 139 
HEZ C4  C5   sing N N 140 
HEZ C4  H41  sing N N 141 
HEZ C4  H42  sing N N 142 
HEZ C5  C6   sing N N 143 
HEZ C5  H51  sing N N 144 
HEZ C5  H52  sing N N 145 
HEZ C6  O6   sing N N 146 
HEZ C6  H61  sing N N 147 
HEZ C6  H62  sing N N 148 
HEZ O6  HO6  sing N N 149 
HIS N   CA   sing N N 150 
HIS N   H    sing N N 151 
HIS N   H2   sing N N 152 
HIS CA  C    sing N N 153 
HIS CA  CB   sing N N 154 
HIS CA  HA   sing N N 155 
HIS C   O    doub N N 156 
HIS C   OXT  sing N N 157 
HIS CB  CG   sing N N 158 
HIS CB  HB2  sing N N 159 
HIS CB  HB3  sing N N 160 
HIS CG  ND1  sing Y N 161 
HIS CG  CD2  doub Y N 162 
HIS ND1 CE1  doub Y N 163 
HIS ND1 HD1  sing N N 164 
HIS CD2 NE2  sing Y N 165 
HIS CD2 HD2  sing N N 166 
HIS CE1 NE2  sing Y N 167 
HIS CE1 HE1  sing N N 168 
HIS NE2 HE2  sing N N 169 
HIS OXT HXT  sing N N 170 
HOH O   H1   sing N N 171 
HOH O   H2   sing N N 172 
ILE N   CA   sing N N 173 
ILE N   H    sing N N 174 
ILE N   H2   sing N N 175 
ILE CA  C    sing N N 176 
ILE CA  CB   sing N N 177 
ILE CA  HA   sing N N 178 
ILE C   O    doub N N 179 
ILE C   OXT  sing N N 180 
ILE CB  CG1  sing N N 181 
ILE CB  CG2  sing N N 182 
ILE CB  HB   sing N N 183 
ILE CG1 CD1  sing N N 184 
ILE CG1 HG12 sing N N 185 
ILE CG1 HG13 sing N N 186 
ILE CG2 HG21 sing N N 187 
ILE CG2 HG22 sing N N 188 
ILE CG2 HG23 sing N N 189 
ILE CD1 HD11 sing N N 190 
ILE CD1 HD12 sing N N 191 
ILE CD1 HD13 sing N N 192 
ILE OXT HXT  sing N N 193 
LEU N   CA   sing N N 194 
LEU N   H    sing N N 195 
LEU N   H2   sing N N 196 
LEU CA  C    sing N N 197 
LEU CA  CB   sing N N 198 
LEU CA  HA   sing N N 199 
LEU C   O    doub N N 200 
LEU C   OXT  sing N N 201 
LEU CB  CG   sing N N 202 
LEU CB  HB2  sing N N 203 
LEU CB  HB3  sing N N 204 
LEU CG  CD1  sing N N 205 
LEU CG  CD2  sing N N 206 
LEU CG  HG   sing N N 207 
LEU CD1 HD11 sing N N 208 
LEU CD1 HD12 sing N N 209 
LEU CD1 HD13 sing N N 210 
LEU CD2 HD21 sing N N 211 
LEU CD2 HD22 sing N N 212 
LEU CD2 HD23 sing N N 213 
LEU OXT HXT  sing N N 214 
LYS N   CA   sing N N 215 
LYS N   H    sing N N 216 
LYS N   H2   sing N N 217 
LYS CA  C    sing N N 218 
LYS CA  CB   sing N N 219 
LYS CA  HA   sing N N 220 
LYS C   O    doub N N 221 
LYS C   OXT  sing N N 222 
LYS CB  CG   sing N N 223 
LYS CB  HB2  sing N N 224 
LYS CB  HB3  sing N N 225 
LYS CG  CD   sing N N 226 
LYS CG  HG2  sing N N 227 
LYS CG  HG3  sing N N 228 
LYS CD  CE   sing N N 229 
LYS CD  HD2  sing N N 230 
LYS CD  HD3  sing N N 231 
LYS CE  NZ   sing N N 232 
LYS CE  HE2  sing N N 233 
LYS CE  HE3  sing N N 234 
LYS NZ  HZ1  sing N N 235 
LYS NZ  HZ2  sing N N 236 
LYS NZ  HZ3  sing N N 237 
LYS OXT HXT  sing N N 238 
MET N   CA   sing N N 239 
MET N   H    sing N N 240 
MET N   H2   sing N N 241 
MET CA  C    sing N N 242 
MET CA  CB   sing N N 243 
MET CA  HA   sing N N 244 
MET C   O    doub N N 245 
MET C   OXT  sing N N 246 
MET CB  CG   sing N N 247 
MET CB  HB2  sing N N 248 
MET CB  HB3  sing N N 249 
MET CG  SD   sing N N 250 
MET CG  HG2  sing N N 251 
MET CG  HG3  sing N N 252 
MET SD  CE   sing N N 253 
MET CE  HE1  sing N N 254 
MET CE  HE2  sing N N 255 
MET CE  HE3  sing N N 256 
MET OXT HXT  sing N N 257 
PHE N   CA   sing N N 258 
PHE N   H    sing N N 259 
PHE N   H2   sing N N 260 
PHE CA  C    sing N N 261 
PHE CA  CB   sing N N 262 
PHE CA  HA   sing N N 263 
PHE C   O    doub N N 264 
PHE C   OXT  sing N N 265 
PHE CB  CG   sing N N 266 
PHE CB  HB2  sing N N 267 
PHE CB  HB3  sing N N 268 
PHE CG  CD1  doub Y N 269 
PHE CG  CD2  sing Y N 270 
PHE CD1 CE1  sing Y N 271 
PHE CD1 HD1  sing N N 272 
PHE CD2 CE2  doub Y N 273 
PHE CD2 HD2  sing N N 274 
PHE CE1 CZ   doub Y N 275 
PHE CE1 HE1  sing N N 276 
PHE CE2 CZ   sing Y N 277 
PHE CE2 HE2  sing N N 278 
PHE CZ  HZ   sing N N 279 
PHE OXT HXT  sing N N 280 
PRO N   CA   sing N N 281 
PRO N   CD   sing N N 282 
PRO N   H    sing N N 283 
PRO CA  C    sing N N 284 
PRO CA  CB   sing N N 285 
PRO CA  HA   sing N N 286 
PRO C   O    doub N N 287 
PRO C   OXT  sing N N 288 
PRO CB  CG   sing N N 289 
PRO CB  HB2  sing N N 290 
PRO CB  HB3  sing N N 291 
PRO CG  CD   sing N N 292 
PRO CG  HG2  sing N N 293 
PRO CG  HG3  sing N N 294 
PRO CD  HD2  sing N N 295 
PRO CD  HD3  sing N N 296 
PRO OXT HXT  sing N N 297 
SER N   CA   sing N N 298 
SER N   H    sing N N 299 
SER N   H2   sing N N 300 
SER CA  C    sing N N 301 
SER CA  CB   sing N N 302 
SER CA  HA   sing N N 303 
SER C   O    doub N N 304 
SER C   OXT  sing N N 305 
SER CB  OG   sing N N 306 
SER CB  HB2  sing N N 307 
SER CB  HB3  sing N N 308 
SER OG  HG   sing N N 309 
SER OXT HXT  sing N N 310 
THR N   CA   sing N N 311 
THR N   H    sing N N 312 
THR N   H2   sing N N 313 
THR CA  C    sing N N 314 
THR CA  CB   sing N N 315 
THR CA  HA   sing N N 316 
THR C   O    doub N N 317 
THR C   OXT  sing N N 318 
THR CB  OG1  sing N N 319 
THR CB  CG2  sing N N 320 
THR CB  HB   sing N N 321 
THR OG1 HG1  sing N N 322 
THR CG2 HG21 sing N N 323 
THR CG2 HG22 sing N N 324 
THR CG2 HG23 sing N N 325 
THR OXT HXT  sing N N 326 
TRP N   CA   sing N N 327 
TRP N   H    sing N N 328 
TRP N   H2   sing N N 329 
TRP CA  C    sing N N 330 
TRP CA  CB   sing N N 331 
TRP CA  HA   sing N N 332 
TRP C   O    doub N N 333 
TRP C   OXT  sing N N 334 
TRP CB  CG   sing N N 335 
TRP CB  HB2  sing N N 336 
TRP CB  HB3  sing N N 337 
TRP CG  CD1  doub Y N 338 
TRP CG  CD2  sing Y N 339 
TRP CD1 NE1  sing Y N 340 
TRP CD1 HD1  sing N N 341 
TRP CD2 CE2  doub Y N 342 
TRP CD2 CE3  sing Y N 343 
TRP NE1 CE2  sing Y N 344 
TRP NE1 HE1  sing N N 345 
TRP CE2 CZ2  sing Y N 346 
TRP CE3 CZ3  doub Y N 347 
TRP CE3 HE3  sing N N 348 
TRP CZ2 CH2  doub Y N 349 
TRP CZ2 HZ2  sing N N 350 
TRP CZ3 CH2  sing Y N 351 
TRP CZ3 HZ3  sing N N 352 
TRP CH2 HH2  sing N N 353 
TRP OXT HXT  sing N N 354 
TYR N   CA   sing N N 355 
TYR N   H    sing N N 356 
TYR N   H2   sing N N 357 
TYR CA  C    sing N N 358 
TYR CA  CB   sing N N 359 
TYR CA  HA   sing N N 360 
TYR C   O    doub N N 361 
TYR C   OXT  sing N N 362 
TYR CB  CG   sing N N 363 
TYR CB  HB2  sing N N 364 
TYR CB  HB3  sing N N 365 
TYR CG  CD1  doub Y N 366 
TYR CG  CD2  sing Y N 367 
TYR CD1 CE1  sing Y N 368 
TYR CD1 HD1  sing N N 369 
TYR CD2 CE2  doub Y N 370 
TYR CD2 HD2  sing N N 371 
TYR CE1 CZ   doub Y N 372 
TYR CE1 HE1  sing N N 373 
TYR CE2 CZ   sing Y N 374 
TYR CE2 HE2  sing N N 375 
TYR CZ  OH   sing N N 376 
TYR OH  HH   sing N N 377 
TYR OXT HXT  sing N N 378 
VAL N   CA   sing N N 379 
VAL N   H    sing N N 380 
VAL N   H2   sing N N 381 
VAL CA  C    sing N N 382 
VAL CA  CB   sing N N 383 
VAL CA  HA   sing N N 384 
VAL C   O    doub N N 385 
VAL C   OXT  sing N N 386 
VAL CB  CG1  sing N N 387 
VAL CB  CG2  sing N N 388 
VAL CB  HB   sing N N 389 
VAL CG1 HG11 sing N N 390 
VAL CG1 HG12 sing N N 391 
VAL CG1 HG13 sing N N 392 
VAL CG2 HG21 sing N N 393 
VAL CG2 HG22 sing N N 394 
VAL CG2 HG23 sing N N 395 
VAL OXT HXT  sing N N 396 
# 
_atom_sites.entry_id                    4M5C 
_atom_sites.fract_transf_matrix[1][1]   0.00677840 
_atom_sites.fract_transf_matrix[1][2]   0.00862416 
_atom_sites.fract_transf_matrix[1][3]   -0.01096386 
_atom_sites.fract_transf_matrix[2][1]   0.00648454 
_atom_sites.fract_transf_matrix[2][2]   -0.00696840 
_atom_sites.fract_transf_matrix[2][3]   -0.00147228 
_atom_sites.fract_transf_matrix[3][1]   -0.00491764 
_atom_sites.fract_transf_matrix[3][2]   -0.00337322 
_atom_sites.fract_transf_matrix[3][3]   -0.00569370 
_atom_sites.fract_transf_vector[1]      1.467330 
_atom_sites.fract_transf_vector[2]      1.054587 
_atom_sites.fract_transf_vector[3]      0.141964 
# 
loop_
_atom_type.symbol 
C  
CO 
N  
O  
S  
# 
loop_
_atom_site.group_PDB 
_atom_site.id 
_atom_site.type_symbol 
_atom_site.label_atom_id 
_atom_site.label_alt_id 
_atom_site.label_comp_id 
_atom_site.label_asym_id 
_atom_site.label_entity_id 
_atom_site.label_seq_id 
_atom_site.pdbx_PDB_ins_code 
_atom_site.Cartn_x 
_atom_site.Cartn_y 
_atom_site.Cartn_z 
_atom_site.occupancy 
_atom_site.B_iso_or_equiv 
_atom_site.pdbx_formal_charge 
_atom_site.auth_seq_id 
_atom_site.auth_comp_id 
_atom_site.auth_asym_id 
_atom_site.auth_atom_id 
_atom_site.pdbx_PDB_model_num 
ATOM   1    N  N   . MET A 1 1   ? 4.630   -6.177  2.606   1.00 14.29 ? 1   MET A N   1 
ATOM   2    C  CA  . MET A 1 1   ? 4.983   -6.282  1.191   1.00 23.37 ? 1   MET A CA  1 
ATOM   3    C  C   . MET A 1 1   ? 6.104   -5.322  0.751   1.00 22.21 ? 1   MET A C   1 
ATOM   4    O  O   . MET A 1 1   ? 6.538   -5.367  -0.395  1.00 24.70 ? 1   MET A O   1 
ATOM   5    C  CB  . MET A 1 1   ? 3.733   -6.126  0.301   1.00 16.70 ? 1   MET A CB  1 
ATOM   6    C  CG  . MET A 1 1   ? 3.159   -4.709  0.236   1.00 23.88 ? 1   MET A CG  1 
ATOM   7    S  SD  . MET A 1 1   ? 1.653   -4.571  -0.768  1.00 23.88 ? 1   MET A SD  1 
ATOM   8    C  CE  . MET A 1 1   ? 0.479   -5.423  0.277   1.00 15.04 ? 1   MET A CE  1 
ATOM   9    N  N   . HIS A 1 2   ? 6.561   -4.474  1.671   1.00 21.74 ? 2   HIS A N   1 
ATOM   10   C  CA  . HIS A 1 2   ? 7.658   -3.527  1.479   1.00 21.32 ? 2   HIS A CA  1 
ATOM   11   C  C   . HIS A 1 2   ? 8.787   -4.224  0.743   1.00 22.28 ? 2   HIS A C   1 
ATOM   12   O  O   . HIS A 1 2   ? 9.236   -5.302  1.144   1.00 20.90 ? 2   HIS A O   1 
ATOM   13   C  CB  . HIS A 1 2   ? 8.219   -3.040  2.827   1.00 20.70 ? 2   HIS A CB  1 
ATOM   14   C  CG  . HIS A 1 2   ? 7.424   -1.970  3.496   1.00 25.55 ? 2   HIS A CG  1 
ATOM   15   N  ND1 . HIS A 1 2   ? 6.240   -2.215  4.186   1.00 26.21 ? 2   HIS A ND1 1 
ATOM   16   C  CD2 . HIS A 1 2   ? 7.652   -0.641  3.647   1.00 23.36 ? 2   HIS A CD2 1 
ATOM   17   C  CE1 . HIS A 1 2   ? 5.786   -1.096  4.697   1.00 20.22 ? 2   HIS A CE1 1 
ATOM   18   N  NE2 . HIS A 1 2   ? 6.615   -0.126  4.386   1.00 29.75 ? 2   HIS A NE2 1 
ATOM   19   N  N   . ILE A 1 3   ? 9.245   -3.614  -0.337  1.00 22.72 ? 3   ILE A N   1 
ATOM   20   C  CA  . ILE A 1 3   ? 10.347  -4.177  -1.081  1.00 21.23 ? 3   ILE A CA  1 
ATOM   21   C  C   . ILE A 1 3   ? 11.650  -3.587  -0.555  1.00 20.73 ? 3   ILE A C   1 
ATOM   22   O  O   . ILE A 1 3   ? 11.827  -2.364  -0.554  1.00 22.41 ? 3   ILE A O   1 
ATOM   23   C  CB  . ILE A 1 3   ? 10.170  -3.919  -2.574  1.00 23.05 ? 3   ILE A CB  1 
ATOM   24   C  CG1 . ILE A 1 3   ? 8.892   -4.612  -3.056  1.00 17.09 ? 3   ILE A CG1 1 
ATOM   25   C  CG2 . ILE A 1 3   ? 11.370  -4.432  -3.350  1.00 20.37 ? 3   ILE A CG2 1 
ATOM   26   C  CD1 . ILE A 1 3   ? 8.501   -4.254  -4.470  1.00 17.54 ? 3   ILE A CD1 1 
ATOM   27   N  N   . PRO A 1 4   ? 12.566  -4.454  -0.086  1.00 18.96 ? 4   PRO A N   1 
ATOM   28   C  CA  . PRO A 1 4   ? 13.852  -3.966  0.439   1.00 16.39 ? 4   PRO A CA  1 
ATOM   29   C  C   . PRO A 1 4   ? 14.775  -3.502  -0.692  1.00 18.81 ? 4   PRO A C   1 
ATOM   30   O  O   . PRO A 1 4   ? 14.482  -3.758  -1.865  1.00 21.05 ? 4   PRO A O   1 
ATOM   31   C  CB  . PRO A 1 4   ? 14.450  -5.190  1.159   1.00 7.83  ? 4   PRO A CB  1 
ATOM   32   C  CG  . PRO A 1 4   ? 13.339  -6.218  1.232   1.00 16.39 ? 4   PRO A CG  1 
ATOM   33   C  CD  . PRO A 1 4   ? 12.415  -5.912  0.063   1.00 20.23 ? 4   PRO A CD  1 
ATOM   34   N  N   . GLU A 1 5   ? 15.853  -2.804  -0.341  1.00 22.49 ? 5   GLU A N   1 
ATOM   35   C  CA  . GLU A 1 5   ? 16.853  -2.356  -1.314  1.00 32.28 ? 5   GLU A CA  1 
ATOM   36   C  C   . GLU A 1 5   ? 17.487  -3.569  -1.977  1.00 16.80 ? 5   GLU A C   1 
ATOM   37   O  O   . GLU A 1 5   ? 17.808  -4.536  -1.293  1.00 20.88 ? 5   GLU A O   1 
ATOM   38   C  CB  . GLU A 1 5   ? 17.956  -1.558  -0.615  1.00 27.23 ? 5   GLU A CB  1 
ATOM   39   C  CG  . GLU A 1 5   ? 18.582  -0.482  -1.474  1.00 28.13 ? 5   GLU A CG  1 
ATOM   40   C  CD  . GLU A 1 5   ? 17.812  0.827   -1.419  1.00 35.47 ? 5   GLU A CD  1 
ATOM   41   O  OE1 . GLU A 1 5   ? 18.048  1.609   -0.470  1.00 41.53 ? 5   GLU A OE1 1 
ATOM   42   O  OE2 . GLU A 1 5   ? 16.963  1.069   -2.309  1.00 38.43 ? 5   GLU A OE2 1 
ATOM   43   N  N   . GLY A 1 6   ? 17.658  -3.530  -3.295  1.00 18.48 ? 6   GLY A N   1 
ATOM   44   C  CA  . GLY A 1 6   ? 18.330  -4.616  -4.000  1.00 19.33 ? 6   GLY A CA  1 
ATOM   45   C  C   . GLY A 1 6   ? 17.426  -5.698  -4.580  1.00 32.83 ? 6   GLY A C   1 
ATOM   46   O  O   . GLY A 1 6   ? 17.859  -6.521  -5.402  1.00 25.24 ? 6   GLY A O   1 
ATOM   47   N  N   . TYR A 1 7   ? 16.167  -5.715  -4.157  1.00 27.14 ? 7   TYR A N   1 
ATOM   48   C  CA  . TYR A 1 7   ? 15.219  -6.673  -4.706  1.00 18.79 ? 7   TYR A CA  1 
ATOM   49   C  C   . TYR A 1 7   ? 14.881  -6.309  -6.156  1.00 17.78 ? 7   TYR A C   1 
ATOM   50   O  O   . TYR A 1 7   ? 14.687  -7.178  -6.988  1.00 20.33 ? 7   TYR A O   1 
ATOM   51   C  CB  . TYR A 1 7   ? 13.958  -6.735  -3.837  1.00 23.59 ? 7   TYR A CB  1 
ATOM   52   C  CG  . TYR A 1 7   ? 14.107  -7.621  -2.626  1.00 17.86 ? 7   TYR A CG  1 
ATOM   53   C  CD1 . TYR A 1 7   ? 15.164  -7.453  -1.739  1.00 21.68 ? 7   TYR A CD1 1 
ATOM   54   C  CD2 . TYR A 1 7   ? 13.193  -8.631  -2.373  1.00 16.01 ? 7   TYR A CD2 1 
ATOM   55   C  CE1 . TYR A 1 7   ? 15.309  -8.283  -0.636  1.00 21.01 ? 7   TYR A CE1 1 
ATOM   56   C  CE2 . TYR A 1 7   ? 13.329  -9.461  -1.270  1.00 16.47 ? 7   TYR A CE2 1 
ATOM   57   C  CZ  . TYR A 1 7   ? 14.386  -9.277  -0.410  1.00 24.19 ? 7   TYR A CZ  1 
ATOM   58   O  OH  . TYR A 1 7   ? 14.519  -10.097 0.683   1.00 38.14 ? 7   TYR A OH  1 
ATOM   59   N  N   . LEU A 1 8   ? 14.838  -5.017  -6.462  1.00 20.52 ? 8   LEU A N   1 
ATOM   60   C  CA  . LEU A 1 8   ? 14.440  -4.569  -7.792  1.00 15.74 ? 8   LEU A CA  1 
ATOM   61   C  C   . LEU A 1 8   ? 15.609  -3.891  -8.489  1.00 19.12 ? 8   LEU A C   1 
ATOM   62   O  O   . LEU A 1 8   ? 16.403  -3.203  -7.853  1.00 18.72 ? 8   LEU A O   1 
ATOM   63   C  CB  . LEU A 1 8   ? 13.298  -3.549  -7.699  1.00 22.77 ? 8   LEU A CB  1 
ATOM   64   C  CG  . LEU A 1 8   ? 11.972  -3.922  -7.037  1.00 23.64 ? 8   LEU A CG  1 
ATOM   65   C  CD1 . LEU A 1 8   ? 11.009  -2.730  -7.108  1.00 17.17 ? 8   LEU A CD1 1 
ATOM   66   C  CD2 . LEU A 1 8   ? 11.375  -5.137  -7.693  1.00 8.96  ? 8   LEU A CD2 1 
ATOM   67   N  N   . SER A 1 9   ? 15.697  -4.060  -9.802  1.00 19.45 ? 9   SER A N   1 
ATOM   68   C  CA  . SER A 1 9   ? 16.724  -3.387  -10.580 1.00 22.54 ? 9   SER A CA  1 
ATOM   69   C  C   . SER A 1 9   ? 16.550  -1.874  -10.493 1.00 26.91 ? 9   SER A C   1 
ATOM   70   O  O   . SER A 1 9   ? 15.423  -1.378  -10.357 1.00 32.71 ? 9   SER A O   1 
ATOM   71   C  CB  . SER A 1 9   ? 16.667  -3.829  -12.045 1.00 23.82 ? 9   SER A CB  1 
ATOM   72   O  OG  . SER A 1 9   ? 15.487  -3.379  -12.673 1.00 29.35 ? 9   SER A OG  1 
ATOM   73   N  N   . PRO A 1 10  ? 17.669  -1.132  -10.578 1.00 34.47 ? 10  PRO A N   1 
ATOM   74   C  CA  . PRO A 1 10  ? 17.624  0.336   -10.534 1.00 31.30 ? 10  PRO A CA  1 
ATOM   75   C  C   . PRO A 1 10  ? 16.687  0.867   -11.605 1.00 30.56 ? 10  PRO A C   1 
ATOM   76   O  O   . PRO A 1 10  ? 16.022  1.877   -11.407 1.00 32.92 ? 10  PRO A O   1 
ATOM   77   C  CB  . PRO A 1 10  ? 19.060  0.742   -10.864 1.00 26.43 ? 10  PRO A CB  1 
ATOM   78   C  CG  . PRO A 1 10  ? 19.885  -0.424  -10.420 1.00 24.32 ? 10  PRO A CG  1 
ATOM   79   C  CD  . PRO A 1 10  ? 19.049  -1.646  -10.656 1.00 25.06 ? 10  PRO A CD  1 
ATOM   80   N  N   . GLN A 1 11  ? 16.626  0.177   -12.737 1.00 32.43 ? 11  GLN A N   1 
ATOM   81   C  CA  . GLN A 1 11  ? 15.722  0.582   -13.790 1.00 31.01 ? 11  GLN A CA  1 
ATOM   82   C  C   . GLN A 1 11  ? 14.266  0.421   -13.362 1.00 33.23 ? 11  GLN A C   1 
ATOM   83   O  O   . GLN A 1 11  ? 13.455  1.311   -13.609 1.00 24.41 ? 11  GLN A O   1 
ATOM   84   C  CB  . GLN A 1 11  ? 15.999  -0.180  -15.085 1.00 36.65 ? 11  GLN A CB  1 
ATOM   85   C  CG  . GLN A 1 11  ? 17.034  0.483   -15.970 1.00 48.54 ? 11  GLN A CG  1 
ATOM   86   C  CD  . GLN A 1 11  ? 17.255  -0.274  -17.262 1.00 63.01 ? 11  GLN A CD  1 
ATOM   87   O  OE1 . GLN A 1 11  ? 17.746  -1.406  -17.252 1.00 69.93 ? 11  GLN A OE1 1 
ATOM   88   N  NE2 . GLN A 1 11  ? 16.879  0.341   -18.386 1.00 62.09 ? 11  GLN A NE2 1 
ATOM   89   N  N   . THR A 1 12  ? 13.933  -0.701  -12.725 1.00 25.39 ? 12  THR A N   1 
ATOM   90   C  CA  . THR A 1 12  ? 12.584  -0.864  -12.202 1.00 19.74 ? 12  THR A CA  1 
ATOM   91   C  C   . THR A 1 12  ? 12.251  0.245   -11.180 1.00 24.28 ? 12  THR A C   1 
ATOM   92   O  O   . THR A 1 12  ? 11.181  0.846   -11.238 1.00 24.03 ? 12  THR A O   1 
ATOM   93   C  CB  . THR A 1 12  ? 12.365  -2.233  -11.567 1.00 20.79 ? 12  THR A CB  1 
ATOM   94   O  OG1 . THR A 1 12  ? 12.779  -3.258  -12.481 1.00 21.16 ? 12  THR A OG1 1 
ATOM   95   C  CG2 . THR A 1 12  ? 10.890  -2.415  -11.231 1.00 12.43 ? 12  THR A CG2 1 
ATOM   96   N  N   . CYS A 1 13  ? 13.178  0.521   -10.265 1.00 24.01 ? 13  CYS A N   1 
ATOM   97   C  CA  . CYS A 1 13  ? 13.012  1.601   -9.300  1.00 21.01 ? 13  CYS A CA  1 
ATOM   98   C  C   . CYS A 1 13  ? 12.744  2.952   -9.960  1.00 25.95 ? 13  CYS A C   1 
ATOM   99   O  O   . CYS A 1 13  ? 11.897  3.729   -9.502  1.00 33.04 ? 13  CYS A O   1 
ATOM   100  C  CB  . CYS A 1 13  ? 14.247  1.718   -8.416  1.00 19.50 ? 13  CYS A CB  1 
ATOM   101  S  SG  . CYS A 1 13  ? 14.434  0.375   -7.241  1.00 23.33 ? 13  CYS A SG  1 
ATOM   102  N  N   . ALA A 1 14  ? 13.460  3.230   -11.040 1.00 25.42 ? 14  ALA A N   1 
ATOM   103  C  CA  . ALA A 1 14  ? 13.325  4.512   -11.717 1.00 22.41 ? 14  ALA A CA  1 
ATOM   104  C  C   . ALA A 1 14  ? 11.946  4.679   -12.364 1.00 23.26 ? 14  ALA A C   1 
ATOM   105  O  O   . ALA A 1 14  ? 11.329  5.746   -12.256 1.00 30.65 ? 14  ALA A O   1 
ATOM   106  C  CB  . ALA A 1 14  ? 14.418  4.682   -12.749 1.00 20.71 ? 14  ALA A CB  1 
ATOM   107  N  N   . VAL A 1 15  ? 11.455  3.632   -13.024 1.00 23.92 ? 15  VAL A N   1 
ATOM   108  C  CA  A VAL A 1 15  ? 10.133  3.632   -13.653 0.91 26.30 ? 15  VAL A CA  1 
ATOM   109  C  CA  B VAL A 1 15  ? 10.143  3.738   -13.655 0.09 26.39 ? 15  VAL A CA  1 
ATOM   110  C  C   . VAL A 1 15  ? 9.011   3.867   -12.633 1.00 28.75 ? 15  VAL A C   1 
ATOM   111  O  O   . VAL A 1 15  ? 8.103   4.671   -12.844 1.00 35.09 ? 15  VAL A O   1 
ATOM   112  C  CB  A VAL A 1 15  ? 9.893   2.299   -14.371 0.91 28.93 ? 15  VAL A CB  1 
ATOM   113  C  CB  B VAL A 1 15  ? 9.860   2.634   -14.709 0.09 28.21 ? 15  VAL A CB  1 
ATOM   114  C  CG1 A VAL A 1 15  ? 8.448   2.158   -14.805 0.91 20.15 ? 15  VAL A CG1 1 
ATOM   115  C  CG1 B VAL A 1 15  ? 11.103  2.372   -15.540 0.09 31.57 ? 15  VAL A CG1 1 
ATOM   116  C  CG2 A VAL A 1 15  ? 10.818  2.193   -15.568 0.91 33.19 ? 15  VAL A CG2 1 
ATOM   117  C  CG2 B VAL A 1 15  ? 9.378   1.350   -14.061 0.09 26.47 ? 15  VAL A CG2 1 
ATOM   118  N  N   . MET A 1 16  ? 9.089   3.138   -11.520 1.00 24.21 ? 16  MET A N   1 
ATOM   119  C  CA  . MET A 1 16  ? 8.086   3.242   -10.468 1.00 24.96 ? 16  MET A CA  1 
ATOM   120  C  C   . MET A 1 16  ? 8.063   4.643   -9.867  1.00 27.06 ? 16  MET A C   1 
ATOM   121  O  O   . MET A 1 16  ? 6.995   5.183   -9.591  1.00 29.91 ? 16  MET A O   1 
ATOM   122  C  CB  . MET A 1 16  ? 8.342   2.225   -9.359  1.00 21.73 ? 16  MET A CB  1 
ATOM   123  C  CG  . MET A 1 16  ? 8.308   0.771   -9.820  1.00 23.95 ? 16  MET A CG  1 
ATOM   124  S  SD  . MET A 1 16  ? 6.963   0.408   -10.976 1.00 38.65 ? 16  MET A SD  1 
ATOM   125  C  CE  . MET A 1 16  ? 5.521   0.625   -9.937  1.00 22.74 ? 16  MET A CE  1 
ATOM   126  N  N   . GLY A 1 17  ? 9.249   5.220   -9.670  1.00 30.69 ? 17  GLY A N   1 
ATOM   127  C  CA  . GLY A 1 17  ? 9.379   6.560   -9.140  1.00 21.10 ? 17  GLY A CA  1 
ATOM   128  C  C   . GLY A 1 17  ? 8.804   7.587   -10.095 1.00 31.56 ? 17  GLY A C   1 
ATOM   129  O  O   . GLY A 1 17  ? 8.141   8.527   -9.668  1.00 30.85 ? 17  GLY A O   1 
ATOM   130  N  N   . ALA A 1 18  ? 9.039   7.389   -11.392 1.00 31.71 ? 18  ALA A N   1 
ATOM   131  C  CA  . ALA A 1 18  ? 8.558   8.316   -12.406 1.00 26.46 ? 18  ALA A CA  1 
ATOM   132  C  C   . ALA A 1 18  ? 7.054   8.217   -12.566 1.00 31.75 ? 18  ALA A C   1 
ATOM   133  O  O   . ALA A 1 18  ? 6.425   9.112   -13.125 1.00 36.77 ? 18  ALA A O   1 
ATOM   134  C  CB  . ALA A 1 18  ? 9.231   8.051   -13.733 1.00 28.52 ? 18  ALA A CB  1 
ATOM   135  N  N   . ALA A 1 19  ? 6.486   7.108   -12.104 1.00 33.82 ? 19  ALA A N   1 
ATOM   136  C  CA  . ALA A 1 19  ? 5.046   6.920   -12.145 1.00 30.50 ? 19  ALA A CA  1 
ATOM   137  C  C   . ALA A 1 19  ? 4.434   7.544   -10.899 1.00 32.29 ? 19  ALA A C   1 
ATOM   138  O  O   . ALA A 1 19  ? 3.360   8.138   -10.949 1.00 29.95 ? 19  ALA A O   1 
ATOM   139  C  CB  . ALA A 1 19  ? 4.718   5.457   -12.208 1.00 26.95 ? 19  ALA A CB  1 
ATOM   140  N  N   . MET A 1 20  ? 5.136   7.402   -9.781  1.00 24.46 ? 20  MET A N   1 
ATOM   141  C  CA  . MET A 1 20  ? 4.648   7.889   -8.507  1.00 24.59 ? 20  MET A CA  1 
ATOM   142  C  C   . MET A 1 20  ? 4.709   9.411   -8.406  1.00 31.86 ? 20  MET A C   1 
ATOM   143  O  O   . MET A 1 20  ? 3.934   10.017  -7.667  1.00 38.84 ? 20  MET A O   1 
ATOM   144  C  CB  . MET A 1 20  ? 5.424   7.252   -7.360  1.00 23.49 ? 20  MET A CB  1 
ATOM   145  C  CG  . MET A 1 20  ? 4.667   7.302   -6.057  1.00 29.64 ? 20  MET A CG  1 
ATOM   146  S  SD  . MET A 1 20  ? 2.970   6.679   -6.257  1.00 35.41 ? 20  MET A SD  1 
ATOM   147  C  CE  . MET A 1 20  ? 2.227   7.279   -4.745  1.00 28.75 ? 20  MET A CE  1 
ATOM   148  N  N   . VAL A 1 21  ? 5.608   10.032  -9.159  1.00 32.83 ? 21  VAL A N   1 
ATOM   149  C  CA  . VAL A 1 21  ? 5.758   11.482  -9.101  1.00 30.38 ? 21  VAL A CA  1 
ATOM   150  C  C   . VAL A 1 21  ? 4.501   12.258  -9.535  1.00 36.91 ? 21  VAL A C   1 
ATOM   151  O  O   . VAL A 1 21  ? 4.025   13.107  -8.779  1.00 34.74 ? 21  VAL A O   1 
ATOM   152  C  CB  . VAL A 1 21  ? 7.027   11.967  -9.841  1.00 37.47 ? 21  VAL A CB  1 
ATOM   153  C  CG1 . VAL A 1 21  ? 6.921   13.443  -10.174 1.00 41.91 ? 21  VAL A CG1 1 
ATOM   154  C  CG2 . VAL A 1 21  ? 8.272   11.677  -9.008  1.00 28.87 ? 21  VAL A CG2 1 
ATOM   155  N  N   . PRO A 1 22  ? 3.955   11.971  -10.737 1.00 32.90 ? 22  PRO A N   1 
ATOM   156  C  CA  . PRO A 1 22  ? 2.723   12.648  -11.154 1.00 28.77 ? 22  PRO A CA  1 
ATOM   157  C  C   . PRO A 1 22  ? 1.578   12.412  -10.186 1.00 32.08 ? 22  PRO A C   1 
ATOM   158  O  O   . PRO A 1 22  ? 0.747   13.303  -9.997  1.00 39.54 ? 22  PRO A O   1 
ATOM   159  C  CB  . PRO A 1 22  ? 2.384   11.966  -12.483 1.00 33.80 ? 22  PRO A CB  1 
ATOM   160  C  CG  . PRO A 1 22  ? 3.674   11.522  -13.004 1.00 28.09 ? 22  PRO A CG  1 
ATOM   161  C  CD  . PRO A 1 22  ? 4.466   11.099  -11.807 1.00 37.31 ? 22  PRO A CD  1 
ATOM   162  N  N   . VAL A 1 23  ? 1.520   11.225  -9.594  1.00 30.93 ? 23  VAL A N   1 
ATOM   163  C  CA  . VAL A 1 23  ? 0.471   10.923  -8.631  1.00 27.46 ? 23  VAL A CA  1 
ATOM   164  C  C   . VAL A 1 23  ? 0.523   11.880  -7.444  1.00 29.16 ? 23  VAL A C   1 
ATOM   165  O  O   . VAL A 1 23  ? -0.447  12.575  -7.174  1.00 30.40 ? 23  VAL A O   1 
ATOM   166  C  CB  . VAL A 1 23  ? 0.553   9.464   -8.159  1.00 29.26 ? 23  VAL A CB  1 
ATOM   167  C  CG1 . VAL A 1 23  ? -0.382  9.216   -6.993  1.00 21.51 ? 23  VAL A CG1 1 
ATOM   168  C  CG2 . VAL A 1 23  ? 0.192   8.544   -9.310  1.00 27.76 ? 23  VAL A CG2 1 
ATOM   169  N  N   . LEU A 1 24  ? 1.666   11.924  -6.761  1.00 28.46 ? 24  LEU A N   1 
ATOM   170  C  CA  . LEU A 1 24  ? 1.842   12.762  -5.581  1.00 29.09 ? 24  LEU A CA  1 
ATOM   171  C  C   . LEU A 1 24  ? 1.700   14.241  -5.913  1.00 28.71 ? 24  LEU A C   1 
ATOM   172  O  O   . LEU A 1 24  ? 1.160   15.009  -5.118  1.00 27.67 ? 24  LEU A O   1 
ATOM   173  C  CB  . LEU A 1 24  ? 3.198   12.496  -4.927  1.00 25.49 ? 24  LEU A CB  1 
ATOM   174  C  CG  . LEU A 1 24  ? 3.277   11.144  -4.233  1.00 27.16 ? 24  LEU A CG  1 
ATOM   175  C  CD1 . LEU A 1 24  ? 4.687   10.869  -3.767  1.00 31.66 ? 24  LEU A CD1 1 
ATOM   176  C  CD2 . LEU A 1 24  ? 2.327   11.147  -3.062  1.00 20.40 ? 24  LEU A CD2 1 
ATOM   177  N  N   . THR A 1 25  ? 2.173   14.626  -7.092  1.00 27.57 ? 25  THR A N   1 
ATOM   178  C  CA  . THR A 1 25  ? 1.952   15.970  -7.606  1.00 30.02 ? 25  THR A CA  1 
ATOM   179  C  C   . THR A 1 25  ? 0.458   16.283  -7.673  1.00 33.46 ? 25  THR A C   1 
ATOM   180  O  O   . THR A 1 25  ? 0.004   17.305  -7.144  1.00 34.82 ? 25  THR A O   1 
ATOM   181  C  CB  . THR A 1 25  ? 2.564   16.137  -9.003  1.00 28.47 ? 25  THR A CB  1 
ATOM   182  O  OG1 . THR A 1 25  ? 3.989   16.072  -8.899  1.00 44.71 ? 25  THR A OG1 1 
ATOM   183  C  CG2 . THR A 1 25  ? 2.175   17.468  -9.599  1.00 38.06 ? 25  THR A CG2 1 
ATOM   184  N  N   . VAL A 1 26  ? -0.304  15.405  -8.321  1.00 29.78 ? 26  VAL A N   1 
ATOM   185  C  CA  . VAL A 1 26  ? -1.745  15.596  -8.420  1.00 21.52 ? 26  VAL A CA  1 
ATOM   186  C  C   . VAL A 1 26  ? -2.381  15.565  -7.039  1.00 22.68 ? 26  VAL A C   1 
ATOM   187  O  O   . VAL A 1 26  ? -3.228  16.401  -6.725  1.00 29.39 ? 26  VAL A O   1 
ATOM   188  C  CB  . VAL A 1 26  ? -2.390  14.555  -9.331  1.00 27.53 ? 26  VAL A CB  1 
ATOM   189  C  CG1 . VAL A 1 26  ? -3.902  14.540  -9.155  1.00 25.43 ? 26  VAL A CG1 1 
ATOM   190  C  CG2 . VAL A 1 26  ? -2.029  14.851  -10.773 1.00 19.36 ? 26  VAL A CG2 1 
ATOM   191  N  N   . ALA A 1 27  ? -1.947  14.621  -6.208  1.00 20.75 ? 27  ALA A N   1 
ATOM   192  C  CA  . ALA A 1 27  ? -2.459  14.508  -4.847  1.00 24.27 ? 27  ALA A CA  1 
ATOM   193  C  C   . ALA A 1 27  ? -2.265  15.816  -4.094  1.00 33.75 ? 27  ALA A C   1 
ATOM   194  O  O   . ALA A 1 27  ? -3.187  16.309  -3.437  1.00 30.00 ? 27  ALA A O   1 
ATOM   195  C  CB  . ALA A 1 27  ? -1.774  13.395  -4.112  1.00 15.31 ? 27  ALA A CB  1 
ATOM   196  N  N   . ALA A 1 28  ? -1.066  16.380  -4.213  1.00 27.36 ? 28  ALA A N   1 
ATOM   197  C  CA  . ALA A 1 28  ? -0.729  17.599  -3.501  1.00 30.81 ? 28  ALA A CA  1 
ATOM   198  C  C   . ALA A 1 28  ? -1.664  18.742  -3.888  1.00 28.00 ? 28  ALA A C   1 
ATOM   199  O  O   . ALA A 1 28  ? -2.158  19.458  -3.025  1.00 37.49 ? 28  ALA A O   1 
ATOM   200  C  CB  . ALA A 1 28  ? 0.705   17.980  -3.761  1.00 23.66 ? 28  ALA A CB  1 
ATOM   201  N  N   . LYS A 1 29  ? -1.910  18.897  -5.183  1.00 25.46 ? 29  LYS A N   1 
ATOM   202  C  CA  . LYS A 1 29  ? -2.825  19.920  -5.683  1.00 31.94 ? 29  LYS A CA  1 
ATOM   203  C  C   . LYS A 1 29  ? -4.256  19.689  -5.221  1.00 34.61 ? 29  LYS A C   1 
ATOM   204  O  O   . LYS A 1 29  ? -4.963  20.634  -4.887  1.00 48.08 ? 29  LYS A O   1 
ATOM   205  C  CB  . LYS A 1 29  ? -2.783  19.975  -7.212  1.00 36.42 ? 29  LYS A CB  1 
ATOM   206  C  CG  . LYS A 1 29  ? -1.416  20.359  -7.767  1.00 52.91 ? 29  LYS A CG  1 
ATOM   207  C  CD  . LYS A 1 29  ? -1.340  20.193  -9.286  1.00 53.68 ? 29  LYS A CD  1 
ATOM   208  C  CE  . LYS A 1 29  ? 0.018   20.653  -9.803  1.00 60.03 ? 29  LYS A CE  1 
ATOM   209  N  NZ  . LYS A 1 29  ? 0.224   20.355  -11.249 1.00 70.02 ? 29  LYS A NZ  1 
ATOM   210  N  N   . LYS A 1 30  ? -4.685  18.435  -5.213  1.00 30.58 ? 30  LYS A N   1 
ATOM   211  C  CA  . LYS A 1 30  ? -6.033  18.106  -4.770  1.00 33.74 ? 30  LYS A CA  1 
ATOM   212  C  C   . LYS A 1 30  ? -6.269  18.459  -3.298  1.00 36.92 ? 30  LYS A C   1 
ATOM   213  O  O   . LYS A 1 30  ? -7.342  18.933  -2.926  1.00 43.59 ? 30  LYS A O   1 
ATOM   214  C  CB  . LYS A 1 30  ? -6.315  16.626  -5.014  1.00 29.12 ? 30  LYS A CB  1 
ATOM   215  C  CG  . LYS A 1 30  ? -6.665  16.308  -6.455  1.00 29.30 ? 30  LYS A CG  1 
ATOM   216  C  CD  . LYS A 1 30  ? -8.160  16.357  -6.637  1.00 28.16 ? 30  LYS A CD  1 
ATOM   217  C  CE  . LYS A 1 30  ? -8.546  16.354  -8.105  1.00 32.36 ? 30  LYS A CE  1 
ATOM   218  N  NZ  . LYS A 1 30  ? -10.029 16.349  -8.208  1.00 37.33 ? 30  LYS A NZ  1 
ATOM   219  N  N   . VAL A 1 31  ? -5.262  18.222  -2.469  1.00 31.18 ? 31  VAL A N   1 
ATOM   220  C  CA  . VAL A 1 31  ? -5.376  18.469  -1.043  1.00 37.89 ? 31  VAL A CA  1 
ATOM   221  C  C   . VAL A 1 31  ? -5.300  19.968  -0.734  1.00 46.96 ? 31  VAL A C   1 
ATOM   222  O  O   . VAL A 1 31  ? -6.021  20.475  0.127   1.00 35.53 ? 31  VAL A O   1 
ATOM   223  C  CB  . VAL A 1 31  ? -4.291  17.698  -0.271  1.00 31.58 ? 31  VAL A CB  1 
ATOM   224  C  CG1 . VAL A 1 31  ? -4.268  18.103  1.187   1.00 36.90 ? 31  VAL A CG1 1 
ATOM   225  C  CG2 . VAL A 1 31  ? -4.540  16.203  -0.404  1.00 34.84 ? 31  VAL A CG2 1 
ATOM   226  N  N   . ASN A 1 32  ? -4.427  20.670  -1.451  1.00 36.20 ? 32  ASN A N   1 
ATOM   227  C  CA  . ASN A 1 32  ? -4.278  22.109  -1.287  1.00 45.77 ? 32  ASN A CA  1 
ATOM   228  C  C   . ASN A 1 32  ? -5.579  22.859  -1.599  1.00 53.17 ? 32  ASN A C   1 
ATOM   229  O  O   . ASN A 1 32  ? -5.900  23.854  -0.950  1.00 49.23 ? 32  ASN A O   1 
ATOM   230  C  CB  . ASN A 1 32  ? -3.129  22.627  -2.163  1.00 50.06 ? 32  ASN A CB  1 
ATOM   231  C  CG  . ASN A 1 32  ? -2.874  24.113  -1.981  1.00 63.08 ? 32  ASN A CG  1 
ATOM   232  O  OD1 . ASN A 1 32  ? -2.839  24.617  -0.856  1.00 64.36 ? 32  ASN A OD1 1 
ATOM   233  N  ND2 . ASN A 1 32  ? -2.704  24.826  -3.095  1.00 52.93 ? 32  ASN A ND2 1 
ATOM   234  N  N   . LYS A 1 33  ? -6.334  22.361  -2.575  1.00 41.28 ? 33  LYS A N   1 
ATOM   235  C  CA  . LYS A 1 33  ? -7.565  23.011  -2.996  1.00 39.31 ? 33  LYS A CA  1 
ATOM   236  C  C   . LYS A 1 33  ? -8.762  22.766  -2.088  1.00 49.16 ? 33  LYS A C   1 
ATOM   237  O  O   . LYS A 1 33  ? -9.712  23.543  -2.110  1.00 64.25 ? 33  LYS A O   1 
ATOM   238  C  CB  . LYS A 1 33  ? -7.943  22.582  -4.411  1.00 56.72 ? 33  LYS A CB  1 
ATOM   239  C  CG  . LYS A 1 33  ? -7.162  23.260  -5.516  1.00 69.47 ? 33  LYS A CG  1 
ATOM   240  C  CD  . LYS A 1 33  ? -7.859  23.028  -6.856  1.00 72.78 ? 33  LYS A CD  1 
ATOM   241  C  CE  . LYS A 1 33  ? -7.047  23.576  -8.021  1.00 83.26 ? 33  LYS A CE  1 
ATOM   242  N  NZ  . LYS A 1 33  ? -7.742  23.372  -9.326  1.00 83.95 ? 33  LYS A NZ  1 
ATOM   243  N  N   . SER A 1 34  ? -8.733  21.697  -1.300  1.00 41.95 ? 34  SER A N   1 
ATOM   244  C  CA  . SER A 1 34  ? -9.927  21.303  -0.553  1.00 40.59 ? 34  SER A CA  1 
ATOM   245  C  C   . SER A 1 34  ? -9.696  20.904  0.905   1.00 50.38 ? 34  SER A C   1 
ATOM   246  O  O   . SER A 1 34  ? -10.625 20.447  1.575   1.00 51.55 ? 34  SER A O   1 
ATOM   247  C  CB  . SER A 1 34  ? -10.625 20.148  -1.261  1.00 54.87 ? 34  SER A CB  1 
ATOM   248  O  OG  . SER A 1 34  ? -9.906  18.946  -1.056  1.00 66.77 ? 34  SER A OG  1 
ATOM   249  N  N   . PHE A 1 35  ? -8.468  21.039  1.388   1.00 56.19 ? 35  PHE A N   1 
ATOM   250  C  CA  . PHE A 1 35  ? -8.198  20.861  2.810   1.00 52.99 ? 35  PHE A CA  1 
ATOM   251  C  C   . PHE A 1 35  ? -7.870  22.227  3.407   1.00 60.13 ? 35  PHE A C   1 
ATOM   252  O  O   . PHE A 1 35  ? -7.223  23.061  2.756   1.00 53.79 ? 35  PHE A O   1 
ATOM   253  C  CB  . PHE A 1 35  ? -7.032  19.888  3.035   1.00 53.29 ? 35  PHE A CB  1 
ATOM   254  C  CG  . PHE A 1 35  ? -7.451  18.448  3.253   1.00 54.94 ? 35  PHE A CG  1 
ATOM   255  C  CD1 . PHE A 1 35  ? -8.198  17.768  2.309   1.00 55.50 ? 35  PHE A CD1 1 
ATOM   256  C  CD2 . PHE A 1 35  ? -7.063  17.769  4.397   1.00 58.37 ? 35  PHE A CD2 1 
ATOM   257  C  CE1 . PHE A 1 35  ? -8.571  16.448  2.519   1.00 59.33 ? 35  PHE A CE1 1 
ATOM   258  C  CE2 . PHE A 1 35  ? -7.435  16.450  4.608   1.00 43.02 ? 35  PHE A CE2 1 
ATOM   259  C  CZ  . PHE A 1 35  ? -8.184  15.792  3.673   1.00 29.92 ? 35  PHE A CZ  1 
ATOM   260  N  N   . ASP A 1 36  ? -8.343  22.466  4.627   1.00 54.16 ? 36  ASP A N   1 
ATOM   261  C  CA  . ASP A 1 36  ? -7.908  23.629  5.389   1.00 55.81 ? 36  ASP A CA  1 
ATOM   262  C  C   . ASP A 1 36  ? -7.133  23.153  6.614   1.00 51.40 ? 36  ASP A C   1 
ATOM   263  O  O   . ASP A 1 36  ? -7.316  22.014  7.055   1.00 53.06 ? 36  ASP A O   1 
ATOM   264  C  CB  . ASP A 1 36  ? -9.087  24.538  5.782   1.00 76.01 ? 36  ASP A CB  1 
ATOM   265  C  CG  . ASP A 1 36  ? -10.133 23.827  6.633   1.00 78.80 ? 36  ASP A CG  1 
ATOM   266  O  OD1 . ASP A 1 36  ? -11.229 23.518  6.108   1.00 73.29 ? 36  ASP A OD1 1 
ATOM   267  O  OD2 . ASP A 1 36  ? -9.864  23.592  7.833   1.00 75.92 ? 36  ASP A OD2 1 
ATOM   268  N  N   . LYS A 1 37  ? -6.269  24.026  7.136   1.00 55.57 ? 37  LYS A N   1 
ATOM   269  C  CA  . LYS A 1 37  ? -5.391  23.738  8.277   1.00 55.36 ? 37  LYS A CA  1 
ATOM   270  C  C   . LYS A 1 37  ? -5.962  22.781  9.313   1.00 52.66 ? 37  LYS A C   1 
ATOM   271  O  O   . LYS A 1 37  ? -5.239  21.951  9.864   1.00 48.34 ? 37  LYS A O   1 
ATOM   272  C  CB  . LYS A 1 37  ? -5.017  25.037  8.994   1.00 57.00 ? 37  LYS A CB  1 
ATOM   273  C  CG  . LYS A 1 37  ? -3.950  25.864  8.308   1.00 65.44 ? 37  LYS A CG  1 
ATOM   274  C  CD  . LYS A 1 37  ? -3.478  26.969  9.243   1.00 76.29 ? 37  LYS A CD  1 
ATOM   275  C  CE  . LYS A 1 37  ? -2.320  27.755  8.653   1.00 82.95 ? 37  LYS A CE  1 
ATOM   276  N  NZ  . LYS A 1 37  ? -1.589  28.500  9.724   1.00 64.68 ? 37  LYS A NZ  1 
ATOM   277  N  N   . LYS A 1 38  ? -7.261  22.912  9.571   1.00 45.69 ? 38  LYS A N   1 
ATOM   278  C  CA  . LYS A 1 38  ? -7.919  22.164  10.627  1.00 48.44 ? 38  LYS A CA  1 
ATOM   279  C  C   . LYS A 1 38  ? -7.975  20.681  10.294  1.00 47.73 ? 38  LYS A C   1 
ATOM   280  O  O   . LYS A 1 38  ? -8.107  19.838  11.181  1.00 49.43 ? 38  LYS A O   1 
ATOM   281  C  CB  . LYS A 1 38  ? -9.326  22.727  10.856  1.00 66.63 ? 38  LYS A CB  1 
ATOM   282  C  CG  . LYS A 1 38  ? -9.336  24.248  10.998  1.00 67.20 ? 38  LYS A CG  1 
ATOM   283  C  CD  . LYS A 1 38  ? -10.684 24.788  11.448  1.00 75.49 ? 38  LYS A CD  1 
ATOM   284  C  CE  . LYS A 1 38  ? -10.589 26.278  11.765  1.00 82.33 ? 38  LYS A CE  1 
ATOM   285  N  NZ  . LYS A 1 38  ? -11.914 26.879  12.090  1.00 93.44 ? 38  LYS A NZ  1 
ATOM   286  N  N   . ASP A 1 39  ? -7.859  20.364  9.010   1.00 45.02 ? 39  ASP A N   1 
ATOM   287  C  CA  . ASP A 1 39  ? -7.922  18.981  8.566   1.00 42.73 ? 39  ASP A CA  1 
ATOM   288  C  C   . ASP A 1 39  ? -6.539  18.311  8.559   1.00 38.69 ? 39  ASP A C   1 
ATOM   289  O  O   . ASP A 1 39  ? -6.440  17.084  8.500   1.00 35.59 ? 39  ASP A O   1 
ATOM   290  C  CB  . ASP A 1 39  ? -8.571  18.888  7.176   1.00 52.17 ? 39  ASP A CB  1 
ATOM   291  C  CG  . ASP A 1 39  ? -10.028 19.366  7.158   1.00 67.60 ? 39  ASP A CG  1 
ATOM   292  O  OD1 . ASP A 1 39  ? -10.886 18.699  7.778   1.00 72.41 ? 39  ASP A OD1 1 
ATOM   293  O  OD2 . ASP A 1 39  ? -10.324 20.392  6.499   1.00 62.53 ? 39  ASP A OD2 1 
ATOM   294  N  N   . VAL A 1 40  ? -5.479  19.116  8.615   1.00 33.75 ? 40  VAL A N   1 
ATOM   295  C  CA  . VAL A 1 40  ? -4.102  18.602  8.617   1.00 33.53 ? 40  VAL A CA  1 
ATOM   296  C  C   . VAL A 1 40  ? -3.748  17.607  9.751   1.00 24.29 ? 40  VAL A C   1 
ATOM   297  O  O   . VAL A 1 40  ? -3.083  16.603  9.498   1.00 25.76 ? 40  VAL A O   1 
ATOM   298  C  CB  . VAL A 1 40  ? -3.072  19.747  8.542   1.00 34.22 ? 40  VAL A CB  1 
ATOM   299  C  CG1 . VAL A 1 40  ? -1.667  19.222  8.716   1.00 26.48 ? 40  VAL A CG1 1 
ATOM   300  C  CG2 . VAL A 1 40  ? -3.195  20.455  7.211   1.00 33.44 ? 40  VAL A CG2 1 
ATOM   301  N  N   . PRO A 1 41  ? -4.190  17.876  10.994  1.00 29.51 ? 41  PRO A N   1 
ATOM   302  C  CA  . PRO A 1 41  ? -3.950  16.869  12.042  1.00 19.99 ? 41  PRO A CA  1 
ATOM   303  C  C   . PRO A 1 41  ? -4.457  15.460  11.733  1.00 21.99 ? 41  PRO A C   1 
ATOM   304  O  O   . PRO A 1 41  ? -3.800  14.480  12.114  1.00 27.57 ? 41  PRO A O   1 
ATOM   305  C  CB  . PRO A 1 41  ? -4.694  17.444  13.247  1.00 18.60 ? 41  PRO A CB  1 
ATOM   306  C  CG  . PRO A 1 41  ? -4.563  18.922  13.048  1.00 21.55 ? 41  PRO A CG  1 
ATOM   307  C  CD  . PRO A 1 41  ? -4.684  19.146  11.566  1.00 23.36 ? 41  PRO A CD  1 
ATOM   308  N  N   . ALA A 1 42  ? -5.595  15.352  11.054  1.00 27.08 ? 42  ALA A N   1 
ATOM   309  C  CA  . ALA A 1 42  ? -6.161  14.048  10.727  1.00 23.20 ? 42  ALA A CA  1 
ATOM   310  C  C   . ALA A 1 42  ? -5.278  13.275  9.733   1.00 21.60 ? 42  ALA A C   1 
ATOM   311  O  O   . ALA A 1 42  ? -5.171  12.058  9.822   1.00 19.36 ? 42  ALA A O   1 
ATOM   312  C  CB  . ALA A 1 42  ? -7.585  14.185  10.191  1.00 27.02 ? 42  ALA A CB  1 
ATOM   313  N  N   . MET A 1 43  ? -4.653  13.977  8.789   1.00 22.31 ? 43  MET A N   1 
ATOM   314  C  CA  . MET A 1 43  ? -3.720  13.327  7.871   1.00 26.07 ? 43  MET A CA  1 
ATOM   315  C  C   . MET A 1 43  ? -2.537  12.758  8.648   1.00 25.46 ? 43  MET A C   1 
ATOM   316  O  O   . MET A 1 43  ? -2.106  11.631  8.398   1.00 24.75 ? 43  MET A O   1 
ATOM   317  C  CB  . MET A 1 43  ? -3.215  14.298  6.801   1.00 22.04 ? 43  MET A CB  1 
ATOM   318  C  CG  . MET A 1 43  ? -4.265  14.695  5.759   1.00 25.49 ? 43  MET A CG  1 
ATOM   319  S  SD  . MET A 1 43  ? -3.638  15.842  4.508   1.00 33.71 ? 43  MET A SD  1 
ATOM   320  C  CE  . MET A 1 43  ? -2.582  14.755  3.555   1.00 27.28 ? 43  MET A CE  1 
ATOM   321  N  N   . ALA A 1 44  ? -2.032  13.534  9.605   1.00 22.73 ? 44  ALA A N   1 
ATOM   322  C  CA  . ALA A 1 44  ? -0.819  13.160  10.334  1.00 21.19 ? 44  ALA A CA  1 
ATOM   323  C  C   . ALA A 1 44  ? -1.090  11.979  11.241  1.00 16.00 ? 44  ALA A C   1 
ATOM   324  O  O   . ALA A 1 44  ? -0.255  11.092  11.388  1.00 18.68 ? 44  ALA A O   1 
ATOM   325  C  CB  . ALA A 1 44  ? -0.302  14.326  11.142  1.00 24.54 ? 44  ALA A CB  1 
ATOM   326  N  N   . ILE A 1 45  ? -2.273  11.971  11.842  1.00 20.36 ? 45  ILE A N   1 
ATOM   327  C  CA  . ILE A 1 45  ? -2.681  10.870  12.697  1.00 19.58 ? 45  ILE A CA  1 
ATOM   328  C  C   . ILE A 1 45  ? -2.841  9.617   11.850  1.00 24.38 ? 45  ILE A C   1 
ATOM   329  O  O   . ILE A 1 45  ? -2.383  8.541   12.234  1.00 24.71 ? 45  ILE A O   1 
ATOM   330  C  CB  . ILE A 1 45  ? -3.994  11.187  13.408  1.00 23.21 ? 45  ILE A CB  1 
ATOM   331  C  CG1 . ILE A 1 45  ? -3.751  12.259  14.474  1.00 26.77 ? 45  ILE A CG1 1 
ATOM   332  C  CG2 . ILE A 1 45  ? -4.586  9.945   14.031  1.00 26.26 ? 45  ILE A CG2 1 
ATOM   333  C  CD1 . ILE A 1 45  ? -5.009  12.665  15.223  1.00 28.49 ? 45  ILE A CD1 1 
ATOM   334  N  N   . GLY A 1 46  ? -3.480  9.761   10.690  1.00 23.17 ? 46  GLY A N   1 
ATOM   335  C  CA  . GLY A 1 46  ? -3.671  8.639   9.788   1.00 23.74 ? 46  GLY A CA  1 
ATOM   336  C  C   . GLY A 1 46  ? -2.327  8.092   9.351   1.00 19.43 ? 46  GLY A C   1 
ATOM   337  O  O   . GLY A 1 46  ? -2.132  6.884   9.239   1.00 18.60 ? 46  GLY A O   1 
ATOM   338  N  N   . SER A 1 47  ? -1.389  9.005   9.134   1.00 18.14 ? 47  SER A N   1 
ATOM   339  C  CA  . SER A 1 47  ? -0.041  8.660   8.720   1.00 18.90 ? 47  SER A CA  1 
ATOM   340  C  C   . SER A 1 47  ? 0.692   7.867   9.805   1.00 21.98 ? 47  SER A C   1 
ATOM   341  O  O   . SER A 1 47  ? 1.279   6.818   9.534   1.00 27.25 ? 47  SER A O   1 
ATOM   342  C  CB  . SER A 1 47  ? 0.717   9.935   8.387   1.00 16.22 ? 47  SER A CB  1 
ATOM   343  O  OG  . SER A 1 47  ? 1.961   9.640   7.813   1.00 26.46 ? 47  SER A OG  1 
ATOM   344  N  N   . ALA A 1 48  ? 0.638   8.371   11.033  1.00 21.53 ? 48  ALA A N   1 
ATOM   345  C  CA  . ALA A 1 48  ? 1.250   7.698   12.167  1.00 23.66 ? 48  ALA A CA  1 
ATOM   346  C  C   . ALA A 1 48  ? 0.578   6.366   12.469  1.00 20.37 ? 48  ALA A C   1 
ATOM   347  O  O   . ALA A 1 48  ? 1.214   5.438   12.966  1.00 24.64 ? 48  ALA A O   1 
ATOM   348  C  CB  . ALA A 1 48  ? 1.222   8.598   13.399  1.00 13.06 ? 48  ALA A CB  1 
ATOM   349  N  N   . PHE A 1 49  ? -0.710  6.270   12.182  1.00 19.23 ? 49  PHE A N   1 
ATOM   350  C  CA  . PHE A 1 49  ? -1.435  5.033   12.429  1.00 24.10 ? 49  PHE A CA  1 
ATOM   351  C  C   . PHE A 1 49  ? -1.051  3.936   11.422  1.00 25.31 ? 49  PHE A C   1 
ATOM   352  O  O   . PHE A 1 49  ? -0.875  2.775   11.783  1.00 29.80 ? 49  PHE A O   1 
ATOM   353  C  CB  . PHE A 1 49  ? -2.931  5.296   12.365  1.00 24.15 ? 49  PHE A CB  1 
ATOM   354  C  CG  . PHE A 1 49  ? -3.771  4.092   12.632  1.00 26.22 ? 49  PHE A CG  1 
ATOM   355  C  CD1 . PHE A 1 49  ? -3.868  3.571   13.911  1.00 30.06 ? 49  PHE A CD1 1 
ATOM   356  C  CD2 . PHE A 1 49  ? -4.490  3.496   11.609  1.00 32.15 ? 49  PHE A CD2 1 
ATOM   357  C  CE1 . PHE A 1 49  ? -4.657  2.467   14.165  1.00 33.63 ? 49  PHE A CE1 1 
ATOM   358  C  CE2 . PHE A 1 49  ? -5.284  2.383   11.857  1.00 37.75 ? 49  PHE A CE2 1 
ATOM   359  C  CZ  . PHE A 1 49  ? -5.369  1.872   13.137  1.00 38.62 ? 49  PHE A CZ  1 
ATOM   360  N  N   . ALA A 1 50  ? -0.951  4.306   10.154  1.00 23.57 ? 50  ALA A N   1 
ATOM   361  C  CA  . ALA A 1 50  ? -0.557  3.355   9.122   1.00 29.30 ? 50  ALA A CA  1 
ATOM   362  C  C   . ALA A 1 50  ? 0.858   2.832   9.395   1.00 26.71 ? 50  ALA A C   1 
ATOM   363  O  O   . ALA A 1 50  ? 1.101   1.623   9.347   1.00 25.56 ? 50  ALA A O   1 
ATOM   364  C  CB  . ALA A 1 50  ? -0.646  4.000   7.753   1.00 20.36 ? 50  ALA A CB  1 
ATOM   365  N  N   . PHE A 1 51  ? 1.775   3.749   9.697   1.00 26.79 ? 51  PHE A N   1 
ATOM   366  C  CA  . PHE A 1 51  ? 3.140   3.412   10.089  1.00 29.22 ? 51  PHE A CA  1 
ATOM   367  C  C   . PHE A 1 51  ? 3.129   2.315   11.145  1.00 32.90 ? 51  PHE A C   1 
ATOM   368  O  O   . PHE A 1 51  ? 3.791   1.281   11.010  1.00 36.67 ? 51  PHE A O   1 
ATOM   369  C  CB  . PHE A 1 51  ? 3.836   4.663   10.643  1.00 20.26 ? 51  PHE A CB  1 
ATOM   370  C  CG  . PHE A 1 51  ? 5.215   4.409   11.193  1.00 26.12 ? 51  PHE A CG  1 
ATOM   371  C  CD1 . PHE A 1 51  ? 5.394   3.872   12.464  1.00 32.62 ? 51  PHE A CD1 1 
ATOM   372  C  CD2 . PHE A 1 51  ? 6.334   4.739   10.451  1.00 22.84 ? 51  PHE A CD2 1 
ATOM   373  C  CE1 . PHE A 1 51  ? 6.662   3.635   12.963  1.00 29.52 ? 51  PHE A CE1 1 
ATOM   374  C  CE2 . PHE A 1 51  ? 7.602   4.516   10.951  1.00 27.61 ? 51  PHE A CE2 1 
ATOM   375  C  CZ  . PHE A 1 51  ? 7.767   3.961   12.205  1.00 27.09 ? 51  PHE A CZ  1 
ATOM   376  N  N   . THR A 1 52  ? 2.366   2.553   12.198  1.00 26.07 ? 52  THR A N   1 
ATOM   377  C  CA  . THR A 1 52  ? 2.373   1.670   13.347  1.00 35.61 ? 52  THR A CA  1 
ATOM   378  C  C   . THR A 1 52  ? 1.936   0.266   12.976  1.00 30.33 ? 52  THR A C   1 
ATOM   379  O  O   . THR A 1 52  ? 2.604   -0.707  13.304  1.00 35.36 ? 52  THR A O   1 
ATOM   380  C  CB  . THR A 1 52  ? 1.482   2.222   14.472  1.00 31.49 ? 52  THR A CB  1 
ATOM   381  O  OG1 . THR A 1 52  ? 1.980   3.508   14.861  1.00 27.28 ? 52  THR A OG1 1 
ATOM   382  C  CG2 . THR A 1 52  ? 1.518   1.294   15.665  1.00 27.77 ? 52  THR A CG2 1 
ATOM   383  N  N   . ILE A 1 53  ? 0.813   0.162   12.281  1.00 27.82 ? 53  ILE A N   1 
ATOM   384  C  CA  A ILE A 1 53  ? 0.265   -1.109  11.818  0.38 30.31 ? 53  ILE A CA  1 
ATOM   385  C  CA  B ILE A 1 53  ? 0.336   -1.162  11.930  0.62 30.31 ? 53  ILE A CA  1 
ATOM   386  C  C   . ILE A 1 53  ? 1.222   -1.856  10.880  1.00 35.35 ? 53  ILE A C   1 
ATOM   387  O  O   . ILE A 1 53  ? 1.311   -3.090  10.880  1.00 25.41 ? 53  ILE A O   1 
ATOM   388  C  CB  A ILE A 1 53  ? -1.049  -0.861  11.048  0.38 29.69 ? 53  ILE A CB  1 
ATOM   389  C  CB  B ILE A 1 53  ? -1.128  -1.152  11.496  0.62 29.67 ? 53  ILE A CB  1 
ATOM   390  C  CG1 A ILE A 1 53  ? -2.105  -0.239  11.966  0.38 32.20 ? 53  ILE A CG1 1 
ATOM   391  C  CG1 B ILE A 1 53  ? -1.280  -0.509  10.122  0.62 28.72 ? 53  ILE A CG1 1 
ATOM   392  C  CG2 A ILE A 1 53  ? -1.564  -2.138  10.416  0.38 27.58 ? 53  ILE A CG2 1 
ATOM   393  C  CG2 B ILE A 1 53  ? -1.975  -0.424  12.530  0.62 33.14 ? 53  ILE A CG2 1 
ATOM   394  C  CD1 A ILE A 1 53  ? -2.325  -1.000  13.253  0.38 33.10 ? 53  ILE A CD1 1 
ATOM   395  C  CD1 B ILE A 1 53  ? -2.725  -0.275  9.763   0.62 32.40 ? 53  ILE A CD1 1 
ATOM   396  N  N   . MET A 1 54  ? 1.912   -1.089  10.039  1.00 26.16 ? 54  MET A N   1 
ATOM   397  C  CA  . MET A 1 54  ? 2.798   -1.682  9.045   1.00 29.68 ? 54  MET A CA  1 
ATOM   398  C  C   . MET A 1 54  ? 4.035   -2.318  9.669   1.00 35.62 ? 54  MET A C   1 
ATOM   399  O  O   . MET A 1 54  ? 4.640   -3.197  9.069   1.00 42.16 ? 54  MET A O   1 
ATOM   400  C  CB  . MET A 1 54  ? 3.232   -0.656  7.998   1.00 30.37 ? 54  MET A CB  1 
ATOM   401  C  CG  . MET A 1 54  ? 2.161   -0.262  7.021   1.00 16.12 ? 54  MET A CG  1 
ATOM   402  S  SD  . MET A 1 54  ? 2.876   0.626   5.638   1.00 23.81 ? 54  MET A SD  1 
ATOM   403  C  CE  . MET A 1 54  ? 2.904   2.317   6.206   1.00 33.61 ? 54  MET A CE  1 
ATOM   404  N  N   . MET A 1 55  ? 4.412   -1.880  10.868  1.00 37.42 ? 55  MET A N   1 
ATOM   405  C  CA  . MET A 1 55  ? 5.616   -2.409  11.512  1.00 48.17 ? 55  MET A CA  1 
ATOM   406  C  C   . MET A 1 55  ? 5.405   -3.864  11.904  1.00 43.46 ? 55  MET A C   1 
ATOM   407  O  O   . MET A 1 55  ? 6.353   -4.585  12.184  1.00 46.28 ? 55  MET A O   1 
ATOM   408  C  CB  . MET A 1 55  ? 5.987   -1.607  12.765  1.00 46.04 ? 55  MET A CB  1 
ATOM   409  C  CG  . MET A 1 55  ? 6.265   -0.139  12.524  1.00 47.97 ? 55  MET A CG  1 
ATOM   410  S  SD  . MET A 1 55  ? 8.021   0.244   12.399  1.00 78.11 ? 55  MET A SD  1 
ATOM   411  C  CE  . MET A 1 55  ? 8.330   -0.052  10.662  1.00 37.09 ? 55  MET A CE  1 
ATOM   412  N  N   . PHE A 1 56  ? 4.151   -4.288  11.935  1.00 38.76 ? 56  PHE A N   1 
ATOM   413  C  CA  . PHE A 1 56  ? 3.839   -5.648  12.346  1.00 40.99 ? 56  PHE A CA  1 
ATOM   414  C  C   . PHE A 1 56  ? 3.613   -6.564  11.148  1.00 40.28 ? 56  PHE A C   1 
ATOM   415  O  O   . PHE A 1 56  ? 2.497   -6.666  10.635  1.00 35.00 ? 56  PHE A O   1 
ATOM   416  C  CB  . PHE A 1 56  ? 2.640   -5.652  13.288  1.00 38.71 ? 56  PHE A CB  1 
ATOM   417  C  CG  . PHE A 1 56  ? 2.929   -5.012  14.606  1.00 48.40 ? 56  PHE A CG  1 
ATOM   418  C  CD1 . PHE A 1 56  ? 3.089   -5.786  15.747  1.00 47.34 ? 56  PHE A CD1 1 
ATOM   419  C  CD2 . PHE A 1 56  ? 3.087   -3.639  14.703  1.00 42.81 ? 56  PHE A CD2 1 
ATOM   420  C  CE1 . PHE A 1 56  ? 3.374   -5.197  16.970  1.00 51.28 ? 56  PHE A CE1 1 
ATOM   421  C  CE2 . PHE A 1 56  ? 3.369   -3.044  15.920  1.00 52.28 ? 56  PHE A CE2 1 
ATOM   422  C  CZ  . PHE A 1 56  ? 3.514   -3.825  17.057  1.00 51.27 ? 56  PHE A CZ  1 
ATOM   423  N  N   . ASN A 1 57  ? 4.689   -7.224  10.718  1.00 43.94 ? 57  ASN A N   1 
ATOM   424  C  CA  . ASN A 1 57  ? 4.653   -8.098  9.551   1.00 41.69 ? 57  ASN A CA  1 
ATOM   425  C  C   . ASN A 1 57  ? 5.238   -9.490  9.771   1.00 39.03 ? 57  ASN A C   1 
ATOM   426  O  O   . ASN A 1 57  ? 5.876   -9.770  10.788  1.00 52.57 ? 57  ASN A O   1 
ATOM   427  C  CB  . ASN A 1 57  ? 5.360   -7.444  8.357   1.00 39.10 ? 57  ASN A CB  1 
ATOM   428  C  CG  . ASN A 1 57  ? 6.852   -7.265  8.583   1.00 46.04 ? 57  ASN A CG  1 
ATOM   429  O  OD1 . ASN A 1 57  ? 7.584   -8.239  8.781   1.00 45.10 ? 57  ASN A OD1 1 
ATOM   430  N  ND2 . ASN A 1 57  ? 7.317   -6.016  8.523   1.00 37.22 ? 57  ASN A ND2 1 
ATOM   431  N  N   . VAL A 1 58  ? 5.029   -10.351 8.787   1.00 40.33 ? 58  VAL A N   1 
ATOM   432  C  CA  . VAL A 1 58  ? 5.624   -11.677 8.773   1.00 35.85 ? 58  VAL A CA  1 
ATOM   433  C  C   . VAL A 1 58  ? 6.255   -11.895 7.407   1.00 37.57 ? 58  VAL A C   1 
ATOM   434  O  O   . VAL A 1 58  ? 5.609   -11.643 6.382   1.00 33.70 ? 58  VAL A O   1 
ATOM   435  C  CB  . VAL A 1 58  ? 4.572   -12.770 9.046   1.00 39.69 ? 58  VAL A CB  1 
ATOM   436  C  CG1 . VAL A 1 58  ? 4.272   -12.840 10.520  1.00 37.26 ? 58  VAL A CG1 1 
ATOM   437  C  CG2 . VAL A 1 58  ? 3.285   -12.493 8.256   1.00 38.00 ? 58  VAL A CG2 1 
ATOM   438  N  N   . PRO A 1 59  ? 7.526   -12.343 7.387   1.00 39.39 ? 59  PRO A N   1 
ATOM   439  C  CA  . PRO A 1 59  ? 8.277   -12.636 6.156   1.00 34.20 ? 59  PRO A CA  1 
ATOM   440  C  C   . PRO A 1 59  ? 7.565   -13.670 5.297   1.00 31.23 ? 59  PRO A C   1 
ATOM   441  O  O   . PRO A 1 59  ? 6.918   -14.562 5.840   1.00 30.84 ? 59  PRO A O   1 
ATOM   442  C  CB  . PRO A 1 59  ? 9.583   -13.243 6.671   1.00 28.35 ? 59  PRO A CB  1 
ATOM   443  C  CG  . PRO A 1 59  ? 9.733   -12.694 8.047   1.00 41.05 ? 59  PRO A CG  1 
ATOM   444  C  CD  . PRO A 1 59  ? 8.333   -12.581 8.595   1.00 36.59 ? 59  PRO A CD  1 
ATOM   445  N  N   . ILE A 1 60  ? 7.683   -13.548 3.979   1.00 32.25 ? 60  ILE A N   1 
ATOM   446  C  CA  . ILE A 1 60  ? 7.102   -14.515 3.057   1.00 29.80 ? 60  ILE A CA  1 
ATOM   447  C  C   . ILE A 1 60  ? 8.208   -15.141 2.209   1.00 33.85 ? 60  ILE A C   1 
ATOM   448  O  O   . ILE A 1 60  ? 8.809   -14.462 1.366   1.00 35.24 ? 60  ILE A O   1 
ATOM   449  C  CB  . ILE A 1 60  ? 6.061   -13.828 2.141   1.00 35.35 ? 60  ILE A CB  1 
ATOM   450  C  CG1 . ILE A 1 60  ? 4.945   -13.198 2.986   1.00 21.44 ? 60  ILE A CG1 1 
ATOM   451  C  CG2 . ILE A 1 60  ? 5.477   -14.809 1.123   1.00 22.52 ? 60  ILE A CG2 1 
ATOM   452  C  CD1 . ILE A 1 60  ? 4.047   -12.315 2.191   1.00 32.29 ? 60  ILE A CD1 1 
ATOM   453  N  N   . PRO A 1 61  ? 8.504   -16.432 2.444   1.00 43.85 ? 61  PRO A N   1 
ATOM   454  C  CA  . PRO A 1 61  ? 9.444   -17.132 1.564   1.00 38.90 ? 61  PRO A CA  1 
ATOM   455  C  C   . PRO A 1 61  ? 8.907   -17.084 0.145   1.00 36.54 ? 61  PRO A C   1 
ATOM   456  O  O   . PRO A 1 61  ? 7.748   -17.474 -0.071  1.00 33.07 ? 61  PRO A O   1 
ATOM   457  C  CB  . PRO A 1 61  ? 9.425   -18.574 2.092   1.00 40.17 ? 61  PRO A CB  1 
ATOM   458  C  CG  . PRO A 1 61  ? 8.199   -18.669 2.956   1.00 36.56 ? 61  PRO A CG  1 
ATOM   459  C  CD  . PRO A 1 61  ? 8.021   -17.299 3.530   1.00 43.54 ? 61  PRO A CD  1 
ATOM   460  N  N   . GLY A 1 62  ? 9.718   -16.590 -0.790  1.00 33.57 ? 62  GLY A N   1 
ATOM   461  C  CA  . GLY A 1 62  ? 9.278   -16.410 -2.161  1.00 22.97 ? 62  GLY A CA  1 
ATOM   462  C  C   . GLY A 1 62  ? 8.839   -14.974 -2.419  1.00 34.30 ? 62  GLY A C   1 
ATOM   463  O  O   . GLY A 1 62  ? 8.718   -14.570 -3.573  1.00 28.89 ? 62  GLY A O   1 
ATOM   464  N  N   . GLY A 1 63  ? 8.598   -14.201 -1.357  1.00 23.44 ? 63  GLY A N   1 
ATOM   465  C  CA  . GLY A 1 63  ? 8.146   -12.830 -1.513  1.00 27.96 ? 63  GLY A CA  1 
ATOM   466  C  C   . GLY A 1 63  ? 8.872   -11.854 -0.604  1.00 30.53 ? 63  GLY A C   1 
ATOM   467  O  O   . GLY A 1 63  ? 10.074  -11.968 -0.395  1.00 39.14 ? 63  GLY A O   1 
ATOM   468  N  N   . THR A 1 64  ? 8.148   -10.881 -0.065  1.00 32.81 ? 64  THR A N   1 
ATOM   469  C  CA  . THR A 1 64  ? 8.748   -9.932  0.874   1.00 24.81 ? 64  THR A CA  1 
ATOM   470  C  C   . THR A 1 64  ? 8.171   -10.150 2.265   1.00 30.11 ? 64  THR A C   1 
ATOM   471  O  O   . THR A 1 64  ? 8.644   -11.010 3.006   1.00 32.67 ? 64  THR A O   1 
ATOM   472  C  CB  . THR A 1 64  ? 8.545   -8.479  0.421   1.00 20.16 ? 64  THR A CB  1 
ATOM   473  O  OG1 . THR A 1 64  ? 7.221   -8.329  -0.102  1.00 24.93 ? 64  THR A OG1 1 
ATOM   474  C  CG2 . THR A 1 64  ? 9.532   -8.136  -0.683  1.00 18.39 ? 64  THR A CG2 1 
ATOM   475  N  N   . THR A 1 65  ? 7.135   -9.392  2.618   1.00 30.52 ? 65  THR A N   1 
ATOM   476  C  CA  . THR A 1 65  ? 6.492   -9.542  3.925   1.00 32.27 ? 65  THR A CA  1 
ATOM   477  C  C   . THR A 1 65  ? 4.970   -9.482  3.811   1.00 29.26 ? 65  THR A C   1 
ATOM   478  O  O   . THR A 1 65  ? 4.441   -9.146  2.753   1.00 26.43 ? 65  THR A O   1 
ATOM   479  C  CB  . THR A 1 65  ? 6.973   -8.472  4.940   1.00 27.35 ? 65  THR A CB  1 
ATOM   480  O  OG1 . THR A 1 65  ? 6.834   -7.169  4.368   1.00 33.09 ? 65  THR A OG1 1 
ATOM   481  C  CG2 . THR A 1 65  ? 8.432   -8.692  5.292   1.00 30.09 ? 65  THR A CG2 1 
ATOM   482  N  N   . ALA A 1 66  ? 4.276   -9.827  4.894   1.00 28.96 ? 66  ALA A N   1 
ATOM   483  C  CA  . ALA A 1 66  ? 2.832   -9.605  4.984   1.00 29.63 ? 66  ALA A CA  1 
ATOM   484  C  C   . ALA A 1 66  ? 2.459   -8.837  6.254   1.00 29.72 ? 66  ALA A C   1 
ATOM   485  O  O   . ALA A 1 66  ? 2.794   -9.247  7.375   1.00 23.61 ? 66  ALA A O   1 
ATOM   486  C  CB  . ALA A 1 66  ? 2.067   -10.917 4.920   1.00 20.16 ? 66  ALA A CB  1 
ATOM   487  N  N   . HIS A 1 67  ? 1.755   -7.726  6.069   1.00 24.39 ? 67  HIS A N   1 
ATOM   488  C  CA  . HIS A 1 67  ? 1.208   -6.968  7.184   1.00 23.91 ? 67  HIS A CA  1 
ATOM   489  C  C   . HIS A 1 67  ? 0.029   -6.158  6.671   1.00 19.23 ? 67  HIS A C   1 
ATOM   490  O  O   . HIS A 1 67  ? -0.157  -6.041  5.460   1.00 17.92 ? 67  HIS A O   1 
ATOM   491  C  CB  . HIS A 1 67  ? 2.256   -6.016  7.728   1.00 23.82 ? 67  HIS A CB  1 
ATOM   492  C  CG  . HIS A 1 67  ? 2.802   -5.093  6.701   1.00 24.76 ? 67  HIS A CG  1 
ATOM   493  N  ND1 . HIS A 1 67  ? 2.057   -4.080  6.113   1.00 27.62 ? 67  HIS A ND1 1 
ATOM   494  C  CD2 . HIS A 1 67  ? 4.017   -5.031  6.102   1.00 19.89 ? 67  HIS A CD2 1 
ATOM   495  C  CE1 . HIS A 1 67  ? 2.778   -3.438  5.251   1.00 19.94 ? 67  HIS A CE1 1 
ATOM   496  N  NE2 . HIS A 1 67  ? 3.992   -3.985  5.215   1.00 19.68 ? 67  HIS A NE2 1 
ATOM   497  N  N   . ALA A 1 68  ? -0.740  -5.570  7.584   1.00 22.28 ? 68  ALA A N   1 
ATOM   498  C  CA  . ALA A 1 68  ? -1.824  -4.680  7.183   1.00 24.93 ? 68  ALA A CA  1 
ATOM   499  C  C   . ALA A 1 68  ? -1.251  -3.298  6.899   1.00 20.74 ? 68  ALA A C   1 
ATOM   500  O  O   . ALA A 1 68  ? -0.103  -3.040  7.223   1.00 21.40 ? 68  ALA A O   1 
ATOM   501  C  CB  . ALA A 1 68  ? -2.890  -4.615  8.247   1.00 28.38 ? 68  ALA A CB  1 
ATOM   502  N  N   . ILE A 1 69  ? -2.047  -2.415  6.299   1.00 27.76 ? 69  ILE A N   1 
ATOM   503  C  CA  . ILE A 1 69  ? -1.568  -1.088  5.913   1.00 21.65 ? 69  ILE A CA  1 
ATOM   504  C  C   . ILE A 1 69  ? -2.465  0.036   6.420   1.00 25.46 ? 69  ILE A C   1 
ATOM   505  O  O   . ILE A 1 69  ? -1.979  1.065   6.900   1.00 29.62 ? 69  ILE A O   1 
ATOM   506  C  CB  . ILE A 1 69  ? -1.469  -0.968  4.381   1.00 30.43 ? 69  ILE A CB  1 
ATOM   507  C  CG1 . ILE A 1 69  ? -0.401  -1.921  3.829   1.00 20.51 ? 69  ILE A CG1 1 
ATOM   508  C  CG2 . ILE A 1 69  ? -1.143  0.466   3.978   1.00 25.49 ? 69  ILE A CG2 1 
ATOM   509  C  CD1 . ILE A 1 69  ? -0.520  -2.095  2.337   1.00 28.07 ? 69  ILE A CD1 1 
ATOM   510  N  N   . GLY A 1 70  ? -3.774  -0.154  6.308   1.00 24.98 ? 70  GLY A N   1 
ATOM   511  C  CA  . GLY A 1 70  ? -4.719  0.886   6.683   1.00 24.37 ? 70  GLY A CA  1 
ATOM   512  C  C   . GLY A 1 70  ? -4.982  1.849   5.541   1.00 22.34 ? 70  GLY A C   1 
ATOM   513  O  O   . GLY A 1 70  ? -5.467  2.958   5.754   1.00 22.48 ? 70  GLY A O   1 
ATOM   514  N  N   . ALA A 1 71  ? -4.666  1.415   4.324   1.00 21.68 ? 71  ALA A N   1 
ATOM   515  C  CA  . ALA A 1 71  ? -4.785  2.263   3.146   1.00 18.80 ? 71  ALA A CA  1 
ATOM   516  C  C   . ALA A 1 71  ? -6.236  2.632   2.825   1.00 22.77 ? 71  ALA A C   1 
ATOM   517  O  O   . ALA A 1 71  ? -6.522  3.772   2.440   1.00 20.37 ? 71  ALA A O   1 
ATOM   518  C  CB  . ALA A 1 71  ? -4.130  1.588   1.936   1.00 21.74 ? 71  ALA A CB  1 
ATOM   519  N  N   . THR A 1 72  ? -7.151  1.676   2.961   1.00 16.90 ? 72  THR A N   1 
ATOM   520  C  CA  . THR A 1 72  ? -8.529  1.969   2.619   1.00 20.81 ? 72  THR A CA  1 
ATOM   521  C  C   . THR A 1 72  ? -9.177  2.783   3.746   1.00 20.83 ? 72  THR A C   1 
ATOM   522  O  O   . THR A 1 72  ? -9.962  3.702   3.491   1.00 19.71 ? 72  THR A O   1 
ATOM   523  C  CB  . THR A 1 72  ? -9.332  0.694   2.258   1.00 19.84 ? 72  THR A CB  1 
ATOM   524  O  OG1 . THR A 1 72  ? -8.736  0.080   1.111   1.00 23.55 ? 72  THR A OG1 1 
ATOM   525  C  CG2 . THR A 1 72  ? -10.780 1.030   1.939   1.00 14.10 ? 72  THR A CG2 1 
ATOM   526  N  N   . LEU A 1 73  ? -8.828  2.439   4.982   1.00 17.73 ? 73  LEU A N   1 
ATOM   527  C  CA  . LEU A 1 73  ? -9.209  3.222   6.148   1.00 16.88 ? 73  LEU A CA  1 
ATOM   528  C  C   . LEU A 1 73  ? -8.869  4.698   5.965   1.00 18.43 ? 73  LEU A C   1 
ATOM   529  O  O   . LEU A 1 73  ? -9.712  5.563   6.195   1.00 23.72 ? 73  LEU A O   1 
ATOM   530  C  CB  . LEU A 1 73  ? -8.516  2.684   7.392   1.00 16.35 ? 73  LEU A CB  1 
ATOM   531  C  CG  . LEU A 1 73  ? -8.682  3.510   8.666   1.00 25.90 ? 73  LEU A CG  1 
ATOM   532  C  CD1 . LEU A 1 73  ? -10.155 3.678   9.002   1.00 17.66 ? 73  LEU A CD1 1 
ATOM   533  C  CD2 . LEU A 1 73  ? -7.957  2.840   9.817   1.00 18.22 ? 73  LEU A CD2 1 
ATOM   534  N  N   . LEU A 1 74  ? -7.651  4.992   5.524   1.00 15.02 ? 74  LEU A N   1 
ATOM   535  C  CA  . LEU A 1 74  ? -7.303  6.389   5.294   1.00 21.67 ? 74  LEU A CA  1 
ATOM   536  C  C   . LEU A 1 74  ? -8.100  6.942   4.112   1.00 19.07 ? 74  LEU A C   1 
ATOM   537  O  O   . LEU A 1 74  ? -8.500  8.102   4.109   1.00 23.96 ? 74  LEU A O   1 
ATOM   538  C  CB  . LEU A 1 74  ? -5.795  6.583   5.059   1.00 10.17 ? 74  LEU A CB  1 
ATOM   539  C  CG  . LEU A 1 74  ? -4.847  6.172   6.188   1.00 18.84 ? 74  LEU A CG  1 
ATOM   540  C  CD1 . LEU A 1 74  ? -3.499  6.876   6.034   1.00 17.14 ? 74  LEU A CD1 1 
ATOM   541  C  CD2 . LEU A 1 74  ? -5.436  6.515   7.523   1.00 18.02 ? 74  LEU A CD2 1 
ATOM   542  N  N   . ALA A 1 75  ? -8.325  6.101   3.107   1.00 20.71 ? 75  ALA A N   1 
ATOM   543  C  CA  . ALA A 1 75  ? -8.959  6.544   1.877   1.00 19.53 ? 75  ALA A CA  1 
ATOM   544  C  C   . ALA A 1 75  ? -10.433 6.890   2.108   1.00 20.37 ? 75  ALA A C   1 
ATOM   545  O  O   . ALA A 1 75  ? -10.926 7.898   1.598   1.00 24.56 ? 75  ALA A O   1 
ATOM   546  C  CB  . ALA A 1 75  ? -8.811  5.494   0.783   1.00 12.95 ? 75  ALA A CB  1 
ATOM   547  N  N   . THR A 1 76  ? -11.131 6.071   2.889   1.00 16.77 ? 76  THR A N   1 
ATOM   548  C  CA  . THR A 1 76  ? -12.531 6.366   3.180   1.00 21.86 ? 76  THR A CA  1 
ATOM   549  C  C   . THR A 1 76  ? -12.703 7.570   4.096   1.00 26.76 ? 76  THR A C   1 
ATOM   550  O  O   . THR A 1 76  ? -13.735 8.220   4.050   1.00 34.63 ? 76  THR A O   1 
ATOM   551  C  CB  . THR A 1 76  ? -13.286 5.175   3.783   1.00 18.35 ? 76  THR A CB  1 
ATOM   552  O  OG1 . THR A 1 76  ? -12.684 4.802   5.018   1.00 23.95 ? 76  THR A OG1 1 
ATOM   553  C  CG2 . THR A 1 76  ? -13.248 3.993   2.830   1.00 17.41 ? 76  THR A CG2 1 
ATOM   554  N  N   . THR A 1 77  ? -11.700 7.868   4.923   1.00 29.57 ? 77  THR A N   1 
ATOM   555  C  CA  . THR A 1 77  ? -11.824 8.943   5.914   1.00 25.49 ? 77  THR A CA  1 
ATOM   556  C  C   . THR A 1 77  ? -11.172 10.241  5.469   1.00 26.34 ? 77  THR A C   1 
ATOM   557  O  O   . THR A 1 77  ? -11.615 11.312  5.852   1.00 31.49 ? 77  THR A O   1 
ATOM   558  C  CB  . THR A 1 77  ? -11.286 8.541   7.315   1.00 23.79 ? 77  THR A CB  1 
ATOM   559  O  OG1 . THR A 1 77  ? -9.876  8.316   7.239   1.00 27.81 ? 77  THR A OG1 1 
ATOM   560  C  CG2 . THR A 1 77  ? -11.964 7.268   7.800   1.00 22.49 ? 77  THR A CG2 1 
ATOM   561  N  N   . LEU A 1 78  ? -10.131 10.160  4.654   1.00 23.01 ? 78  LEU A N   1 
ATOM   562  C  CA  . LEU A 1 78  ? -9.436  11.375  4.236   1.00 23.15 ? 78  LEU A CA  1 
ATOM   563  C  C   . LEU A 1 78  ? -9.650  11.697  2.759   1.00 18.30 ? 78  LEU A C   1 
ATOM   564  O  O   . LEU A 1 78  ? -9.247  12.756  2.276   1.00 22.31 ? 78  LEU A O   1 
ATOM   565  C  CB  . LEU A 1 78  ? -7.933  11.250  4.505   1.00 16.48 ? 78  LEU A CB  1 
ATOM   566  C  CG  . LEU A 1 78  ? -7.474  10.978  5.933   1.00 20.37 ? 78  LEU A CG  1 
ATOM   567  C  CD1 . LEU A 1 78  ? -5.977  10.707  5.959   1.00 19.40 ? 78  LEU A CD1 1 
ATOM   568  C  CD2 . LEU A 1 78  ? -7.798  12.177  6.815   1.00 25.05 ? 78  LEU A CD2 1 
ATOM   569  N  N   . GLY A 1 79  ? -10.271 10.779  2.033   1.00 16.91 ? 79  GLY A N   1 
ATOM   570  C  CA  . GLY A 1 79  ? -10.227 10.842  0.585   1.00 19.37 ? 79  GLY A CA  1 
ATOM   571  C  C   . GLY A 1 79  ? -8.911  10.250  0.094   1.00 22.88 ? 79  GLY A C   1 
ATOM   572  O  O   . GLY A 1 79  ? -7.874  10.382  0.759   1.00 20.54 ? 79  GLY A O   1 
ATOM   573  N  N   . PRO A 1 80  ? -8.946  9.591   -1.076  1.00 26.80 ? 80  PRO A N   1 
ATOM   574  C  CA  . PRO A 1 80  ? -7.787  8.852   -1.605  1.00 21.01 ? 80  PRO A CA  1 
ATOM   575  C  C   . PRO A 1 80  ? -6.567  9.719   -1.882  1.00 20.21 ? 80  PRO A C   1 
ATOM   576  O  O   . PRO A 1 80  ? -5.439  9.249   -1.685  1.00 22.84 ? 80  PRO A O   1 
ATOM   577  C  CB  . PRO A 1 80  ? -8.309  8.230   -2.913  1.00 17.22 ? 80  PRO A CB  1 
ATOM   578  C  CG  . PRO A 1 80  ? -9.606  8.950   -3.209  1.00 18.21 ? 80  PRO A CG  1 
ATOM   579  C  CD  . PRO A 1 80  ? -10.158 9.370   -1.882  1.00 21.52 ? 80  PRO A CD  1 
ATOM   580  N  N   . TRP A 1 81  ? -6.773  10.948  -2.345  1.00 19.94 ? 81  TRP A N   1 
ATOM   581  C  CA  . TRP A 1 81  ? -5.640  11.826  -2.615  1.00 18.22 ? 81  TRP A CA  1 
ATOM   582  C  C   . TRP A 1 81  ? -4.875  12.153  -1.333  1.00 25.12 ? 81  TRP A C   1 
ATOM   583  O  O   . TRP A 1 81  ? -3.639  12.179  -1.342  1.00 20.98 ? 81  TRP A O   1 
ATOM   584  C  CB  . TRP A 1 81  ? -6.075  13.098  -3.342  1.00 16.62 ? 81  TRP A CB  1 
ATOM   585  C  CG  . TRP A 1 81  ? -6.683  12.818  -4.680  1.00 21.42 ? 81  TRP A CG  1 
ATOM   586  C  CD1 . TRP A 1 81  ? -7.985  13.000  -5.042  1.00 20.77 ? 81  TRP A CD1 1 
ATOM   587  C  CD2 . TRP A 1 81  ? -6.015  12.287  -5.828  1.00 22.44 ? 81  TRP A CD2 1 
ATOM   588  N  NE1 . TRP A 1 81  ? -8.166  12.626  -6.353  1.00 27.79 ? 81  TRP A NE1 1 
ATOM   589  C  CE2 . TRP A 1 81  ? -6.971  12.183  -6.858  1.00 21.08 ? 81  TRP A CE2 1 
ATOM   590  C  CE3 . TRP A 1 81  ? -4.696  11.888  -6.086  1.00 25.47 ? 81  TRP A CE3 1 
ATOM   591  C  CZ2 . TRP A 1 81  ? -6.654  11.705  -8.129  1.00 18.44 ? 81  TRP A CZ2 1 
ATOM   592  C  CZ3 . TRP A 1 81  ? -4.382  11.418  -7.345  1.00 21.06 ? 81  TRP A CZ3 1 
ATOM   593  C  CH2 . TRP A 1 81  ? -5.360  11.329  -8.353  1.00 19.83 ? 81  TRP A CH2 1 
ATOM   594  N  N   . ALA A 1 82  ? -5.597  12.401  -0.236  1.00 18.99 ? 82  ALA A N   1 
ATOM   595  C  CA  . ALA A 1 82  ? -4.927  12.670  1.030   1.00 22.08 ? 82  ALA A CA  1 
ATOM   596  C  C   . ALA A 1 82  ? -4.366  11.397  1.682   1.00 18.86 ? 82  ALA A C   1 
ATOM   597  O  O   . ALA A 1 82  ? -3.329  11.451  2.343   1.00 21.30 ? 82  ALA A O   1 
ATOM   598  C  CB  . ALA A 1 82  ? -5.827  13.422  1.998   1.00 19.10 ? 82  ALA A CB  1 
ATOM   599  N  N   . ALA A 1 83  ? -5.053  10.267  1.521   1.00 13.55 ? 83  ALA A N   1 
ATOM   600  C  CA  . ALA A 1 83  ? -4.510  8.989   1.982   1.00 16.87 ? 83  ALA A CA  1 
ATOM   601  C  C   . ALA A 1 83  ? -3.140  8.740   1.327   1.00 20.94 ? 83  ALA A C   1 
ATOM   602  O  O   . ALA A 1 83  ? -2.209  8.251   1.961   1.00 20.01 ? 83  ALA A O   1 
ATOM   603  C  CB  . ALA A 1 83  ? -5.441  7.864   1.658   1.00 15.61 ? 83  ALA A CB  1 
ATOM   604  N  N   . SER A 1 84  ? -3.048  9.131   0.063   1.00 17.55 ? 84  SER A N   1 
ATOM   605  C  CA  A SER A 1 84  ? -1.846  8.974   -0.744  0.74 18.54 ? 84  SER A CA  1 
ATOM   606  C  CA  B SER A 1 84  ? -1.851  8.960   -0.742  0.26 18.39 ? 84  SER A CA  1 
ATOM   607  C  C   . SER A 1 84  ? -0.629  9.581   -0.069  1.00 20.15 ? 84  SER A C   1 
ATOM   608  O  O   . SER A 1 84  ? 0.411   8.933   0.091   1.00 16.76 ? 84  SER A O   1 
ATOM   609  C  CB  A SER A 1 84  ? -2.050  9.674   -2.082  0.74 18.47 ? 84  SER A CB  1 
ATOM   610  C  CB  B SER A 1 84  ? -2.078  9.610   -2.104  0.26 18.64 ? 84  SER A CB  1 
ATOM   611  O  OG  A SER A 1 84  ? -1.733  8.819   -3.151  0.74 26.07 ? 84  SER A OG  1 
ATOM   612  O  OG  B SER A 1 84  ? -1.376  8.932   -3.119  0.26 25.38 ? 84  SER A OG  1 
ATOM   613  N  N   . ILE A 1 85  ? -0.770  10.842  0.320   1.00 21.79 ? 85  ILE A N   1 
ATOM   614  C  CA  . ILE A 1 85  ? 0.292   11.585  0.967   1.00 17.80 ? 85  ILE A CA  1 
ATOM   615  C  C   . ILE A 1 85  ? 0.604   11.049  2.373   1.00 19.34 ? 85  ILE A C   1 
ATOM   616  O  O   . ILE A 1 85  ? 1.768   10.849  2.723   1.00 15.66 ? 85  ILE A O   1 
ATOM   617  C  CB  . ILE A 1 85  ? -0.076  13.062  1.013   1.00 24.73 ? 85  ILE A CB  1 
ATOM   618  C  CG1 . ILE A 1 85  ? -0.203  13.573  -0.430  1.00 18.60 ? 85  ILE A CG1 1 
ATOM   619  C  CG2 . ILE A 1 85  ? 0.963   13.854  1.815   1.00 13.74 ? 85  ILE A CG2 1 
ATOM   620  C  CD1 . ILE A 1 85  ? -0.690  14.992  -0.543  1.00 26.61 ? 85  ILE A CD1 1 
ATOM   621  N  N   . SER A 1 86  ? -0.431  10.803  3.169   1.00 13.08 ? 86  SER A N   1 
ATOM   622  C  CA  . SER A 1 86  ? -0.224  10.231  4.494   1.00 20.69 ? 86  SER A CA  1 
ATOM   623  C  C   . SER A 1 86  ? 0.532   8.907   4.414   1.00 16.58 ? 86  SER A C   1 
ATOM   624  O  O   . SER A 1 86  ? 1.495   8.712   5.134   1.00 17.29 ? 86  SER A O   1 
ATOM   625  C  CB  . SER A 1 86  ? -1.555  10.024  5.217   1.00 14.59 ? 86  SER A CB  1 
ATOM   626  O  OG  . SER A 1 86  ? -2.168  11.266  5.468   1.00 24.44 ? 86  SER A OG  1 
ATOM   627  N  N   . LEU A 1 87  ? 0.091   8.016   3.525   1.00 18.35 ? 87  LEU A N   1 
ATOM   628  C  CA  . LEU A 1 87  ? 0.701   6.695   3.377   1.00 22.35 ? 87  LEU A CA  1 
ATOM   629  C  C   . LEU A 1 87  ? 2.134   6.796   2.859   1.00 22.11 ? 87  LEU A C   1 
ATOM   630  O  O   . LEU A 1 87  ? 3.022   6.070   3.321   1.00 16.07 ? 87  LEU A O   1 
ATOM   631  C  CB  . LEU A 1 87  ? -0.134  5.800   2.453   1.00 17.45 ? 87  LEU A CB  1 
ATOM   632  C  CG  . LEU A 1 87  ? -1.500  5.366   3.001   1.00 20.90 ? 87  LEU A CG  1 
ATOM   633  C  CD1 . LEU A 1 87  ? -2.454  4.996   1.843   1.00 19.37 ? 87  LEU A CD1 1 
ATOM   634  C  CD2 . LEU A 1 87  ? -1.339  4.197   3.964   1.00 16.67 ? 87  LEU A CD2 1 
ATOM   635  N  N   . THR A 1 88  ? 2.353   7.691   1.901   1.00 17.05 ? 88  THR A N   1 
ATOM   636  C  CA  . THR A 1 88  ? 3.687   7.890   1.370   1.00 20.62 ? 88  THR A CA  1 
ATOM   637  C  C   . THR A 1 88  ? 4.622   8.409   2.469   1.00 23.32 ? 88  THR A C   1 
ATOM   638  O  O   . THR A 1 88  ? 5.777   7.989   2.560   1.00 21.47 ? 88  THR A O   1 
ATOM   639  C  CB  . THR A 1 88  ? 3.674   8.837   0.164   1.00 20.46 ? 88  THR A CB  1 
ATOM   640  O  OG1 . THR A 1 88  ? 2.941   8.220   -0.892  1.00 17.50 ? 88  THR A OG1 1 
ATOM   641  C  CG2 . THR A 1 88  ? 5.078   9.106   -0.326  1.00 20.05 ? 88  THR A CG2 1 
ATOM   642  N  N   . LEU A 1 89  ? 4.110   9.293   3.320   1.00 27.26 ? 89  LEU A N   1 
ATOM   643  C  CA  . LEU A 1 89  ? 4.916   9.852   4.404   1.00 23.91 ? 89  LEU A CA  1 
ATOM   644  C  C   . LEU A 1 89  ? 5.380   8.739   5.331   1.00 25.96 ? 89  LEU A C   1 
ATOM   645  O  O   . LEU A 1 89  ? 6.570   8.638   5.635   1.00 23.52 ? 89  LEU A O   1 
ATOM   646  C  CB  . LEU A 1 89  ? 4.143   10.903  5.193   1.00 18.38 ? 89  LEU A CB  1 
ATOM   647  C  CG  . LEU A 1 89  ? 4.948   11.489  6.361   1.00 32.82 ? 89  LEU A CG  1 
ATOM   648  C  CD1 . LEU A 1 89  ? 6.182   12.235  5.864   1.00 25.87 ? 89  LEU A CD1 1 
ATOM   649  C  CD2 . LEU A 1 89  ? 4.094   12.404  7.237   1.00 21.19 ? 89  LEU A CD2 1 
ATOM   650  N  N   . ALA A 1 90  ? 4.437   7.897   5.752   1.00 20.17 ? 90  ALA A N   1 
ATOM   651  C  CA  . ALA A 1 90  ? 4.771   6.709   6.526   1.00 20.44 ? 90  ALA A CA  1 
ATOM   652  C  C   . ALA A 1 90  ? 5.861   5.847   5.875   1.00 21.56 ? 90  ALA A C   1 
ATOM   653  O  O   . ALA A 1 90  ? 6.731   5.315   6.570   1.00 21.91 ? 90  ALA A O   1 
ATOM   654  C  CB  . ALA A 1 90  ? 3.541   5.883   6.781   1.00 17.72 ? 90  ALA A CB  1 
ATOM   655  N  N   . LEU A 1 91  ? 5.817   5.705   4.554   1.00 16.47 ? 91  LEU A N   1 
ATOM   656  C  CA  . LEU A 1 91  ? 6.782   4.842   3.870   1.00 24.68 ? 91  LEU A CA  1 
ATOM   657  C  C   . LEU A 1 91  ? 8.151   5.507   3.824   1.00 24.35 ? 91  LEU A C   1 
ATOM   658  O  O   . LEU A 1 91  ? 9.190   4.840   3.888   1.00 24.60 ? 91  LEU A O   1 
ATOM   659  C  CB  . LEU A 1 91  ? 6.315   4.490   2.452   1.00 15.84 ? 91  LEU A CB  1 
ATOM   660  C  CG  . LEU A 1 91  ? 5.017   3.674   2.373   1.00 22.35 ? 91  LEU A CG  1 
ATOM   661  C  CD1 . LEU A 1 91  ? 4.498   3.625   0.956   1.00 18.15 ? 91  LEU A CD1 1 
ATOM   662  C  CD2 . LEU A 1 91  ? 5.216   2.260   2.884   1.00 17.11 ? 91  LEU A CD2 1 
ATOM   663  N  N   . PHE A 1 92  ? 8.132   6.827   3.714   1.00 19.52 ? 92  PHE A N   1 
ATOM   664  C  CA  . PHE A 1 92  ? 9.346   7.629   3.675   1.00 29.03 ? 92  PHE A CA  1 
ATOM   665  C  C   . PHE A 1 92  ? 10.084  7.494   5.011   1.00 28.99 ? 92  PHE A C   1 
ATOM   666  O  O   . PHE A 1 92  ? 11.280  7.215   5.050   1.00 25.90 ? 92  PHE A O   1 
ATOM   667  C  CB  . PHE A 1 92  ? 8.961   9.078   3.396   1.00 26.59 ? 92  PHE A CB  1 
ATOM   668  C  CG  . PHE A 1 92  ? 10.117  10.020  3.298   1.00 41.22 ? 92  PHE A CG  1 
ATOM   669  C  CD1 . PHE A 1 92  ? 10.859  10.121  2.126   1.00 40.00 ? 92  PHE A CD1 1 
ATOM   670  C  CD2 . PHE A 1 92  ? 10.434  10.856  4.366   1.00 45.74 ? 92  PHE A CD2 1 
ATOM   671  C  CE1 . PHE A 1 92  ? 11.919  11.019  2.037   1.00 53.60 ? 92  PHE A CE1 1 
ATOM   672  C  CE2 . PHE A 1 92  ? 11.494  11.757  4.280   1.00 45.40 ? 92  PHE A CE2 1 
ATOM   673  C  CZ  . PHE A 1 92  ? 12.233  11.839  3.116   1.00 45.08 ? 92  PHE A CZ  1 
ATOM   674  N  N   . ILE A 1 93  ? 9.344   7.655   6.103   1.00 28.21 ? 93  ILE A N   1 
ATOM   675  C  CA  A ILE A 1 93  ? 9.914   7.528   7.438   0.77 25.90 ? 93  ILE A CA  1 
ATOM   676  C  CA  B ILE A 1 93  ? 9.884   7.508   7.454   0.23 25.92 ? 93  ILE A CA  1 
ATOM   677  C  C   . ILE A 1 93  ? 10.448  6.103   7.695   1.00 27.34 ? 93  ILE A C   1 
ATOM   678  O  O   . ILE A 1 93  ? 11.558  5.936   8.208   1.00 29.14 ? 93  ILE A O   1 
ATOM   679  C  CB  A ILE A 1 93  ? 8.904   8.003   8.515   0.77 23.47 ? 93  ILE A CB  1 
ATOM   680  C  CB  B ILE A 1 93  ? 8.804   7.808   8.509   0.23 23.75 ? 93  ILE A CB  1 
ATOM   681  C  CG1 A ILE A 1 93  ? 8.701   9.514   8.398   0.77 24.65 ? 93  ILE A CG1 1 
ATOM   682  C  CG1 B ILE A 1 93  ? 8.308   9.245   8.368   0.23 24.91 ? 93  ILE A CG1 1 
ATOM   683  C  CG2 A ILE A 1 93  ? 9.376   7.670   9.915   0.77 23.18 ? 93  ILE A CG2 1 
ATOM   684  C  CG2 B ILE A 1 93  ? 9.338   7.572   9.913   0.23 23.34 ? 93  ILE A CG2 1 
ATOM   685  C  CD1 A ILE A 1 93  ? 7.639   10.060  9.319   0.77 21.66 ? 93  ILE A CD1 1 
ATOM   686  C  CD1 B ILE A 1 93  ? 9.302   10.286  8.829   0.23 24.48 ? 93  ILE A CD1 1 
ATOM   687  N  N   . GLN A 1 94  ? 9.679   5.088   7.308   1.00 26.76 ? 94  GLN A N   1 
ATOM   688  C  CA  . GLN A 1 94  ? 10.110  3.694   7.433   1.00 29.64 ? 94  GLN A CA  1 
ATOM   689  C  C   . GLN A 1 94  ? 11.428  3.383   6.707   1.00 32.07 ? 94  GLN A C   1 
ATOM   690  O  O   . GLN A 1 94  ? 12.277  2.655   7.227   1.00 23.60 ? 94  GLN A O   1 
ATOM   691  C  CB  . GLN A 1 94  ? 9.015   2.747   6.944   1.00 23.04 ? 94  GLN A CB  1 
ATOM   692  C  CG  . GLN A 1 94  ? 7.982   2.411   8.006   1.00 32.07 ? 94  GLN A CG  1 
ATOM   693  C  CD  . GLN A 1 94  ? 6.802   1.643   7.443   1.00 38.47 ? 94  GLN A CD  1 
ATOM   694  O  OE1 . GLN A 1 94  ? 6.350   1.897   6.313   1.00 26.78 ? 94  GLN A OE1 1 
ATOM   695  N  NE2 . GLN A 1 94  ? 6.295   0.693   8.226   1.00 41.20 ? 94  GLN A NE2 1 
ATOM   696  N  N   . ALA A 1 95  ? 11.589  3.934   5.508   1.00 28.99 ? 95  ALA A N   1 
ATOM   697  C  CA  . ALA A 1 95  ? 12.763  3.646   4.695   1.00 25.77 ? 95  ALA A CA  1 
ATOM   698  C  C   . ALA A 1 95  ? 13.972  4.459   5.162   1.00 32.08 ? 95  ALA A C   1 
ATOM   699  O  O   . ALA A 1 95  ? 15.089  3.947   5.277   1.00 29.05 ? 95  ALA A O   1 
ATOM   700  C  CB  . ALA A 1 95  ? 12.474  3.936   3.238   1.00 18.29 ? 95  ALA A CB  1 
ATOM   701  N  N   . LEU A 1 96  ? 13.730  5.734   5.438   1.00 34.79 ? 96  LEU A N   1 
ATOM   702  C  CA  . LEU A 1 96  ? 14.804  6.663   5.744   1.00 31.03 ? 96  LEU A CA  1 
ATOM   703  C  C   . LEU A 1 96  ? 15.309  6.547   7.179   1.00 30.94 ? 96  LEU A C   1 
ATOM   704  O  O   . LEU A 1 96  ? 16.502  6.682   7.425   1.00 29.44 ? 96  LEU A O   1 
ATOM   705  C  CB  . LEU A 1 96  ? 14.369  8.095   5.444   1.00 23.38 ? 96  LEU A CB  1 
ATOM   706  C  CG  . LEU A 1 96  ? 15.393  8.878   4.625   1.00 42.30 ? 96  LEU A CG  1 
ATOM   707  C  CD1 . LEU A 1 96  ? 15.646  8.184   3.290   1.00 35.24 ? 96  LEU A CD1 1 
ATOM   708  C  CD2 . LEU A 1 96  ? 14.932  10.308  4.408   1.00 53.32 ? 96  LEU A CD2 1 
ATOM   709  N  N   . LEU A 1 97  ? 14.413  6.278   8.122   1.00 31.20 ? 97  LEU A N   1 
ATOM   710  C  CA  . LEU A 1 97  ? 14.807  6.274   9.530   1.00 28.05 ? 97  LEU A CA  1 
ATOM   711  C  C   . LEU A 1 97  ? 14.871  4.867   10.144  1.00 32.18 ? 97  LEU A C   1 
ATOM   712  O  O   . LEU A 1 97  ? 15.491  4.667   11.190  1.00 29.37 ? 97  LEU A O   1 
ATOM   713  C  CB  . LEU A 1 97  ? 13.899  7.210   10.350  1.00 28.39 ? 97  LEU A CB  1 
ATOM   714  C  CG  . LEU A 1 97  ? 13.847  8.675   9.871   1.00 27.44 ? 97  LEU A CG  1 
ATOM   715  C  CD1 . LEU A 1 97  ? 13.096  9.576   10.847  1.00 20.77 ? 97  LEU A CD1 1 
ATOM   716  C  CD2 . LEU A 1 97  ? 15.253  9.231   9.646   1.00 29.51 ? 97  LEU A CD2 1 
ATOM   717  N  N   . PHE A 1 98  ? 14.264  3.887   9.483   1.00 32.84 ? 98  PHE A N   1 
ATOM   718  C  CA  . PHE A 1 98  ? 14.188  2.545   10.053  1.00 27.82 ? 98  PHE A CA  1 
ATOM   719  C  C   . PHE A 1 98  ? 14.717  1.436   9.152   1.00 28.13 ? 98  PHE A C   1 
ATOM   720  O  O   . PHE A 1 98  ? 14.810  0.284   9.580   1.00 26.80 ? 98  PHE A O   1 
ATOM   721  C  CB  . PHE A 1 98  ? 12.754  2.234   10.475  1.00 23.94 ? 98  PHE A CB  1 
ATOM   722  C  CG  . PHE A 1 98  ? 12.290  3.040   11.648  1.00 25.85 ? 98  PHE A CG  1 
ATOM   723  C  CD1 . PHE A 1 98  ? 11.767  4.317   11.472  1.00 29.09 ? 98  PHE A CD1 1 
ATOM   724  C  CD2 . PHE A 1 98  ? 12.382  2.530   12.931  1.00 23.62 ? 98  PHE A CD2 1 
ATOM   725  C  CE1 . PHE A 1 98  ? 11.343  5.062   12.555  1.00 26.01 ? 98  PHE A CE1 1 
ATOM   726  C  CE2 . PHE A 1 98  ? 11.962  3.275   14.025  1.00 20.63 ? 98  PHE A CE2 1 
ATOM   727  C  CZ  . PHE A 1 98  ? 11.443  4.536   13.840  1.00 25.58 ? 98  PHE A CZ  1 
ATOM   728  N  N   . GLY A 1 99  ? 15.047  1.777   7.910   1.00 30.94 ? 99  GLY A N   1 
ATOM   729  C  CA  . GLY A 1 99  ? 15.537  0.792   6.962   1.00 40.10 ? 99  GLY A CA  1 
ATOM   730  C  C   . GLY A 1 99  ? 14.507  -0.247  6.549   1.00 35.69 ? 99  GLY A C   1 
ATOM   731  O  O   . GLY A 1 99  ? 14.864  -1.352  6.142   1.00 44.70 ? 99  GLY A O   1 
ATOM   732  N  N   . ASP A 1 100 ? 13.228  0.100   6.658   1.00 32.71 ? 100 ASP A N   1 
ATOM   733  C  CA  . ASP A 1 100 ? 12.167  -0.826  6.292   1.00 32.71 ? 100 ASP A CA  1 
ATOM   734  C  C   . ASP A 1 100 ? 11.636  -0.456  4.911   1.00 37.61 ? 100 ASP A C   1 
ATOM   735  O  O   . ASP A 1 100 ? 10.921  0.550   4.755   1.00 27.71 ? 100 ASP A O   1 
ATOM   736  C  CB  . ASP A 1 100 ? 11.043  -0.818  7.327   1.00 26.97 ? 100 ASP A CB  1 
ATOM   737  C  CG  . ASP A 1 100 ? 10.024  -1.943  7.092   1.00 64.52 ? 100 ASP A CG  1 
ATOM   738  O  OD1 . ASP A 1 100 ? 10.307  -2.850  6.268   1.00 53.68 ? 100 ASP A OD1 1 
ATOM   739  O  OD2 . ASP A 1 100 ? 8.945   -1.920  7.735   1.00 63.93 ? 100 ASP A OD2 1 
ATOM   740  N  N   . GLY A 1 101 ? 11.995  -1.269  3.913   1.00 31.76 ? 101 GLY A N   1 
ATOM   741  C  CA  . GLY A 1 101 ? 11.763  -0.921  2.521   1.00 25.41 ? 101 GLY A CA  1 
ATOM   742  C  C   . GLY A 1 101 ? 12.897  -0.028  2.014   1.00 29.89 ? 101 GLY A C   1 
ATOM   743  O  O   . GLY A 1 101 ? 13.289  0.927   2.680   1.00 34.35 ? 101 GLY A O   1 
ATOM   744  N  N   . GLY A 1 102 ? 13.427  -0.335  0.835   1.00 25.62 ? 102 GLY A N   1 
ATOM   745  C  CA  . GLY A 1 102 ? 14.584  0.373   0.323   1.00 25.35 ? 102 GLY A CA  1 
ATOM   746  C  C   . GLY A 1 102 ? 14.297  1.806   -0.074  1.00 28.25 ? 102 GLY A C   1 
ATOM   747  O  O   . GLY A 1 102 ? 13.154  2.166   -0.372  1.00 27.16 ? 102 GLY A O   1 
ATOM   748  N  N   . ILE A 1 103 ? 15.351  2.619   -0.099  1.00 25.38 ? 103 ILE A N   1 
ATOM   749  C  CA  . ILE A 1 103 ? 15.219  4.032   -0.403  1.00 23.96 ? 103 ILE A CA  1 
ATOM   750  C  C   . ILE A 1 103 ? 14.939  4.255   -1.883  1.00 23.23 ? 103 ILE A C   1 
ATOM   751  O  O   . ILE A 1 103 ? 14.050  5.024   -2.242  1.00 30.55 ? 103 ILE A O   1 
ATOM   752  C  CB  . ILE A 1 103 ? 16.462  4.823   0.060   1.00 30.14 ? 103 ILE A CB  1 
ATOM   753  C  CG1 . ILE A 1 103 ? 16.468  4.932   1.591   1.00 39.06 ? 103 ILE A CG1 1 
ATOM   754  C  CG2 . ILE A 1 103 ? 16.466  6.200   -0.543  1.00 22.49 ? 103 ILE A CG2 1 
ATOM   755  C  CD1 . ILE A 1 103 ? 17.812  5.332   2.196   1.00 37.70 ? 103 ILE A CD1 1 
ATOM   756  N  N   . LEU A 1 104 ? 15.698  3.581   -2.738  1.00 29.22 ? 104 LEU A N   1 
ATOM   757  C  CA  . LEU A 1 104 ? 15.473  3.660   -4.181  1.00 30.07 ? 104 LEU A CA  1 
ATOM   758  C  C   . LEU A 1 104 ? 14.182  2.908   -4.559  1.00 28.12 ? 104 LEU A C   1 
ATOM   759  O  O   . LEU A 1 104 ? 13.545  3.204   -5.569  1.00 20.23 ? 104 LEU A O   1 
ATOM   760  C  CB  . LEU A 1 104 ? 16.683  3.106   -4.952  1.00 35.68 ? 104 LEU A CB  1 
ATOM   761  C  CG  . LEU A 1 104 ? 17.952  3.948   -5.182  1.00 35.10 ? 104 LEU A CG  1 
ATOM   762  C  CD1 . LEU A 1 104 ? 17.966  5.246   -4.383  1.00 34.75 ? 104 LEU A CD1 1 
ATOM   763  C  CD2 . LEU A 1 104 ? 19.215  3.134   -4.887  1.00 32.23 ? 104 LEU A CD2 1 
ATOM   764  N  N   . ALA A 1 105 ? 13.793  1.951   -3.722  1.00 25.93 ? 105 ALA A N   1 
ATOM   765  C  CA  . ALA A 1 105 ? 12.555  1.217   -3.919  1.00 20.28 ? 105 ALA A CA  1 
ATOM   766  C  C   . ALA A 1 105 ? 11.326  1.999   -3.436  1.00 27.54 ? 105 ALA A C   1 
ATOM   767  O  O   . ALA A 1 105 ? 10.212  1.470   -3.448  1.00 27.12 ? 105 ALA A O   1 
ATOM   768  C  CB  . ALA A 1 105 ? 12.628  -0.108  -3.211  1.00 18.49 ? 105 ALA A CB  1 
ATOM   769  N  N   . LEU A 1 106 ? 11.527  3.245   -3.007  1.00 24.45 ? 106 LEU A N   1 
ATOM   770  C  CA  . LEU A 1 106 ? 10.430  4.071   -2.485  1.00 25.84 ? 106 LEU A CA  1 
ATOM   771  C  C   . LEU A 1 106 ? 9.317   4.368   -3.503  1.00 23.63 ? 106 LEU A C   1 
ATOM   772  O  O   . LEU A 1 106 ? 8.142   4.380   -3.149  1.00 24.12 ? 106 LEU A O   1 
ATOM   773  C  CB  . LEU A 1 106 ? 10.956  5.388   -1.921  1.00 22.07 ? 106 LEU A CB  1 
ATOM   774  C  CG  . LEU A 1 106 ? 10.874  5.538   -0.405  1.00 23.87 ? 106 LEU A CG  1 
ATOM   775  C  CD1 . LEU A 1 106 ? 11.495  6.864   0.038   1.00 29.56 ? 106 LEU A CD1 1 
ATOM   776  C  CD2 . LEU A 1 106 ? 9.432   5.451   0.058   1.00 18.37 ? 106 LEU A CD2 1 
ATOM   777  N  N   . GLY A 1 107 ? 9.687   4.627   -4.751  1.00 18.70 ? 107 GLY A N   1 
ATOM   778  C  CA  . GLY A 1 107 ? 8.701   4.825   -5.790  1.00 17.69 ? 107 GLY A CA  1 
ATOM   779  C  C   . GLY A 1 107 ? 7.874   3.555   -5.958  1.00 24.77 ? 107 GLY A C   1 
ATOM   780  O  O   . GLY A 1 107 ? 6.653   3.619   -6.106  1.00 24.79 ? 107 GLY A O   1 
ATOM   781  N  N   . ALA A 1 108 ? 8.538   2.401   -5.925  1.00 21.29 ? 108 ALA A N   1 
ATOM   782  C  CA  . ALA A 1 108 ? 7.837   1.134   -6.053  1.00 20.58 ? 108 ALA A CA  1 
ATOM   783  C  C   . ALA A 1 108 ? 6.871   0.924   -4.899  1.00 20.25 ? 108 ALA A C   1 
ATOM   784  O  O   . ALA A 1 108 ? 5.690   0.628   -5.120  1.00 14.66 ? 108 ALA A O   1 
ATOM   785  C  CB  . ALA A 1 108 ? 8.807   -0.013  -6.128  1.00 7.50  ? 108 ALA A CB  1 
ATOM   786  N  N   . ASN A 1 109 ? 7.386   1.054   -3.678  1.00 16.12 ? 109 ASN A N   1 
ATOM   787  C  CA  . ASN A 1 109 ? 6.603   0.757   -2.492  1.00 14.84 ? 109 ASN A CA  1 
ATOM   788  C  C   . ASN A 1 109 ? 5.438   1.715   -2.303  1.00 16.91 ? 109 ASN A C   1 
ATOM   789  O  O   . ASN A 1 109 ? 4.382   1.318   -1.827  1.00 16.02 ? 109 ASN A O   1 
ATOM   790  C  CB  . ASN A 1 109 ? 7.471   0.737   -1.244  1.00 15.12 ? 109 ASN A CB  1 
ATOM   791  C  CG  . ASN A 1 109 ? 8.348   -0.475  -1.181  1.00 19.09 ? 109 ASN A CG  1 
ATOM   792  O  OD1 . ASN A 1 109 ? 7.924   -1.575  -1.559  1.00 22.72 ? 109 ASN A OD1 1 
ATOM   793  N  ND2 . ASN A 1 109 ? 9.589   -0.293  -0.703  1.00 18.51 ? 109 ASN A ND2 1 
ATOM   794  N  N   . SER A 1 110 ? 5.625   2.973   -2.678  1.00 17.17 ? 110 SER A N   1 
ATOM   795  C  CA  A SER A 1 110 ? 4.574   3.981   -2.578  0.24 18.69 ? 110 SER A CA  1 
ATOM   796  C  CA  B SER A 1 110 ? 4.536   3.920   -2.522  0.76 18.50 ? 110 SER A CA  1 
ATOM   797  C  C   . SER A 1 110 ? 3.501   3.718   -3.625  1.00 18.87 ? 110 SER A C   1 
ATOM   798  O  O   . SER A 1 110 ? 2.315   3.889   -3.386  1.00 14.54 ? 110 SER A O   1 
ATOM   799  C  CB  A SER A 1 110 ? 5.144   5.390   -2.779  0.24 20.09 ? 110 SER A CB  1 
ATOM   800  C  CB  B SER A 1 110 ? 5.034   5.366   -2.467  0.76 20.02 ? 110 SER A CB  1 
ATOM   801  O  OG  A SER A 1 110 ? 6.341   5.576   -2.046  0.24 19.34 ? 110 SER A OG  1 
ATOM   802  O  OG  B SER A 1 110 ? 5.694   5.725   -3.658  0.76 23.01 ? 110 SER A OG  1 
ATOM   803  N  N   . PHE A 1 111 ? 3.945   3.327   -4.814  1.00 19.50 ? 111 PHE A N   1 
ATOM   804  C  CA  . PHE A 1 111 ? 3.017   2.996   -5.885  1.00 19.41 ? 111 PHE A CA  1 
ATOM   805  C  C   . PHE A 1 111 ? 2.091   1.859   -5.450  1.00 20.64 ? 111 PHE A C   1 
ATOM   806  O  O   . PHE A 1 111 ? 0.878   1.912   -5.679  1.00 17.50 ? 111 PHE A O   1 
ATOM   807  C  CB  . PHE A 1 111 ? 3.760   2.588   -7.157  1.00 17.91 ? 111 PHE A CB  1 
ATOM   808  C  CG  . PHE A 1 111 ? 2.878   2.525   -8.374  1.00 19.35 ? 111 PHE A CG  1 
ATOM   809  C  CD1 . PHE A 1 111 ? 2.560   3.677   -9.066  1.00 27.57 ? 111 PHE A CD1 1 
ATOM   810  C  CD2 . PHE A 1 111 ? 2.369   1.320   -8.821  1.00 20.13 ? 111 PHE A CD2 1 
ATOM   811  C  CE1 . PHE A 1 111 ? 1.750   3.632   -10.184 1.00 29.50 ? 111 PHE A CE1 1 
ATOM   812  C  CE2 . PHE A 1 111 ? 1.566   1.275   -9.943  1.00 22.62 ? 111 PHE A CE2 1 
ATOM   813  C  CZ  . PHE A 1 111 ? 1.256   2.433   -10.622 1.00 18.35 ? 111 PHE A CZ  1 
ATOM   814  N  N   . ASN A 1 112 ? 2.655   0.833   -4.815  1.00 10.48 ? 112 ASN A N   1 
ATOM   815  C  CA  . ASN A 1 112 ? 1.815   -0.258  -4.362  1.00 13.20 ? 112 ASN A CA  1 
ATOM   816  C  C   . ASN A 1 112 ? 0.916   0.138   -3.182  1.00 16.99 ? 112 ASN A C   1 
ATOM   817  O  O   . ASN A 1 112 ? -0.306  -0.010  -3.239  1.00 10.93 ? 112 ASN A O   1 
ATOM   818  C  CB  . ASN A 1 112 ? 2.639   -1.496  -3.989  1.00 13.05 ? 112 ASN A CB  1 
ATOM   819  C  CG  . ASN A 1 112 ? 3.632   -1.911  -5.082  1.00 17.93 ? 112 ASN A CG  1 
ATOM   820  O  OD1 . ASN A 1 112 ? 4.690   -2.483  -4.780  1.00 19.74 ? 112 ASN A OD1 1 
ATOM   821  N  ND2 . ASN A 1 112 ? 3.310   -1.609  -6.341  1.00 11.07 ? 112 ASN A ND2 1 
ATOM   822  N  N   . MET A 1 113 ? 1.527   0.634   -2.111  1.00 15.07 ? 113 MET A N   1 
ATOM   823  C  CA  . MET A 1 113 ? 0.821   0.794   -0.845  1.00 14.75 ? 113 MET A CA  1 
ATOM   824  C  C   . MET A 1 113 ? 0.120   2.132   -0.700  1.00 11.25 ? 113 MET A C   1 
ATOM   825  O  O   . MET A 1 113 ? -0.882  2.224   -0.014  1.00 13.62 ? 113 MET A O   1 
ATOM   826  C  CB  . MET A 1 113 ? 1.775   0.555   0.332   1.00 10.10 ? 113 MET A CB  1 
ATOM   827  C  CG  . MET A 1 113 ? 2.193   -0.903  0.463   1.00 9.59  ? 113 MET A CG  1 
ATOM   828  S  SD  . MET A 1 113 ? 3.401   -1.236  1.770   1.00 19.83 ? 113 MET A SD  1 
ATOM   829  C  CE  . MET A 1 113 ? 4.939   -0.813  0.918   1.00 12.34 ? 113 MET A CE  1 
ATOM   830  N  N   . ALA A 1 114 ? 0.653   3.162   -1.348  1.00 16.32 ? 114 ALA A N   1 
ATOM   831  C  CA  . ALA A 1 114 ? 0.129   4.525   -1.218  1.00 15.75 ? 114 ALA A CA  1 
ATOM   832  C  C   . ALA A 1 114 ? -0.621  4.983   -2.456  1.00 15.91 ? 114 ALA A C   1 
ATOM   833  O  O   . ALA A 1 114 ? -1.086  6.121   -2.514  1.00 19.64 ? 114 ALA A O   1 
ATOM   834  C  CB  . ALA A 1 114 ? 1.256   5.524   -0.899  1.00 9.98  ? 114 ALA A CB  1 
ATOM   835  N  N   . PHE A 1 115 ? -0.723  4.119   -3.460  1.00 17.04 ? 115 PHE A N   1 
ATOM   836  C  CA  . PHE A 1 115 ? -1.538  4.446   -4.627  1.00 15.39 ? 115 PHE A CA  1 
ATOM   837  C  C   . PHE A 1 115 ? -2.555  3.355   -4.962  1.00 18.69 ? 115 PHE A C   1 
ATOM   838  O  O   . PHE A 1 115 ? -3.765  3.559   -4.821  1.00 20.23 ? 115 PHE A O   1 
ATOM   839  C  CB  . PHE A 1 115 ? -0.679  4.779   -5.849  1.00 17.40 ? 115 PHE A CB  1 
ATOM   840  C  CG  . PHE A 1 115 ? -1.485  5.115   -7.068  1.00 22.77 ? 115 PHE A CG  1 
ATOM   841  C  CD1 . PHE A 1 115 ? -2.430  6.132   -7.035  1.00 23.70 ? 115 PHE A CD1 1 
ATOM   842  C  CD2 . PHE A 1 115 ? -1.316  4.405   -8.247  1.00 30.44 ? 115 PHE A CD2 1 
ATOM   843  C  CE1 . PHE A 1 115 ? -3.192  6.437   -8.159  1.00 23.92 ? 115 PHE A CE1 1 
ATOM   844  C  CE2 . PHE A 1 115 ? -2.074  4.705   -9.375  1.00 27.00 ? 115 PHE A CE2 1 
ATOM   845  C  CZ  . PHE A 1 115 ? -3.010  5.723   -9.331  1.00 23.71 ? 115 PHE A CZ  1 
ATOM   846  N  N   . ILE A 1 116 ? -2.059  2.202   -5.407  1.00 18.43 ? 116 ILE A N   1 
ATOM   847  C  CA  A ILE A 1 116 ? -2.932  1.101   -5.788  0.47 17.76 ? 116 ILE A CA  1 
ATOM   848  C  CA  B ILE A 1 116 ? -2.905  1.069   -5.777  0.53 17.85 ? 116 ILE A CA  1 
ATOM   849  C  C   . ILE A 1 116 ? -3.839  0.664   -4.640  1.00 15.52 ? 116 ILE A C   1 
ATOM   850  O  O   . ILE A 1 116 ? -5.049  0.555   -4.819  1.00 17.01 ? 116 ILE A O   1 
ATOM   851  C  CB  A ILE A 1 116 ? -2.135  -0.093  -6.365  0.47 16.48 ? 116 ILE A CB  1 
ATOM   852  C  CB  B ILE A 1 116 ? -2.062  -0.167  -6.183  0.53 16.53 ? 116 ILE A CB  1 
ATOM   853  C  CG1 A ILE A 1 116 ? -1.714  0.223   -7.794  0.47 16.31 ? 116 ILE A CG1 1 
ATOM   854  C  CG1 B ILE A 1 116 ? -1.234  0.134   -7.428  0.53 16.67 ? 116 ILE A CG1 1 
ATOM   855  C  CG2 A ILE A 1 116 ? -2.961  -1.376  -6.352  0.47 13.19 ? 116 ILE A CG2 1 
ATOM   856  C  CG2 B ILE A 1 116 ? -2.950  -1.393  -6.413  0.53 13.16 ? 116 ILE A CG2 1 
ATOM   857  C  CD1 A ILE A 1 116 ? -0.772  -0.792  -8.379  0.47 15.98 ? 116 ILE A CD1 1 
ATOM   858  C  CD1 B ILE A 1 116 ? -2.043  0.293   -8.686  0.53 15.63 ? 116 ILE A CD1 1 
ATOM   859  N  N   . ALA A 1 117 ? -3.266  0.435   -3.464  1.00 13.26 ? 117 ALA A N   1 
ATOM   860  C  CA  . ALA A 1 117 ? -4.063  -0.005  -2.312  1.00 15.83 ? 117 ALA A CA  1 
ATOM   861  C  C   . ALA A 1 117 ? -5.249  0.919   -1.948  1.00 17.19 ? 117 ALA A C   1 
ATOM   862  O  O   . ALA A 1 117 ? -6.367  0.440   -1.814  1.00 17.28 ? 117 ALA A O   1 
ATOM   863  C  CB  . ALA A 1 117 ? -3.171  -0.277  -1.092  1.00 11.27 ? 117 ALA A CB  1 
ATOM   864  N  N   . PRO A 1 118 ? -5.012  2.240   -1.788  1.00 18.20 ? 118 PRO A N   1 
ATOM   865  C  CA  . PRO A 1 118 ? -6.158  3.061   -1.380  1.00 17.29 ? 118 PRO A CA  1 
ATOM   866  C  C   . PRO A 1 118 ? -7.105  3.393   -2.526  1.00 18.13 ? 118 PRO A C   1 
ATOM   867  O  O   . PRO A 1 118 ? -8.301  3.511   -2.294  1.00 19.16 ? 118 PRO A O   1 
ATOM   868  C  CB  . PRO A 1 118 ? -5.509  4.343   -0.829  1.00 18.55 ? 118 PRO A CB  1 
ATOM   869  C  CG  . PRO A 1 118 ? -4.197  4.418   -1.541  1.00 20.69 ? 118 PRO A CG  1 
ATOM   870  C  CD  . PRO A 1 118 ? -3.745  2.994   -1.710  1.00 15.87 ? 118 PRO A CD  1 
ATOM   871  N  N   . PHE A 1 119 ? -6.597  3.535   -3.741  1.00 17.45 ? 119 PHE A N   1 
ATOM   872  C  CA  . PHE A 1 119 ? -7.478  3.854   -4.859  1.00 12.81 ? 119 PHE A CA  1 
ATOM   873  C  C   . PHE A 1 119 ? -8.366  2.662   -5.256  1.00 15.32 ? 119 PHE A C   1 
ATOM   874  O  O   . PHE A 1 119 ? -9.561  2.818   -5.509  1.00 17.29 ? 119 PHE A O   1 
ATOM   875  C  CB  . PHE A 1 119 ? -6.682  4.411   -6.037  1.00 12.92 ? 119 PHE A CB  1 
ATOM   876  C  CG  . PHE A 1 119 ? -6.398  5.886   -5.934  1.00 22.65 ? 119 PHE A CG  1 
ATOM   877  C  CD1 . PHE A 1 119 ? -7.124  6.794   -6.692  1.00 20.30 ? 119 PHE A CD1 1 
ATOM   878  C  CD2 . PHE A 1 119 ? -5.429  6.373   -5.062  1.00 16.39 ? 119 PHE A CD2 1 
ATOM   879  C  CE1 . PHE A 1 119 ? -6.877  8.164   -6.601  1.00 20.89 ? 119 PHE A CE1 1 
ATOM   880  C  CE2 . PHE A 1 119 ? -5.180  7.741   -4.966  1.00 20.82 ? 119 PHE A CE2 1 
ATOM   881  C  CZ  . PHE A 1 119 ? -5.901  8.635   -5.740  1.00 21.53 ? 119 PHE A CZ  1 
ATOM   882  N  N   . VAL A 1 120 ? -7.789  1.467   -5.281  1.00 18.95 ? 120 VAL A N   1 
ATOM   883  C  CA  . VAL A 1 120 ? -8.576  0.255   -5.467  1.00 17.18 ? 120 VAL A CA  1 
ATOM   884  C  C   . VAL A 1 120 ? -9.542  0.062   -4.295  1.00 20.45 ? 120 VAL A C   1 
ATOM   885  O  O   . VAL A 1 120 ? -10.718 -0.238  -4.505  1.00 23.28 ? 120 VAL A O   1 
ATOM   886  C  CB  . VAL A 1 120 ? -7.675  -0.982  -5.639  1.00 16.42 ? 120 VAL A CB  1 
ATOM   887  C  CG1 . VAL A 1 120 ? -8.451  -2.269  -5.405  1.00 12.59 ? 120 VAL A CG1 1 
ATOM   888  C  CG2 . VAL A 1 120 ? -7.041  -0.961  -7.020  1.00 13.10 ? 120 VAL A CG2 1 
ATOM   889  N  N   . GLY A 1 121 ? -9.054  0.254   -3.071  1.00 17.42 ? 121 GLY A N   1 
ATOM   890  C  CA  . GLY A 1 121 ? -9.894  0.091   -1.898  1.00 16.21 ? 121 GLY A CA  1 
ATOM   891  C  C   . GLY A 1 121 ? -11.072 1.063   -1.906  1.00 20.22 ? 121 GLY A C   1 
ATOM   892  O  O   . GLY A 1 121 ? -12.210 0.680   -1.642  1.00 19.71 ? 121 GLY A O   1 
ATOM   893  N  N   . TYR A 1 122 ? -10.796 2.323   -2.218  1.00 13.27 ? 122 TYR A N   1 
ATOM   894  C  CA  . TYR A 1 122 ? -11.836 3.333   -2.273  1.00 17.99 ? 122 TYR A CA  1 
ATOM   895  C  C   . TYR A 1 122 ? -12.842 3.074   -3.410  1.00 18.13 ? 122 TYR A C   1 
ATOM   896  O  O   . TYR A 1 122 ? -14.056 3.166   -3.204  1.00 20.64 ? 122 TYR A O   1 
ATOM   897  C  CB  . TYR A 1 122 ? -11.214 4.719   -2.415  1.00 12.55 ? 122 TYR A CB  1 
ATOM   898  C  CG  . TYR A 1 122 ? -12.213 5.828   -2.370  1.00 22.71 ? 122 TYR A CG  1 
ATOM   899  C  CD1 . TYR A 1 122 ? -12.682 6.308   -1.158  1.00 21.04 ? 122 TYR A CD1 1 
ATOM   900  C  CD2 . TYR A 1 122 ? -12.690 6.413   -3.547  1.00 24.80 ? 122 TYR A CD2 1 
ATOM   901  C  CE1 . TYR A 1 122 ? -13.608 7.345   -1.111  1.00 20.88 ? 122 TYR A CE1 1 
ATOM   902  C  CE2 . TYR A 1 122 ? -13.602 7.450   -3.508  1.00 22.49 ? 122 TYR A CE2 1 
ATOM   903  C  CZ  . TYR A 1 122 ? -14.055 7.907   -2.289  1.00 25.00 ? 122 TYR A CZ  1 
ATOM   904  O  OH  . TYR A 1 122 ? -14.969 8.923   -2.248  1.00 37.75 ? 122 TYR A OH  1 
ATOM   905  N  N   . GLY A 1 123 ? -12.338 2.765   -4.602  1.00 16.65 ? 123 GLY A N   1 
ATOM   906  C  CA  . GLY A 1 123 ? -13.195 2.392   -5.713  1.00 17.68 ? 123 GLY A CA  1 
ATOM   907  C  C   . GLY A 1 123 ? -14.132 1.253   -5.347  1.00 16.19 ? 123 GLY A C   1 
ATOM   908  O  O   . GLY A 1 123 ? -15.343 1.340   -5.593  1.00 19.51 ? 123 GLY A O   1 
ATOM   909  N  N   . ILE A 1 124 ? -13.578 0.192   -4.757  1.00 12.44 ? 124 ILE A N   1 
ATOM   910  C  CA  . ILE A 1 124 ? -14.387 -0.945  -4.323  1.00 14.55 ? 124 ILE A CA  1 
ATOM   911  C  C   . ILE A 1 124 ? -15.392 -0.482  -3.267  1.00 22.42 ? 124 ILE A C   1 
ATOM   912  O  O   . ILE A 1 124 ? -16.568 -0.836  -3.318  1.00 22.49 ? 124 ILE A O   1 
ATOM   913  C  CB  . ILE A 1 124 ? -13.522 -2.079  -3.759  1.00 13.23 ? 124 ILE A CB  1 
ATOM   914  C  CG1 . ILE A 1 124 ? -12.707 -2.739  -4.879  1.00 16.44 ? 124 ILE A CG1 1 
ATOM   915  C  CG2 . ILE A 1 124 ? -14.369 -3.109  -3.055  1.00 14.75 ? 124 ILE A CG2 1 
ATOM   916  C  CD1 . ILE A 1 124 ? -13.544 -3.330  -6.012  1.00 14.50 ? 124 ILE A CD1 1 
ATOM   917  N  N   . TYR A 1 125 ? -14.916 0.333   -2.332  1.00 16.20 ? 125 TYR A N   1 
ATOM   918  C  CA  . TYR A 1 125 ? -15.749 0.895   -1.284  1.00 16.24 ? 125 TYR A CA  1 
ATOM   919  C  C   . TYR A 1 125 ? -16.972 1.627   -1.841  1.00 20.73 ? 125 TYR A C   1 
ATOM   920  O  O   . TYR A 1 125 ? -18.076 1.445   -1.342  1.00 17.93 ? 125 TYR A O   1 
ATOM   921  C  CB  . TYR A 1 125 ? -14.904 1.832   -0.420  1.00 17.46 ? 125 TYR A CB  1 
ATOM   922  C  CG  . TYR A 1 125 ? -15.648 2.828   0.440   1.00 14.83 ? 125 TYR A CG  1 
ATOM   923  C  CD1 . TYR A 1 125 ? -16.222 2.446   1.641   1.00 16.39 ? 125 TYR A CD1 1 
ATOM   924  C  CD2 . TYR A 1 125 ? -15.742 4.164   0.061   1.00 17.05 ? 125 TYR A CD2 1 
ATOM   925  C  CE1 . TYR A 1 125 ? -16.878 3.370   2.446   1.00 21.05 ? 125 TYR A CE1 1 
ATOM   926  C  CE2 . TYR A 1 125 ? -16.399 5.093   0.852   1.00 16.65 ? 125 TYR A CE2 1 
ATOM   927  C  CZ  . TYR A 1 125 ? -16.957 4.689   2.047   1.00 24.00 ? 125 TYR A CZ  1 
ATOM   928  O  OH  . TYR A 1 125 ? -17.609 5.596   2.841   1.00 31.58 ? 125 TYR A OH  1 
ATOM   929  N  N   . ARG A 1 126 ? -16.768 2.453   -2.863  1.00 20.41 ? 126 ARG A N   1 
ATOM   930  C  CA  . ARG A 1 126 ? -17.870 3.196   -3.464  1.00 26.16 ? 126 ARG A CA  1 
ATOM   931  C  C   . ARG A 1 126 ? -18.871 2.253   -4.124  1.00 28.30 ? 126 ARG A C   1 
ATOM   932  O  O   . ARG A 1 126 ? -20.080 2.506   -4.112  1.00 26.75 ? 126 ARG A O   1 
ATOM   933  C  CB  . ARG A 1 126 ? -17.365 4.197   -4.502  1.00 22.27 ? 126 ARG A CB  1 
ATOM   934  C  CG  . ARG A 1 126 ? -16.481 5.280   -3.926  1.00 25.08 ? 126 ARG A CG  1 
ATOM   935  C  CD  . ARG A 1 126 ? -17.215 6.096   -2.873  1.00 20.98 ? 126 ARG A CD  1 
ATOM   936  N  NE  . ARG A 1 126 ? -18.333 6.833   -3.451  1.00 35.56 ? 126 ARG A NE  1 
ATOM   937  C  CZ  . ARG A 1 126 ? -18.206 7.967   -4.138  1.00 42.19 ? 126 ARG A CZ  1 
ATOM   938  N  NH1 . ARG A 1 126 ? -19.281 8.577   -4.624  1.00 54.63 ? 126 ARG A NH1 1 
ATOM   939  N  NH2 . ARG A 1 126 ? -17.006 8.494   -4.344  1.00 41.92 ? 126 ARG A NH2 1 
ATOM   940  N  N   . LEU A 1 127 ? -18.358 1.164   -4.686  1.00 19.22 ? 127 LEU A N   1 
ATOM   941  C  CA  . LEU A 1 127 ? -19.189 0.186   -5.371  1.00 20.96 ? 127 LEU A CA  1 
ATOM   942  C  C   . LEU A 1 127 ? -20.134 -0.491  -4.398  1.00 25.93 ? 127 LEU A C   1 
ATOM   943  O  O   . LEU A 1 127 ? -21.329 -0.639  -4.673  1.00 28.54 ? 127 LEU A O   1 
ATOM   944  C  CB  . LEU A 1 127 ? -18.316 -0.872  -6.050  1.00 18.80 ? 127 LEU A CB  1 
ATOM   945  C  CG  . LEU A 1 127 ? -19.055 -1.936  -6.858  1.00 28.53 ? 127 LEU A CG  1 
ATOM   946  C  CD1 . LEU A 1 127 ? -19.796 -1.272  -8.002  1.00 19.50 ? 127 LEU A CD1 1 
ATOM   947  C  CD2 . LEU A 1 127 ? -18.094 -3.006  -7.377  1.00 20.78 ? 127 LEU A CD2 1 
ATOM   948  N  N   . MET A 1 128 ? -19.595 -0.902  -3.256  1.00 25.23 ? 128 MET A N   1 
ATOM   949  C  CA  . MET A 1 128 ? -20.400 -1.600  -2.268  1.00 28.04 ? 128 MET A CA  1 
ATOM   950  C  C   . MET A 1 128 ? -21.484 -0.684  -1.677  1.00 30.77 ? 128 MET A C   1 
ATOM   951  O  O   . MET A 1 128 ? -22.599 -1.134  -1.407  1.00 23.66 ? 128 MET A O   1 
ATOM   952  C  CB  . MET A 1 128 ? -19.515 -2.199  -1.182  1.00 17.08 ? 128 MET A CB  1 
ATOM   953  C  CG  . MET A 1 128 ? -18.413 -3.113  -1.708  1.00 27.35 ? 128 MET A CG  1 
ATOM   954  S  SD  . MET A 1 128 ? -19.039 -4.655  -2.422  1.00 29.57 ? 128 MET A SD  1 
ATOM   955  C  CE  . MET A 1 128 ? -18.951 -4.262  -4.165  1.00 31.58 ? 128 MET A CE  1 
ATOM   956  N  N   . LEU A 1 129 ? -21.153 0.597   -1.504  1.00 26.35 ? 129 LEU A N   1 
ATOM   957  C  CA  . LEU A 1 129 ? -22.125 1.602   -1.076  1.00 24.33 ? 129 LEU A CA  1 
ATOM   958  C  C   . LEU A 1 129 ? -23.274 1.744   -2.086  1.00 33.68 ? 129 LEU A C   1 
ATOM   959  O  O   . LEU A 1 129 ? -24.433 1.897   -1.708  1.00 36.37 ? 129 LEU A O   1 
ATOM   960  C  CB  . LEU A 1 129 ? -21.439 2.954   -0.867  1.00 22.18 ? 129 LEU A CB  1 
ATOM   961  C  CG  . LEU A 1 129 ? -20.612 3.088   0.415   1.00 26.32 ? 129 LEU A CG  1 
ATOM   962  C  CD1 . LEU A 1 129 ? -19.892 4.423   0.464   1.00 21.59 ? 129 LEU A CD1 1 
ATOM   963  C  CD2 . LEU A 1 129 ? -21.490 2.949   1.642   1.00 19.36 ? 129 LEU A CD2 1 
ATOM   964  N  N   . SER A 1 130 ? -22.945 1.671   -3.371  1.00 29.02 ? 130 SER A N   1 
ATOM   965  C  CA  . SER A 1 130 ? -23.937 1.781   -4.433  1.00 32.94 ? 130 SER A CA  1 
ATOM   966  C  C   . SER A 1 130 ? -24.788 0.509   -4.504  1.00 33.67 ? 130 SER A C   1 
ATOM   967  O  O   . SER A 1 130 ? -25.813 0.481   -5.176  1.00 36.53 ? 130 SER A O   1 
ATOM   968  C  CB  . SER A 1 130 ? -23.254 2.022   -5.785  1.00 24.59 ? 130 SER A CB  1 
ATOM   969  O  OG  . SER A 1 130 ? -22.726 0.803   -6.290  1.00 25.64 ? 130 SER A OG  1 
ATOM   970  N  N   . LEU A 1 131 ? -24.349 -0.540  -3.816  1.00 27.71 ? 131 LEU A N   1 
ATOM   971  C  CA  . LEU A 1 131 ? -25.142 -1.756  -3.677  1.00 26.62 ? 131 LEU A CA  1 
ATOM   972  C  C   . LEU A 1 131 ? -25.861 -1.731  -2.343  1.00 32.68 ? 131 LEU A C   1 
ATOM   973  O  O   . LEU A 1 131 ? -26.385 -2.753  -1.890  1.00 31.27 ? 131 LEU A O   1 
ATOM   974  C  CB  . LEU A 1 131 ? -24.262 -3.004  -3.752  1.00 19.83 ? 131 LEU A CB  1 
ATOM   975  C  CG  . LEU A 1 131 ? -23.549 -3.214  -5.080  1.00 32.80 ? 131 LEU A CG  1 
ATOM   976  C  CD1 . LEU A 1 131 ? -22.858 -4.578  -5.118  1.00 32.47 ? 131 LEU A CD1 1 
ATOM   977  C  CD2 . LEU A 1 131 ? -24.550 -3.085  -6.220  1.00 27.69 ? 131 LEU A CD2 1 
ATOM   978  N  N   . LYS A 1 132 ? -25.842 -0.560  -1.712  1.00 35.45 ? 132 LYS A N   1 
ATOM   979  C  CA  . LYS A 1 132 ? -26.563 -0.303  -0.466  1.00 41.20 ? 132 LYS A CA  1 
ATOM   980  C  C   . LYS A 1 132 ? -26.023 -1.061  0.762   1.00 36.28 ? 132 LYS A C   1 
ATOM   981  O  O   . LYS A 1 132 ? -26.742 -1.253  1.745   1.00 49.44 ? 132 LYS A O   1 
ATOM   982  C  CB  . LYS A 1 132 ? -28.084 -0.516  -0.655  1.00 47.44 ? 132 LYS A CB  1 
ATOM   983  C  CG  . LYS A 1 132 ? -28.672 0.221   -1.886  1.00 52.89 ? 132 LYS A CG  1 
ATOM   984  C  CD  . LYS A 1 132 ? -28.195 1.683   -1.964  1.00 50.29 ? 132 LYS A CD  1 
ATOM   985  C  CE  . LYS A 1 132 ? -28.286 2.240   -3.387  1.00 50.59 ? 132 LYS A CE  1 
ATOM   986  N  NZ  . LYS A 1 132 ? -27.624 3.581   -3.482  1.00 49.66 ? 132 LYS A NZ  1 
ATOM   987  N  N   . LEU A 1 133 ? -24.757 -1.469  0.720   1.00 28.50 ? 133 LEU A N   1 
ATOM   988  C  CA  . LEU A 1 133 ? -24.107 -1.991  1.921   1.00 24.88 ? 133 LEU A CA  1 
ATOM   989  C  C   . LEU A 1 133 ? -23.725 -0.831  2.828   1.00 22.51 ? 133 LEU A C   1 
ATOM   990  O  O   . LEU A 1 133 ? -23.452 0.276   2.352   1.00 26.64 ? 133 LEU A O   1 
ATOM   991  C  CB  . LEU A 1 133 ? -22.867 -2.815  1.575   1.00 28.36 ? 133 LEU A CB  1 
ATOM   992  C  CG  . LEU A 1 133 ? -23.099 -4.204  0.974   1.00 35.23 ? 133 LEU A CG  1 
ATOM   993  C  CD1 . LEU A 1 133 ? -21.777 -4.833  0.563   1.00 36.44 ? 133 LEU A CD1 1 
ATOM   994  C  CD2 . LEU A 1 133 ? -23.804 -5.097  1.974   1.00 31.32 ? 133 LEU A CD2 1 
ATOM   995  N  N   . ASN A 1 134 ? -23.722 -1.075  4.136   1.00 24.00 ? 134 ASN A N   1 
ATOM   996  C  CA  . ASN A 1 134 ? -23.339 -0.034  5.082   1.00 25.62 ? 134 ASN A CA  1 
ATOM   997  C  C   . ASN A 1 134 ? -21.837 0.278   4.989   1.00 29.24 ? 134 ASN A C   1 
ATOM   998  O  O   . ASN A 1 134 ? -21.057 -0.538  4.477   1.00 25.12 ? 134 ASN A O   1 
ATOM   999  C  CB  . ASN A 1 134 ? -23.753 -0.408  6.511   1.00 23.67 ? 134 ASN A CB  1 
ATOM   1000 C  CG  . ASN A 1 134 ? -22.944 -1.566  7.091   1.00 27.69 ? 134 ASN A CG  1 
ATOM   1001 O  OD1 . ASN A 1 134 ? -21.709 -1.581  7.050   1.00 33.64 ? 134 ASN A OD1 1 
ATOM   1002 N  ND2 . ASN A 1 134 ? -23.650 -2.529  7.669   1.00 40.00 ? 134 ASN A ND2 1 
ATOM   1003 N  N   . LYS A 1 135 ? -21.448 1.449   5.488   1.00 22.27 ? 135 LYS A N   1 
ATOM   1004 C  CA  . LYS A 1 135 ? -20.067 1.905   5.414   1.00 22.62 ? 135 LYS A CA  1 
ATOM   1005 C  C   . LYS A 1 135 ? -19.068 0.965   6.091   1.00 23.74 ? 135 LYS A C   1 
ATOM   1006 O  O   . LYS A 1 135 ? -17.950 0.815   5.617   1.00 25.76 ? 135 LYS A O   1 
ATOM   1007 C  CB  . LYS A 1 135 ? -19.932 3.310   5.997   1.00 16.57 ? 135 LYS A CB  1 
ATOM   1008 C  CG  . LYS A 1 135 ? -20.632 4.402   5.191   1.00 32.96 ? 135 LYS A CG  1 
ATOM   1009 C  CD  . LYS A 1 135 ? -20.321 5.781   5.770   1.00 24.63 ? 135 LYS A CD  1 
ATOM   1010 C  CE  . LYS A 1 135 ? -20.822 6.897   4.861   1.00 29.34 ? 135 LYS A CE  1 
ATOM   1011 N  NZ  . LYS A 1 135 ? -20.356 8.247   5.318   1.00 54.99 ? 135 LYS A NZ  1 
ATOM   1012 N  N   . VAL A 1 136 ? -19.465 0.349   7.199   1.00 20.36 ? 136 VAL A N   1 
ATOM   1013 C  CA  . VAL A 1 136 ? -18.560 -0.530  7.917   1.00 25.73 ? 136 VAL A CA  1 
ATOM   1014 C  C   . VAL A 1 136 ? -18.165 -1.715  7.035   1.00 26.53 ? 136 VAL A C   1 
ATOM   1015 O  O   . VAL A 1 136 ? -16.982 -2.015  6.882   1.00 23.28 ? 136 VAL A O   1 
ATOM   1016 C  CB  . VAL A 1 136 ? -19.162 -1.006  9.256   1.00 21.81 ? 136 VAL A CB  1 
ATOM   1017 C  CG1 . VAL A 1 136 ? -18.312 -2.097  9.866   1.00 26.56 ? 136 VAL A CG1 1 
ATOM   1018 C  CG2 . VAL A 1 136 ? -19.247 0.155   10.218  1.00 19.12 ? 136 VAL A CG2 1 
ATOM   1019 N  N   . LEU A 1 137 ? -19.164 -2.346  6.425   1.00 26.49 ? 137 LEU A N   1 
ATOM   1020 C  CA  . LEU A 1 137 ? -18.954 -3.505  5.569   1.00 30.23 ? 137 LEU A CA  1 
ATOM   1021 C  C   . LEU A 1 137 ? -18.236 -3.171  4.261   1.00 28.56 ? 137 LEU A C   1 
ATOM   1022 O  O   . LEU A 1 137 ? -17.313 -3.881  3.864   1.00 23.99 ? 137 LEU A O   1 
ATOM   1023 C  CB  . LEU A 1 137 ? -20.291 -4.170  5.256   1.00 31.94 ? 137 LEU A CB  1 
ATOM   1024 C  CG  . LEU A 1 137 ? -20.421 -5.606  5.746   1.00 48.15 ? 137 LEU A CG  1 
ATOM   1025 C  CD1 . LEU A 1 137 ? -19.374 -6.473  5.068   1.00 45.94 ? 137 LEU A CD1 1 
ATOM   1026 C  CD2 . LEU A 1 137 ? -20.264 -5.665  7.263   1.00 43.11 ? 137 LEU A CD2 1 
ATOM   1027 N  N   . SER A 1 138 ? -18.661 -2.093  3.607   1.00 18.45 ? 138 SER A N   1 
ATOM   1028 C  CA  . SER A 1 138 ? -18.087 -1.674  2.335   1.00 16.44 ? 138 SER A CA  1 
ATOM   1029 C  C   . SER A 1 138 ? -16.614 -1.306  2.481   1.00 27.70 ? 138 SER A C   1 
ATOM   1030 O  O   . SER A 1 138 ? -15.789 -1.590  1.607   1.00 21.67 ? 138 SER A O   1 
ATOM   1031 C  CB  . SER A 1 138 ? -18.827 -0.451  1.795   1.00 19.85 ? 138 SER A CB  1 
ATOM   1032 O  OG  . SER A 1 138 ? -20.229 -0.637  1.849   1.00 25.76 ? 138 SER A OG  1 
ATOM   1033 N  N   . SER A 1 139 ? -16.287 -0.640  3.579   1.00 22.55 ? 139 SER A N   1 
ATOM   1034 C  CA  . SER A 1 139 ? -14.921 -0.215  3.779   1.00 24.96 ? 139 SER A CA  1 
ATOM   1035 C  C   . SER A 1 139 ? -14.044 -1.450  4.046   1.00 23.93 ? 139 SER A C   1 
ATOM   1036 O  O   . SER A 1 139 ? -12.915 -1.522  3.583   1.00 14.56 ? 139 SER A O   1 
ATOM   1037 C  CB  . SER A 1 139 ? -14.823 0.821   4.908   1.00 21.28 ? 139 SER A CB  1 
ATOM   1038 O  OG  . SER A 1 139 ? -15.138 0.248   6.169   1.00 21.83 ? 139 SER A OG  1 
ATOM   1039 N  N   . ALA A 1 140 ? -14.582 -2.423  4.773   1.00 21.99 ? 140 ALA A N   1 
ATOM   1040 C  CA  . ALA A 1 140 ? -13.818 -3.614  5.114   1.00 18.35 ? 140 ALA A CA  1 
ATOM   1041 C  C   . ALA A 1 140 ? -13.542 -4.480  3.871   1.00 23.85 ? 140 ALA A C   1 
ATOM   1042 O  O   . ALA A 1 140 ? -12.461 -5.059  3.716   1.00 23.34 ? 140 ALA A O   1 
ATOM   1043 C  CB  . ALA A 1 140 ? -14.539 -4.408  6.169   1.00 12.74 ? 140 ALA A CB  1 
ATOM   1044 N  N   . ILE A 1 141 ? -14.525 -4.559  2.987   1.00 24.77 ? 141 ILE A N   1 
ATOM   1045 C  CA  . ILE A 1 141 ? -14.367 -5.283  1.738   1.00 23.03 ? 141 ILE A CA  1 
ATOM   1046 C  C   . ILE A 1 141 ? -13.398 -4.524  0.822   1.00 19.10 ? 141 ILE A C   1 
ATOM   1047 O  O   . ILE A 1 141 ? -12.569 -5.125  0.140   1.00 15.02 ? 141 ILE A O   1 
ATOM   1048 C  CB  . ILE A 1 141 ? -15.729 -5.482  1.050   1.00 23.06 ? 141 ILE A CB  1 
ATOM   1049 C  CG1 . ILE A 1 141 ? -16.573 -6.462  1.867   1.00 14.70 ? 141 ILE A CG1 1 
ATOM   1050 C  CG2 . ILE A 1 141 ? -15.554 -6.002  -0.365  1.00 23.71 ? 141 ILE A CG2 1 
ATOM   1051 C  CD1 . ILE A 1 141 ? -18.051 -6.404  1.538   1.00 16.52 ? 141 ILE A CD1 1 
ATOM   1052 N  N   . GLY A 1 142 ? -13.524 -3.203  0.798   1.00 16.90 ? 142 GLY A N   1 
ATOM   1053 C  CA  . GLY A 1 142 ? -12.601 -2.374  0.051   1.00 15.05 ? 142 GLY A CA  1 
ATOM   1054 C  C   . GLY A 1 142 ? -11.177 -2.570  0.565   1.00 23.20 ? 142 GLY A C   1 
ATOM   1055 O  O   . GLY A 1 142 ? -10.231 -2.565  -0.218  1.00 18.86 ? 142 GLY A O   1 
ATOM   1056 N  N   . GLY A 1 143 ? -11.027 -2.750  1.878   1.00 21.80 ? 143 GLY A N   1 
ATOM   1057 C  CA  . GLY A 1 143 ? -9.717  -2.920  2.481   1.00 19.02 ? 143 GLY A CA  1 
ATOM   1058 C  C   . GLY A 1 143 ? -9.050  -4.200  2.014   1.00 19.17 ? 143 GLY A C   1 
ATOM   1059 O  O   . GLY A 1 143 ? -7.872  -4.208  1.665   1.00 22.22 ? 143 GLY A O   1 
ATOM   1060 N  N   . TYR A 1 144 ? -9.817  -5.282  2.025   1.00 15.40 ? 144 TYR A N   1 
ATOM   1061 C  CA  . TYR A 1 144 ? -9.354  -6.584  1.591   1.00 18.45 ? 144 TYR A CA  1 
ATOM   1062 C  C   . TYR A 1 144 ? -8.887  -6.534  0.139   1.00 18.78 ? 144 TYR A C   1 
ATOM   1063 O  O   . TYR A 1 144 ? -7.836  -7.085  -0.221  1.00 14.59 ? 144 TYR A O   1 
ATOM   1064 C  CB  . TYR A 1 144 ? -10.501 -7.593  1.710   1.00 15.45 ? 144 TYR A CB  1 
ATOM   1065 C  CG  . TYR A 1 144 ? -10.141 -9.004  1.314   1.00 16.13 ? 144 TYR A CG  1 
ATOM   1066 C  CD1 . TYR A 1 144 ? -9.562  -9.868  2.225   1.00 17.01 ? 144 TYR A CD1 1 
ATOM   1067 C  CD2 . TYR A 1 144 ? -10.401 -9.479  0.037   1.00 14.92 ? 144 TYR A CD2 1 
ATOM   1068 C  CE1 . TYR A 1 144 ? -9.239  -11.171 1.882   1.00 17.59 ? 144 TYR A CE1 1 
ATOM   1069 C  CE2 . TYR A 1 144 ? -10.077 -10.792 -0.321  1.00 20.07 ? 144 TYR A CE2 1 
ATOM   1070 C  CZ  . TYR A 1 144 ? -9.491  -11.625 0.608   1.00 23.34 ? 144 TYR A CZ  1 
ATOM   1071 O  OH  . TYR A 1 144 ? -9.156  -12.913 0.279   1.00 18.79 ? 144 TYR A OH  1 
ATOM   1072 N  N   . VAL A 1 145 ? -9.694  -5.912  -0.705  1.00 13.93 ? 145 VAL A N   1 
ATOM   1073 C  CA  . VAL A 1 145 ? -9.419  -5.943  -2.126  1.00 15.79 ? 145 VAL A CA  1 
ATOM   1074 C  C   . VAL A 1 145 ? -8.226  -5.057  -2.412  1.00 14.81 ? 145 VAL A C   1 
ATOM   1075 O  O   . VAL A 1 145 ? -7.353  -5.419  -3.202  1.00 18.54 ? 145 VAL A O   1 
ATOM   1076 C  CB  . VAL A 1 145 ? -10.640 -5.507  -2.955  1.00 20.64 ? 145 VAL A CB  1 
ATOM   1077 C  CG1 . VAL A 1 145 ? -10.287 -5.448  -4.457  1.00 11.76 ? 145 VAL A CG1 1 
ATOM   1078 C  CG2 . VAL A 1 145 ? -11.769 -6.484  -2.729  1.00 18.70 ? 145 VAL A CG2 1 
ATOM   1079 N  N   . GLY A 1 146 ? -8.179  -3.908  -1.748  1.00 11.84 ? 146 GLY A N   1 
ATOM   1080 C  CA  . GLY A 1 146 ? -7.092  -2.968  -1.920  1.00 15.28 ? 146 GLY A CA  1 
ATOM   1081 C  C   . GLY A 1 146 ? -5.713  -3.521  -1.589  1.00 16.38 ? 146 GLY A C   1 
ATOM   1082 O  O   . GLY A 1 146 ? -4.779  -3.369  -2.375  1.00 21.33 ? 146 GLY A O   1 
ATOM   1083 N  N   . ILE A 1 147 ? -5.584  -4.154  -0.430  1.00 14.21 ? 147 ILE A N   1 
ATOM   1084 C  CA  . ILE A 1 147 ? -4.304  -4.697  -0.006  1.00 16.47 ? 147 ILE A CA  1 
ATOM   1085 C  C   . ILE A 1 147 ? -3.878  -5.866  -0.902  1.00 21.61 ? 147 ILE A C   1 
ATOM   1086 O  O   . ILE A 1 147 ? -2.683  -6.080  -1.138  1.00 17.84 ? 147 ILE A O   1 
ATOM   1087 C  CB  . ILE A 1 147 ? -4.324  -5.111  1.493   1.00 17.36 ? 147 ILE A CB  1 
ATOM   1088 C  CG1 . ILE A 1 147 ? -2.912  -5.362  2.019   1.00 16.61 ? 147 ILE A CG1 1 
ATOM   1089 C  CG2 . ILE A 1 147 ? -5.231  -6.334  1.734   1.00 12.29 ? 147 ILE A CG2 1 
ATOM   1090 C  CD1 . ILE A 1 147 ? -2.879  -5.539  3.520   1.00 19.32 ? 147 ILE A CD1 1 
ATOM   1091 N  N   . ASN A 1 148 ? -4.855  -6.618  -1.399  1.00 15.30 ? 148 ASN A N   1 
ATOM   1092 C  CA  . ASN A 1 148 ? -4.549  -7.717  -2.289  1.00 14.02 ? 148 ASN A CA  1 
ATOM   1093 C  C   . ASN A 1 148 ? -4.099  -7.237  -3.668  1.00 17.85 ? 148 ASN A C   1 
ATOM   1094 O  O   . ASN A 1 148 ? -3.176  -7.811  -4.255  1.00 14.82 ? 148 ASN A O   1 
ATOM   1095 C  CB  . ASN A 1 148 ? -5.702  -8.702  -2.358  1.00 10.80 ? 148 ASN A CB  1 
ATOM   1096 C  CG  . ASN A 1 148 ? -5.709  -9.652  -1.170  1.00 21.78 ? 148 ASN A CG  1 
ATOM   1097 O  OD1 . ASN A 1 148 ? -4.881  -10.561 -1.091  1.00 17.98 ? 148 ASN A OD1 1 
ATOM   1098 N  ND2 . ASN A 1 148 ? -6.639  -9.440  -0.231  1.00 18.57 ? 148 ASN A ND2 1 
ATOM   1099 N  N   . ALA A 1 149 ? -4.714  -6.165  -4.165  1.00 15.07 ? 149 ALA A N   1 
ATOM   1100 C  CA  . ALA A 1 149 ? -4.237  -5.549  -5.399  1.00 15.77 ? 149 ALA A CA  1 
ATOM   1101 C  C   . ALA A 1 149 ? -2.786  -5.038  -5.256  1.00 15.42 ? 149 ALA A C   1 
ATOM   1102 O  O   . ALA A 1 149 ? -1.994  -5.116  -6.194  1.00 16.20 ? 149 ALA A O   1 
ATOM   1103 C  CB  . ALA A 1 149 ? -5.161  -4.433  -5.843  1.00 7.44  ? 149 ALA A CB  1 
ATOM   1104 N  N   . ALA A 1 150 ? -2.444  -4.525  -4.081  1.00 14.17 ? 150 ALA A N   1 
ATOM   1105 C  CA  . ALA A 1 150 ? -1.090  -4.040  -3.841  1.00 14.21 ? 150 ALA A CA  1 
ATOM   1106 C  C   . ALA A 1 150 ? -0.127  -5.219  -3.726  1.00 13.05 ? 150 ALA A C   1 
ATOM   1107 O  O   . ALA A 1 150 ? 1.032   -5.119  -4.117  1.00 15.36 ? 150 ALA A O   1 
ATOM   1108 C  CB  . ALA A 1 150 ? -1.032  -3.166  -2.583  1.00 10.21 ? 150 ALA A CB  1 
ATOM   1109 N  N   . ALA A 1 151 ? -0.614  -6.336  -3.196  1.00 13.96 ? 151 ALA A N   1 
ATOM   1110 C  CA  . ALA A 1 151 ? 0.214   -7.520  -3.042  1.00 14.70 ? 151 ALA A CA  1 
ATOM   1111 C  C   . ALA A 1 151 ? 0.544   -8.042  -4.444  1.00 20.84 ? 151 ALA A C   1 
ATOM   1112 O  O   . ALA A 1 151 ? 1.689   -8.418  -4.728  1.00 13.70 ? 151 ALA A O   1 
ATOM   1113 C  CB  . ALA A 1 151 ? -0.500  -8.577  -2.233  1.00 9.80  ? 151 ALA A CB  1 
ATOM   1114 N  N   . LEU A 1 152 ? -0.467  -8.014  -5.316  1.00 10.68 ? 152 LEU A N   1 
ATOM   1115 C  CA  . LEU A 1 152 ? -0.352  -8.534  -6.662  1.00 14.49 ? 152 LEU A CA  1 
ATOM   1116 C  C   . LEU A 1 152 ? 0.658   -7.700  -7.422  1.00 20.57 ? 152 LEU A C   1 
ATOM   1117 O  O   . LEU A 1 152 ? 1.549   -8.251  -8.081  1.00 16.38 ? 152 LEU A O   1 
ATOM   1118 C  CB  . LEU A 1 152 ? -1.702  -8.508  -7.385  1.00 13.17 ? 152 LEU A CB  1 
ATOM   1119 C  CG  . LEU A 1 152 ? -1.773  -9.163  -8.777  1.00 16.48 ? 152 LEU A CG  1 
ATOM   1120 C  CD1 . LEU A 1 152 ? -1.229  -10.568 -8.731  1.00 11.17 ? 152 LEU A CD1 1 
ATOM   1121 C  CD2 . LEU A 1 152 ? -3.216  -9.222  -9.318  1.00 7.57  ? 152 LEU A CD2 1 
ATOM   1122 N  N   . ALA A 1 153 ? 0.521   -6.378  -7.313  1.00 11.08 ? 153 ALA A N   1 
ATOM   1123 C  CA  . ALA A 1 153 ? 1.452   -5.471  -7.961  1.00 15.40 ? 153 ALA A CA  1 
ATOM   1124 C  C   . ALA A 1 153 ? 2.889   -5.742  -7.483  1.00 14.55 ? 153 ALA A C   1 
ATOM   1125 O  O   . ALA A 1 153 ? 3.812   -5.756  -8.274  1.00 19.44 ? 153 ALA A O   1 
ATOM   1126 C  CB  . ALA A 1 153 ? 1.060   -4.019  -7.688  1.00 13.37 ? 153 ALA A CB  1 
ATOM   1127 N  N   . THR A 1 154 ? 3.056   -5.958  -6.185  1.00 11.86 ? 154 THR A N   1 
ATOM   1128 C  CA  . THR A 1 154 ? 4.357   -6.221  -5.625  1.00 16.97 ? 154 THR A CA  1 
ATOM   1129 C  C   . THR A 1 154 ? 4.890   -7.540  -6.162  1.00 15.44 ? 154 THR A C   1 
ATOM   1130 O  O   . THR A 1 154 ? 6.054   -7.634  -6.542  1.00 17.12 ? 154 THR A O   1 
ATOM   1131 C  CB  . THR A 1 154 ? 4.302   -6.272  -4.089  1.00 21.81 ? 154 THR A CB  1 
ATOM   1132 O  OG1 . THR A 1 154 ? 3.935   -4.981  -3.589  1.00 15.07 ? 154 THR A OG1 1 
ATOM   1133 C  CG2 . THR A 1 154 ? 5.661   -6.709  -3.504  1.00 10.52 ? 154 THR A CG2 1 
ATOM   1134 N  N   . ALA A 1 155 ? 4.026   -8.549  -6.201  1.00 15.21 ? 155 ALA A N   1 
ATOM   1135 C  CA  . ALA A 1 155 ? 4.434   -9.877  -6.644  1.00 14.43 ? 155 ALA A CA  1 
ATOM   1136 C  C   . ALA A 1 155 ? 4.862   -9.857  -8.108  1.00 13.10 ? 155 ALA A C   1 
ATOM   1137 O  O   . ALA A 1 155 ? 5.744   -10.602 -8.502  1.00 16.57 ? 155 ALA A O   1 
ATOM   1138 C  CB  . ALA A 1 155 ? 3.317   -10.880 -6.425  1.00 10.87 ? 155 ALA A CB  1 
ATOM   1139 N  N   . ILE A 1 156 ? 4.247   -8.981  -8.895  1.00 12.43 ? 156 ILE A N   1 
ATOM   1140 C  CA  . ILE A 1 156 ? 4.514   -8.892  -10.322 1.00 13.99 ? 156 ILE A CA  1 
ATOM   1141 C  C   . ILE A 1 156 ? 5.802   -8.115  -10.591 1.00 16.27 ? 156 ILE A C   1 
ATOM   1142 O  O   . ILE A 1 156 ? 6.577   -8.490  -11.466 1.00 18.82 ? 156 ILE A O   1 
ATOM   1143 C  CB  . ILE A 1 156 ? 3.327   -8.266  -11.087 1.00 11.02 ? 156 ILE A CB  1 
ATOM   1144 C  CG1 . ILE A 1 156 ? 2.173   -9.269  -11.184 1.00 12.54 ? 156 ILE A CG1 1 
ATOM   1145 C  CG2 . ILE A 1 156 ? 3.735   -7.849  -12.486 1.00 11.65 ? 156 ILE A CG2 1 
ATOM   1146 C  CD1 . ILE A 1 156 ? 0.871   -8.633  -11.658 1.00 11.37 ? 156 ILE A CD1 1 
ATOM   1147 N  N   . GLU A 1 157 ? 6.016   -7.031  -9.848  1.00 12.94 ? 157 GLU A N   1 
ATOM   1148 C  CA  . GLU A 1 157 ? 7.279   -6.291  -9.898  1.00 18.41 ? 157 GLU A CA  1 
ATOM   1149 C  C   . GLU A 1 157 ? 8.490   -7.176  -9.544  1.00 15.27 ? 157 GLU A C   1 
ATOM   1150 O  O   . GLU A 1 157 ? 9.511   -7.140  -10.222 1.00 21.94 ? 157 GLU A O   1 
ATOM   1151 C  CB  . GLU A 1 157 ? 7.216   -5.086  -8.954  1.00 16.84 ? 157 GLU A CB  1 
ATOM   1152 C  CG  . GLU A 1 157 ? 6.201   -4.028  -9.376  1.00 21.66 ? 157 GLU A CG  1 
ATOM   1153 C  CD  . GLU A 1 157 ? 5.759   -3.141  -8.212  1.00 23.47 ? 157 GLU A CD  1 
ATOM   1154 O  OE1 . GLU A 1 157 ? 6.356   -3.228  -7.106  1.00 20.77 ? 157 GLU A OE1 1 
ATOM   1155 O  OE2 . GLU A 1 157 ? 4.796   -2.373  -8.397  1.00 20.21 ? 157 GLU A OE2 1 
ATOM   1156 N  N   . LEU A 1 158 ? 8.364   -7.961  -8.478  1.00 11.83 ? 158 LEU A N   1 
ATOM   1157 C  CA  . LEU A 1 158 ? 9.426   -8.868  -8.057  1.00 14.47 ? 158 LEU A CA  1 
ATOM   1158 C  C   . LEU A 1 158 ? 9.629   -9.990  -9.070  1.00 17.34 ? 158 LEU A C   1 
ATOM   1159 O  O   . LEU A 1 158 ? 10.739  -10.209 -9.527  1.00 15.51 ? 158 LEU A O   1 
ATOM   1160 C  CB  . LEU A 1 158 ? 9.102   -9.472  -6.697  1.00 17.49 ? 158 LEU A CB  1 
ATOM   1161 C  CG  . LEU A 1 158 ? 9.058   -8.452  -5.554  1.00 18.88 ? 158 LEU A CG  1 
ATOM   1162 C  CD1 . LEU A 1 158 ? 8.437   -9.081  -4.321  1.00 13.05 ? 158 LEU A CD1 1 
ATOM   1163 C  CD2 . LEU A 1 158 ? 10.479  -7.957  -5.253  1.00 16.72 ? 158 LEU A CD2 1 
ATOM   1164 N  N   . GLY A 1 159 ? 8.536   -10.668 -9.433  1.00 20.82 ? 159 GLY A N   1 
ATOM   1165 C  CA  . GLY A 1 159 ? 8.557   -11.795 -10.352 1.00 14.70 ? 159 GLY A CA  1 
ATOM   1166 C  C   . GLY A 1 159 ? 9.124   -11.490 -11.724 1.00 18.30 ? 159 GLY A C   1 
ATOM   1167 O  O   . GLY A 1 159 ? 9.669   -12.373 -12.382 1.00 22.81 ? 159 GLY A O   1 
ATOM   1168 N  N   . LEU A 1 160 ? 9.005   -10.244 -12.161 1.00 19.25 ? 160 LEU A N   1 
ATOM   1169 C  CA  . LEU A 1 160 ? 9.549   -9.850  -13.453 1.00 19.88 ? 160 LEU A CA  1 
ATOM   1170 C  C   . LEU A 1 160 ? 11.075  -9.729  -13.423 1.00 18.47 ? 160 LEU A C   1 
ATOM   1171 O  O   . LEU A 1 160 ? 11.717  -9.806  -14.462 1.00 22.05 ? 160 LEU A O   1 
ATOM   1172 C  CB  . LEU A 1 160 ? 8.924   -8.531  -13.925 1.00 15.51 ? 160 LEU A CB  1 
ATOM   1173 C  CG  . LEU A 1 160 ? 7.483   -8.585  -14.468 1.00 16.88 ? 160 LEU A CG  1 
ATOM   1174 C  CD1 . LEU A 1 160 ? 6.999   -7.205  -14.883 1.00 12.88 ? 160 LEU A CD1 1 
ATOM   1175 C  CD2 . LEU A 1 160 ? 7.381   -9.528  -15.641 1.00 16.39 ? 160 LEU A CD2 1 
ATOM   1176 N  N   . GLN A 1 161 ? 11.651  -9.534  -12.239 1.00 15.81 ? 161 GLN A N   1 
ATOM   1177 C  CA  . GLN A 1 161 ? 13.101  -9.321  -12.122 1.00 23.98 ? 161 GLN A CA  1 
ATOM   1178 C  C   . GLN A 1 161 ? 13.979  -10.436 -12.731 1.00 23.98 ? 161 GLN A C   1 
ATOM   1179 O  O   . GLN A 1 161 ? 14.889  -10.139 -13.505 1.00 19.23 ? 161 GLN A O   1 
ATOM   1180 C  CB  . GLN A 1 161 ? 13.526  -9.023  -10.673 1.00 20.48 ? 161 GLN A CB  1 
ATOM   1181 C  CG  . GLN A 1 161 ? 12.882  -7.760  -10.078 1.00 16.86 ? 161 GLN A CG  1 
ATOM   1182 C  CD  . GLN A 1 161 ? 13.177  -6.522  -10.882 1.00 20.47 ? 161 GLN A CD  1 
ATOM   1183 O  OE1 . GLN A 1 161 ? 14.328  -6.061  -10.945 1.00 21.88 ? 161 GLN A OE1 1 
ATOM   1184 N  NE2 . GLN A 1 161 ? 12.138  -5.971  -11.517 1.00 15.40 ? 161 GLN A NE2 1 
ATOM   1185 N  N   . PRO A 1 162 ? 13.709  -11.714 -12.388 1.00 17.33 ? 162 PRO A N   1 
ATOM   1186 C  CA  . PRO A 1 162 ? 14.596  -12.713 -12.988 1.00 18.13 ? 162 PRO A CA  1 
ATOM   1187 C  C   . PRO A 1 162 ? 14.387  -12.819 -14.494 1.00 26.46 ? 162 PRO A C   1 
ATOM   1188 O  O   . PRO A 1 162 ? 15.304  -13.191 -15.224 1.00 27.36 ? 162 PRO A O   1 
ATOM   1189 C  CB  . PRO A 1 162 ? 14.224  -14.023 -12.276 1.00 14.87 ? 162 PRO A CB  1 
ATOM   1190 C  CG  . PRO A 1 162 ? 12.941  -13.762 -11.590 1.00 20.17 ? 162 PRO A CG  1 
ATOM   1191 C  CD  . PRO A 1 162 ? 12.769  -12.296 -11.414 1.00 16.55 ? 162 PRO A CD  1 
ATOM   1192 N  N   . LEU A 1 163 ? 13.196  -12.461 -14.955 1.00 26.73 ? 163 LEU A N   1 
ATOM   1193 C  CA  . LEU A 1 163 ? 12.870  -12.567 -16.363 1.00 20.63 ? 163 LEU A CA  1 
ATOM   1194 C  C   . LEU A 1 163 ? 13.509  -11.454 -17.175 1.00 18.34 ? 163 LEU A C   1 
ATOM   1195 O  O   . LEU A 1 163 ? 13.821  -11.629 -18.345 1.00 28.71 ? 163 LEU A O   1 
ATOM   1196 C  CB  . LEU A 1 163 ? 11.353  -12.564 -16.542 1.00 27.15 ? 163 LEU A CB  1 
ATOM   1197 C  CG  . LEU A 1 163 ? 10.808  -12.236 -17.932 1.00 39.42 ? 163 LEU A CG  1 
ATOM   1198 C  CD1 . LEU A 1 163 ? 11.165  -13.309 -18.963 1.00 25.35 ? 163 LEU A CD1 1 
ATOM   1199 C  CD2 . LEU A 1 163 ? 9.309   -12.040 -17.858 1.00 45.64 ? 163 LEU A CD2 1 
ATOM   1200 N  N   . LEU A 1 164 ? 13.719  -10.307 -16.548 1.00 21.79 ? 164 LEU A N   1 
ATOM   1201 C  CA  . LEU A 1 164 ? 14.171  -9.136  -17.278 1.00 22.49 ? 164 LEU A CA  1 
ATOM   1202 C  C   . LEU A 1 164 ? 15.619  -8.759  -16.964 1.00 26.79 ? 164 LEU A C   1 
ATOM   1203 O  O   . LEU A 1 164 ? 16.256  -8.039  -17.728 1.00 31.02 ? 164 LEU A O   1 
ATOM   1204 C  CB  . LEU A 1 164 ? 13.253  -7.949  -16.978 1.00 20.55 ? 164 LEU A CB  1 
ATOM   1205 C  CG  . LEU A 1 164 ? 11.783  -8.087  -17.371 1.00 27.49 ? 164 LEU A CG  1 
ATOM   1206 C  CD1 . LEU A 1 164 ? 10.972  -6.882  -16.872 1.00 25.54 ? 164 LEU A CD1 1 
ATOM   1207 C  CD2 . LEU A 1 164 ? 11.647  -8.218  -18.872 1.00 23.58 ? 164 LEU A CD2 1 
ATOM   1208 N  N   . PHE A 1 165 ? 16.129  -9.217  -15.829 1.00 21.84 ? 165 PHE A N   1 
ATOM   1209 C  CA  . PHE A 1 165 ? 17.461  -8.814  -15.399 1.00 19.37 ? 165 PHE A CA  1 
ATOM   1210 C  C   . PHE A 1 165 ? 18.250  -10.026 -14.932 1.00 21.74 ? 165 PHE A C   1 
ATOM   1211 O  O   . PHE A 1 165 ? 18.091  -10.506 -13.810 1.00 23.12 ? 165 PHE A O   1 
ATOM   1212 C  CB  . PHE A 1 165 ? 17.373  -7.727  -14.333 1.00 23.57 ? 165 PHE A CB  1 
ATOM   1213 C  CG  . PHE A 1 165 ? 16.495  -6.586  -14.737 1.00 26.24 ? 165 PHE A CG  1 
ATOM   1214 C  CD1 . PHE A 1 165 ? 16.951  -5.636  -15.637 1.00 21.38 ? 165 PHE A CD1 1 
ATOM   1215 C  CD2 . PHE A 1 165 ? 15.186  -6.497  -14.271 1.00 23.51 ? 165 PHE A CD2 1 
ATOM   1216 C  CE1 . PHE A 1 165 ? 16.127  -4.589  -16.042 1.00 39.21 ? 165 PHE A CE1 1 
ATOM   1217 C  CE2 . PHE A 1 165 ? 14.356  -5.465  -14.681 1.00 22.84 ? 165 PHE A CE2 1 
ATOM   1218 C  CZ  . PHE A 1 165 ? 14.823  -4.505  -15.560 1.00 25.92 ? 165 PHE A CZ  1 
ATOM   1219 N  N   . HIS A 1 166 ? 19.073  -10.531 -15.844 1.00 26.08 ? 166 HIS A N   1 
ATOM   1220 C  CA  . HIS A 1 166 ? 19.843  -11.739 -15.625 1.00 29.34 ? 166 HIS A CA  1 
ATOM   1221 C  C   . HIS A 1 166 ? 21.169  -11.674 -16.370 1.00 29.87 ? 166 HIS A C   1 
ATOM   1222 O  O   . HIS A 1 166 ? 21.333  -10.859 -17.279 1.00 26.70 ? 166 HIS A O   1 
ATOM   1223 C  CB  . HIS A 1 166 ? 19.048  -12.970 -16.055 1.00 24.86 ? 166 HIS A CB  1 
ATOM   1224 C  CG  . HIS A 1 166 ? 18.465  -12.871 -17.424 1.00 26.43 ? 166 HIS A CG  1 
ATOM   1225 N  ND1 . HIS A 1 166 ? 17.165  -12.464 -17.658 1.00 41.79 ? 166 HIS A ND1 1 
ATOM   1226 C  CD2 . HIS A 1 166 ? 18.992  -13.147 -18.645 1.00 24.82 ? 166 HIS A CD2 1 
ATOM   1227 C  CE1 . HIS A 1 166 ? 16.925  -12.488 -18.954 1.00 35.63 ? 166 HIS A CE1 1 
ATOM   1228 N  NE2 . HIS A 1 166 ? 18.009  -12.896 -19.574 1.00 25.51 ? 166 HIS A NE2 1 
ATOM   1229 N  N   . THR A 1 167 ? 22.116  -12.522 -15.974 1.00 27.41 ? 167 THR A N   1 
ATOM   1230 C  CA  . THR A 1 167 ? 23.410  -12.601 -16.658 1.00 23.92 ? 167 THR A CA  1 
ATOM   1231 C  C   . THR A 1 167 ? 23.237  -13.386 -17.960 1.00 32.03 ? 167 THR A C   1 
ATOM   1232 O  O   . THR A 1 167 ? 22.204  -14.036 -18.157 1.00 27.85 ? 167 THR A O   1 
ATOM   1233 C  CB  . THR A 1 167 ? 24.485  -13.276 -15.771 1.00 24.24 ? 167 THR A CB  1 
ATOM   1234 O  OG1 . THR A 1 167 ? 24.127  -14.641 -15.531 1.00 29.50 ? 167 THR A OG1 1 
ATOM   1235 C  CG2 . THR A 1 167 ? 24.611  -12.558 -14.436 1.00 20.71 ? 167 THR A CG2 1 
ATOM   1236 N  N   . ALA A 1 168 ? 24.237  -13.335 -18.841 1.00 33.78 ? 168 ALA A N   1 
ATOM   1237 C  CA  . ALA A 1 168 ? 24.212  -14.137 -20.072 1.00 34.22 ? 168 ALA A CA  1 
ATOM   1238 C  C   . ALA A 1 168 ? 24.006  -15.616 -19.772 1.00 30.03 ? 168 ALA A C   1 
ATOM   1239 O  O   . ALA A 1 168 ? 23.491  -16.356 -20.604 1.00 36.18 ? 168 ALA A O   1 
ATOM   1240 C  CB  . ALA A 1 168 ? 25.476  -13.940 -20.875 1.00 29.11 ? 168 ALA A CB  1 
ATOM   1241 N  N   . ASN A 1 169 ? 24.403  -16.039 -18.577 1.00 30.55 ? 169 ASN A N   1 
ATOM   1242 C  CA  . ASN A 1 169 ? 24.183  -17.415 -18.144 1.00 31.93 ? 169 ASN A CA  1 
ATOM   1243 C  C   . ASN A 1 169 ? 22.789  -17.647 -17.555 1.00 35.26 ? 169 ASN A C   1 
ATOM   1244 O  O   . ASN A 1 169 ? 22.468  -18.755 -17.134 1.00 40.16 ? 169 ASN A O   1 
ATOM   1245 C  CB  . ASN A 1 169 ? 25.267  -17.825 -17.146 1.00 35.85 ? 169 ASN A CB  1 
ATOM   1246 C  CG  . ASN A 1 169 ? 26.657  -17.808 -17.764 1.00 38.78 ? 169 ASN A CG  1 
ATOM   1247 O  OD1 . ASN A 1 169 ? 26.992  -18.673 -18.575 1.00 42.08 ? 169 ASN A OD1 1 
ATOM   1248 N  ND2 . ASN A 1 169 ? 27.470  -16.828 -17.385 1.00 30.89 ? 169 ASN A ND2 1 
ATOM   1249 N  N   . GLY A 1 170 ? 21.967  -16.598 -17.514 1.00 37.77 ? 170 GLY A N   1 
ATOM   1250 C  CA  . GLY A 1 170 ? 20.601  -16.708 -17.019 1.00 34.42 ? 170 GLY A CA  1 
ATOM   1251 C  C   . GLY A 1 170 ? 20.444  -16.608 -15.508 1.00 35.54 ? 170 GLY A C   1 
ATOM   1252 O  O   . GLY A 1 170 ? 19.463  -17.079 -14.937 1.00 43.85 ? 170 GLY A O   1 
ATOM   1253 N  N   . THR A 1 171 ? 21.421  -15.994 -14.857 1.00 28.51 ? 171 THR A N   1 
ATOM   1254 C  CA  . THR A 1 171 ? 21.408  -15.859 -13.412 1.00 33.49 ? 171 THR A CA  1 
ATOM   1255 C  C   . THR A 1 171 ? 20.785  -14.523 -13.033 1.00 27.52 ? 171 THR A C   1 
ATOM   1256 O  O   . THR A 1 171 ? 21.152  -13.495 -13.595 1.00 22.62 ? 171 THR A O   1 
ATOM   1257 C  CB  . THR A 1 171 ? 22.837  -15.915 -12.864 1.00 31.78 ? 171 THR A CB  1 
ATOM   1258 O  OG1 . THR A 1 171 ? 23.501  -17.057 -13.417 1.00 34.93 ? 171 THR A OG1 1 
ATOM   1259 C  CG2 . THR A 1 171 ? 22.821  -16.018 -11.350 1.00 21.72 ? 171 THR A CG2 1 
ATOM   1260 N  N   . PRO A 1 172 ? 19.832  -14.540 -12.088 1.00 24.36 ? 172 PRO A N   1 
ATOM   1261 C  CA  . PRO A 1 172 ? 19.129  -13.338 -11.631 1.00 25.14 ? 172 PRO A CA  1 
ATOM   1262 C  C   . PRO A 1 172 ? 20.084  -12.330 -11.015 1.00 17.65 ? 172 PRO A C   1 
ATOM   1263 O  O   . PRO A 1 172 ? 20.893  -12.707 -10.176 1.00 29.55 ? 172 PRO A O   1 
ATOM   1264 C  CB  . PRO A 1 172 ? 18.188  -13.877 -10.551 1.00 18.93 ? 172 PRO A CB  1 
ATOM   1265 C  CG  . PRO A 1 172 ? 17.923  -15.258 -10.972 1.00 24.34 ? 172 PRO A CG  1 
ATOM   1266 C  CD  . PRO A 1 172 ? 19.225  -15.762 -11.538 1.00 24.29 ? 172 PRO A CD  1 
ATOM   1267 N  N   . LEU A 1 173 ? 19.977  -11.072 -11.423 1.00 15.36 ? 173 LEU A N   1 
ATOM   1268 C  CA  . LEU A 1 173 ? 20.833  -10.008 -10.908 1.00 21.98 ? 173 LEU A CA  1 
ATOM   1269 C  C   . LEU A 1 173 ? 20.272  -9.407  -9.630  1.00 27.33 ? 173 LEU A C   1 
ATOM   1270 O  O   . LEU A 1 173 ? 20.979  -8.729  -8.891  1.00 31.75 ? 173 LEU A O   1 
ATOM   1271 C  CB  . LEU A 1 173 ? 20.984  -8.905  -11.957 1.00 22.80 ? 173 LEU A CB  1 
ATOM   1272 C  CG  . LEU A 1 173 ? 21.743  -9.285  -13.234 1.00 28.52 ? 173 LEU A CG  1 
ATOM   1273 C  CD1 . LEU A 1 173 ? 21.676  -8.165  -14.266 1.00 24.32 ? 173 LEU A CD1 1 
ATOM   1274 C  CD2 . LEU A 1 173 ? 23.185  -9.595  -12.892 1.00 20.92 ? 173 LEU A CD2 1 
ATOM   1275 N  N   . TYR A 1 174 ? 18.988  -9.647  -9.385  1.00 28.03 ? 174 TYR A N   1 
ATOM   1276 C  CA  . TYR A 1 174 ? 18.300  -9.069  -8.246  1.00 16.46 ? 174 TYR A CA  1 
ATOM   1277 C  C   . TYR A 1 174 ? 17.382  -10.126 -7.710  1.00 22.88 ? 174 TYR A C   1 
ATOM   1278 O  O   . TYR A 1 174 ? 17.811  -11.266 -7.549  1.00 26.55 ? 174 TYR A O   1 
ATOM   1279 C  CB  . TYR A 1 174 ? 17.533  -7.829  -8.687  1.00 22.57 ? 174 TYR A CB  1 
ATOM   1280 C  CG  . TYR A 1 174 ? 18.450  -6.834  -9.333  1.00 25.60 ? 174 TYR A CG  1 
ATOM   1281 C  CD1 . TYR A 1 174 ? 19.302  -6.063  -8.564  1.00 21.37 ? 174 TYR A CD1 1 
ATOM   1282 C  CD2 . TYR A 1 174 ? 18.500  -6.701  -10.711 1.00 21.18 ? 174 TYR A CD2 1 
ATOM   1283 C  CE1 . TYR A 1 174 ? 20.159  -5.166  -9.147  1.00 22.49 ? 174 TYR A CE1 1 
ATOM   1284 C  CE2 . TYR A 1 174 ? 19.354  -5.808  -11.302 1.00 23.89 ? 174 TYR A CE2 1 
ATOM   1285 C  CZ  . TYR A 1 174 ? 20.181  -5.043  -10.512 1.00 25.89 ? 174 TYR A CZ  1 
ATOM   1286 O  OH  . TYR A 1 174 ? 21.029  -4.144  -11.095 1.00 26.94 ? 174 TYR A OH  1 
ATOM   1287 N  N   . PHE A 1 175 ? 16.121  -9.773  -7.455  1.00 21.49 ? 175 PHE A N   1 
ATOM   1288 C  CA  . PHE A 1 175 ? 15.170  -10.757 -6.954  1.00 18.82 ? 175 PHE A CA  1 
ATOM   1289 C  C   . PHE A 1 175 ? 15.170  -11.992 -7.853  1.00 17.13 ? 175 PHE A C   1 
ATOM   1290 O  O   . PHE A 1 175 ? 15.016  -11.882 -9.067  1.00 15.77 ? 175 PHE A O   1 
ATOM   1291 C  CB  . PHE A 1 175 ? 13.768  -10.185 -6.872  1.00 17.39 ? 175 PHE A CB  1 
ATOM   1292 C  CG  . PHE A 1 175 ? 12.819  -11.060 -6.135  1.00 13.37 ? 175 PHE A CG  1 
ATOM   1293 C  CD1 . PHE A 1 175 ? 12.874  -11.146 -4.748  1.00 18.65 ? 175 PHE A CD1 1 
ATOM   1294 C  CD2 . PHE A 1 175 ? 11.886  -11.816 -6.813  1.00 14.44 ? 175 PHE A CD2 1 
ATOM   1295 C  CE1 . PHE A 1 175 ? 11.993  -11.953 -4.053  1.00 18.75 ? 175 PHE A CE1 1 
ATOM   1296 C  CE2 . PHE A 1 175 ? 11.005  -12.636 -6.118  1.00 20.09 ? 175 PHE A CE2 1 
ATOM   1297 C  CZ  . PHE A 1 175 ? 11.058  -12.694 -4.733  1.00 18.24 ? 175 PHE A CZ  1 
ATOM   1298 N  N   . PRO A 1 176 ? 15.360  -13.167 -7.252  1.00 19.19 ? 176 PRO A N   1 
ATOM   1299 C  CA  . PRO A 1 176 ? 15.642  -14.386 -8.020  1.00 19.19 ? 176 PRO A CA  1 
ATOM   1300 C  C   . PRO A 1 176 ? 14.419  -15.242 -8.327  1.00 20.76 ? 176 PRO A C   1 
ATOM   1301 O  O   . PRO A 1 176 ? 14.509  -16.145 -9.152  1.00 21.41 ? 176 PRO A O   1 
ATOM   1302 C  CB  . PRO A 1 176 ? 16.639  -15.155 -7.126  1.00 13.09 ? 176 PRO A CB  1 
ATOM   1303 C  CG  . PRO A 1 176 ? 16.498  -14.548 -5.730  1.00 14.66 ? 176 PRO A CG  1 
ATOM   1304 C  CD  . PRO A 1 176 ? 15.541  -13.364 -5.804  1.00 17.77 ? 176 PRO A CD  1 
ATOM   1305 N  N   . TYR A 1 177 ? 13.284  -14.973 -7.699  1.00 22.55 ? 177 TYR A N   1 
ATOM   1306 C  CA  . TYR A 1 177 ? 12.124  -15.820 -7.962  1.00 18.14 ? 177 TYR A CA  1 
ATOM   1307 C  C   . TYR A 1 177 ? 11.165  -15.200 -8.984  1.00 22.78 ? 177 TYR A C   1 
ATOM   1308 O  O   . TYR A 1 177 ? 10.875  -13.991 -8.943  1.00 20.55 ? 177 TYR A O   1 
ATOM   1309 C  CB  . TYR A 1 177 ? 11.403  -16.172 -6.663  1.00 25.03 ? 177 TYR A CB  1 
ATOM   1310 C  CG  . TYR A 1 177 ? 12.319  -16.766 -5.625  1.00 22.22 ? 177 TYR A CG  1 
ATOM   1311 C  CD1 . TYR A 1 177 ? 13.000  -17.951 -5.876  1.00 25.18 ? 177 TYR A CD1 1 
ATOM   1312 C  CD2 . TYR A 1 177 ? 12.513  -16.141 -4.394  1.00 21.96 ? 177 TYR A CD2 1 
ATOM   1313 C  CE1 . TYR A 1 177 ? 13.847  -18.500 -4.932  1.00 19.97 ? 177 TYR A CE1 1 
ATOM   1314 C  CE2 . TYR A 1 177 ? 13.351  -16.691 -3.443  1.00 25.44 ? 177 TYR A CE2 1 
ATOM   1315 C  CZ  . TYR A 1 177 ? 14.018  -17.870 -3.724  1.00 27.41 ? 177 TYR A CZ  1 
ATOM   1316 O  OH  . TYR A 1 177 ? 14.853  -18.427 -2.792  1.00 36.35 ? 177 TYR A OH  1 
ATOM   1317 N  N   . GLY A 1 178 ? 10.675  -16.036 -9.895  1.00 15.24 ? 178 GLY A N   1 
ATOM   1318 C  CA  . GLY A 1 178 ? 9.754   -15.578 -10.917 1.00 15.31 ? 178 GLY A CA  1 
ATOM   1319 C  C   . GLY A 1 178 ? 8.308   -15.494 -10.445 1.00 21.22 ? 178 GLY A C   1 
ATOM   1320 O  O   . GLY A 1 178 ? 8.001   -15.791 -9.280  1.00 14.66 ? 178 GLY A O   1 
ATOM   1321 N  N   . LEU A 1 179 ? 7.431   -15.091 -11.366 1.00 21.13 ? 179 LEU A N   1 
ATOM   1322 C  CA  . LEU A 1 179 ? 5.997   -14.950 -11.134 1.00 16.10 ? 179 LEU A CA  1 
ATOM   1323 C  C   . LEU A 1 179 ? 5.371   -16.222 -10.582 1.00 16.73 ? 179 LEU A C   1 
ATOM   1324 O  O   . LEU A 1 179 ? 4.456   -16.151 -9.754  1.00 21.36 ? 179 LEU A O   1 
ATOM   1325 C  CB  . LEU A 1 179 ? 5.306   -14.545 -12.436 1.00 14.76 ? 179 LEU A CB  1 
ATOM   1326 C  CG  . LEU A 1 179 ? 5.854   -13.215 -12.970 1.00 17.50 ? 179 LEU A CG  1 
ATOM   1327 C  CD1 . LEU A 1 179 ? 5.548   -13.061 -14.446 1.00 16.20 ? 179 LEU A CD1 1 
ATOM   1328 C  CD2 . LEU A 1 179 ? 5.282   -12.028 -12.174 1.00 11.86 ? 179 LEU A CD2 1 
ATOM   1329 N  N   . ASN A 1 180 ? 5.863   -17.372 -11.048 1.00 15.78 ? 180 ASN A N   1 
ATOM   1330 C  CA  . ASN A 1 180 ? 5.408   -18.692 -10.595 1.00 17.63 ? 180 ASN A CA  1 
ATOM   1331 C  C   . ASN A 1 180 ? 5.605   -18.884 -9.106  1.00 17.19 ? 180 ASN A C   1 
ATOM   1332 O  O   . ASN A 1 180 ? 4.865   -19.628 -8.467  1.00 14.24 ? 180 ASN A O   1 
ATOM   1333 C  CB  . ASN A 1 180 ? 6.158   -19.807 -11.327 1.00 16.27 ? 180 ASN A CB  1 
ATOM   1334 C  CG  . ASN A 1 180 ? 5.754   -19.929 -12.794 1.00 30.53 ? 180 ASN A CG  1 
ATOM   1335 O  OD1 . ASN A 1 180 ? 4.878   -19.201 -13.273 1.00 30.67 ? 180 ASN A OD1 1 
ATOM   1336 N  ND2 . ASN A 1 180 ? 6.405   -20.848 -13.518 1.00 18.20 ? 180 ASN A ND2 1 
ATOM   1337 N  N   . VAL A 1 181 ? 6.624   -18.228 -8.561  1.00 9.94  ? 181 VAL A N   1 
ATOM   1338 C  CA  . VAL A 1 181 ? 6.866   -18.295 -7.136  1.00 17.99 ? 181 VAL A CA  1 
ATOM   1339 C  C   . VAL A 1 181 ? 6.228   -17.093 -6.418  1.00 18.26 ? 181 VAL A C   1 
ATOM   1340 O  O   . VAL A 1 181 ? 5.409   -17.263 -5.519  1.00 18.46 ? 181 VAL A O   1 
ATOM   1341 C  CB  . VAL A 1 181 ? 8.387   -18.380 -6.827  1.00 25.04 ? 181 VAL A CB  1 
ATOM   1342 C  CG1 . VAL A 1 181 ? 8.652   -18.222 -5.345  1.00 13.86 ? 181 VAL A CG1 1 
ATOM   1343 C  CG2 . VAL A 1 181 ? 8.958   -19.700 -7.327  1.00 12.27 ? 181 VAL A CG2 1 
ATOM   1344 N  N   . ALA A 1 182 ? 6.581   -15.890 -6.859  1.00 18.11 ? 182 ALA A N   1 
ATOM   1345 C  CA  . ALA A 1 182 ? 6.184   -14.655 -6.183  1.00 20.07 ? 182 ALA A CA  1 
ATOM   1346 C  C   . ALA A 1 182 ? 4.667   -14.440 -6.075  1.00 18.21 ? 182 ALA A C   1 
ATOM   1347 O  O   . ALA A 1 182 ? 4.171   -13.998 -5.044  1.00 16.07 ? 182 ALA A O   1 
ATOM   1348 C  CB  . ALA A 1 182 ? 6.830   -13.470 -6.849  1.00 16.69 ? 182 ALA A CB  1 
ATOM   1349 N  N   . ILE A 1 183 ? 3.927   -14.759 -7.128  1.00 15.08 ? 183 ILE A N   1 
ATOM   1350 C  CA  . ILE A 1 183 ? 2.486   -14.548 -7.094  1.00 16.03 ? 183 ILE A CA  1 
ATOM   1351 C  C   . ILE A 1 183 ? 1.756   -15.512 -6.143  1.00 18.49 ? 183 ILE A C   1 
ATOM   1352 O  O   . ILE A 1 183 ? 0.993   -15.066 -5.295  1.00 24.28 ? 183 ILE A O   1 
ATOM   1353 C  CB  . ILE A 1 183 ? 1.866   -14.539 -8.507  1.00 15.12 ? 183 ILE A CB  1 
ATOM   1354 C  CG1 . ILE A 1 183 ? 2.212   -13.235 -9.200  1.00 8.67  ? 183 ILE A CG1 1 
ATOM   1355 C  CG2 . ILE A 1 183 ? 0.372   -14.683 -8.447  1.00 14.15 ? 183 ILE A CG2 1 
ATOM   1356 C  CD1 . ILE A 1 183 ? 1.788   -13.224 -10.649 1.00 8.62  ? 183 ILE A CD1 1 
ATOM   1357 N  N   . PRO A 1 184 ? 1.982   -16.832 -6.272  1.00 24.19 ? 184 PRO A N   1 
ATOM   1358 C  CA  . PRO A 1 184 ? 1.273   -17.675 -5.303  1.00 23.83 ? 184 PRO A CA  1 
ATOM   1359 C  C   . PRO A 1 184 ? 1.703   -17.378 -3.870  1.00 21.22 ? 184 PRO A C   1 
ATOM   1360 O  O   . PRO A 1 184 ? 0.860   -17.395 -2.979  1.00 24.88 ? 184 PRO A O   1 
ATOM   1361 C  CB  . PRO A 1 184 ? 1.685   -19.094 -5.700  1.00 16.46 ? 184 PRO A CB  1 
ATOM   1362 C  CG  . PRO A 1 184 ? 2.001   -18.981 -7.146  1.00 21.01 ? 184 PRO A CG  1 
ATOM   1363 C  CD  . PRO A 1 184 ? 2.642   -17.639 -7.316  1.00 20.60 ? 184 PRO A CD  1 
ATOM   1364 N  N   . ALA A 1 185 ? 2.983   -17.093 -3.665  1.00 15.43 ? 185 ALA A N   1 
ATOM   1365 C  CA  . ALA A 1 185 ? 3.485   -16.820 -2.331  1.00 19.60 ? 185 ALA A CA  1 
ATOM   1366 C  C   . ALA A 1 185 ? 2.863   -15.552 -1.717  1.00 22.81 ? 185 ALA A C   1 
ATOM   1367 O  O   . ALA A 1 185 ? 2.325   -15.598 -0.612  1.00 22.75 ? 185 ALA A O   1 
ATOM   1368 C  CB  . ALA A 1 185 ? 5.006   -16.722 -2.332  1.00 13.23 ? 185 ALA A CB  1 
ATOM   1369 N  N   . MET A 1 186 ? 2.945   -14.428 -2.423  1.00 22.72 ? 186 MET A N   1 
ATOM   1370 C  CA  . MET A 1 186 ? 2.424   -13.160 -1.907  1.00 18.62 ? 186 MET A CA  1 
ATOM   1371 C  C   . MET A 1 186 ? 0.901   -13.169 -1.812  1.00 20.74 ? 186 MET A C   1 
ATOM   1372 O  O   . MET A 1 186 ? 0.335   -12.658 -0.847  1.00 23.10 ? 186 MET A O   1 
ATOM   1373 C  CB  . MET A 1 186 ? 2.893   -11.976 -2.759  1.00 14.19 ? 186 MET A CB  1 
ATOM   1374 C  CG  . MET A 1 186 ? 4.382   -11.654 -2.614  1.00 17.65 ? 186 MET A CG  1 
ATOM   1375 S  SD  . MET A 1 186 ? 4.804   -10.922 -1.012  1.00 26.01 ? 186 MET A SD  1 
ATOM   1376 C  CE  . MET A 1 186 ? 4.171   -9.270  -1.292  1.00 14.29 ? 186 MET A CE  1 
ATOM   1377 N  N   . MET A 1 187 ? 0.233   -13.753 -2.804  1.00 17.31 ? 187 MET A N   1 
ATOM   1378 C  CA  . MET A 1 187 ? -1.227  -13.714 -2.824  1.00 16.91 ? 187 MET A CA  1 
ATOM   1379 C  C   . MET A 1 187 ? -1.838  -14.642 -1.783  1.00 20.59 ? 187 MET A C   1 
ATOM   1380 O  O   . MET A 1 187 ? -2.865  -14.330 -1.191  1.00 24.19 ? 187 MET A O   1 
ATOM   1381 C  CB  . MET A 1 187 ? -1.782  -14.039 -4.205  1.00 13.84 ? 187 MET A CB  1 
ATOM   1382 C  CG  . MET A 1 187 ? -1.431  -13.000 -5.223  1.00 16.00 ? 187 MET A CG  1 
ATOM   1383 S  SD  . MET A 1 187 ? -1.605  -11.317 -4.576  1.00 25.16 ? 187 MET A SD  1 
ATOM   1384 C  CE  . MET A 1 187 ? -3.397  -11.161 -4.555  1.00 13.73 ? 187 MET A CE  1 
ATOM   1385 N  N   . PHE A 1 188 ? -1.202  -15.778 -1.541  1.00 22.00 ? 188 PHE A N   1 
ATOM   1386 C  CA  . PHE A 1 188 ? -1.711  -16.685 -0.527  1.00 19.87 ? 188 PHE A CA  1 
ATOM   1387 C  C   . PHE A 1 188 ? -1.668  -16.036 0.859   1.00 23.26 ? 188 PHE A C   1 
ATOM   1388 O  O   . PHE A 1 188 ? -2.598  -16.179 1.645   1.00 28.54 ? 188 PHE A O   1 
ATOM   1389 C  CB  . PHE A 1 188 ? -0.947  -18.000 -0.508  1.00 21.94 ? 188 PHE A CB  1 
ATOM   1390 C  CG  . PHE A 1 188 ? -1.416  -18.927 0.558   1.00 30.02 ? 188 PHE A CG  1 
ATOM   1391 C  CD1 . PHE A 1 188 ? -2.515  -19.748 0.342   1.00 30.74 ? 188 PHE A CD1 1 
ATOM   1392 C  CD2 . PHE A 1 188 ? -0.788  -18.955 1.797   1.00 26.39 ? 188 PHE A CD2 1 
ATOM   1393 C  CE1 . PHE A 1 188 ? -2.970  -20.593 1.343   1.00 28.48 ? 188 PHE A CE1 1 
ATOM   1394 C  CE2 . PHE A 1 188 ? -1.234  -19.796 2.801   1.00 21.79 ? 188 PHE A CE2 1 
ATOM   1395 C  CZ  . PHE A 1 188 ? -2.326  -20.616 2.573   1.00 32.24 ? 188 PHE A CZ  1 
ATOM   1396 N  N   . ALA A 1 189 ? -0.591  -15.318 1.152   1.00 20.39 ? 189 ALA A N   1 
ATOM   1397 C  CA  . ALA A 1 189 ? -0.462  -14.651 2.442   1.00 24.27 ? 189 ALA A CA  1 
ATOM   1398 C  C   . ALA A 1 189 ? -1.494  -13.540 2.602   1.00 22.66 ? 189 ALA A C   1 
ATOM   1399 O  O   . ALA A 1 189 ? -2.019  -13.327 3.687   1.00 24.86 ? 189 ALA A O   1 
ATOM   1400 C  CB  . ALA A 1 189 ? 0.933   -14.095 2.612   1.00 17.83 ? 189 ALA A CB  1 
ATOM   1401 N  N   . HIS A 1 190 ? -1.796  -12.847 1.509   1.00 21.92 ? 190 HIS A N   1 
ATOM   1402 C  CA  . HIS A 1 190 ? -2.649  -11.668 1.585   1.00 20.70 ? 190 HIS A CA  1 
ATOM   1403 C  C   . HIS A 1 190 ? -4.124  -11.992 1.407   1.00 20.00 ? 190 HIS A C   1 
ATOM   1404 O  O   . HIS A 1 190 ? -4.981  -11.279 1.911   1.00 20.47 ? 190 HIS A O   1 
ATOM   1405 C  CB  . HIS A 1 190 ? -2.177  -10.588 0.604   1.00 16.81 ? 190 HIS A CB  1 
ATOM   1406 C  CG  . HIS A 1 190 ? -0.933  -9.905  1.031   1.00 17.30 ? 190 HIS A CG  1 
ATOM   1407 N  ND1 . HIS A 1 190 ? 0.339   -10.382 0.755   1.00 18.29 ? 190 HIS A ND1 1 
ATOM   1408 C  CD2 . HIS A 1 190 ? -0.734  -8.764  1.759   1.00 26.94 ? 190 HIS A CD2 1 
ATOM   1409 C  CE1 . HIS A 1 190 ? 1.236   -9.575  1.266   1.00 17.35 ? 190 HIS A CE1 1 
ATOM   1410 N  NE2 . HIS A 1 190 ? 0.627   -8.594  1.880   1.00 20.75 ? 190 HIS A NE2 1 
ATOM   1411 N  N   . LEU A 1 191 ? -4.419  -13.071 0.695   1.00 23.41 ? 191 LEU A N   1 
ATOM   1412 C  CA  . LEU A 1 191 ? -5.799  -13.498 0.531   1.00 22.04 ? 191 LEU A CA  1 
ATOM   1413 C  C   . LEU A 1 191 ? -6.322  -14.167 1.799   1.00 20.91 ? 191 LEU A C   1 
ATOM   1414 O  O   . LEU A 1 191 ? -7.509  -14.098 2.086   1.00 27.71 ? 191 LEU A O   1 
ATOM   1415 C  CB  . LEU A 1 191 ? -5.932  -14.462 -0.655  1.00 22.45 ? 191 LEU A CB  1 
ATOM   1416 C  CG  . LEU A 1 191 ? -5.847  -13.849 -2.054  1.00 23.66 ? 191 LEU A CG  1 
ATOM   1417 C  CD1 . LEU A 1 191 ? -5.699  -14.934 -3.102  1.00 14.11 ? 191 LEU A CD1 1 
ATOM   1418 C  CD2 . LEU A 1 191 ? -7.084  -12.994 -2.345  1.00 20.44 ? 191 LEU A CD2 1 
ATOM   1419 N  N   . THR A 1 192 ? -5.440  -14.815 2.554   1.00 23.01 ? 192 THR A N   1 
ATOM   1420 C  CA  . THR A 1 192 ? -5.887  -15.600 3.707   1.00 25.67 ? 192 THR A CA  1 
ATOM   1421 C  C   . THR A 1 192 ? -5.555  -15.045 5.094   1.00 29.86 ? 192 THR A C   1 
ATOM   1422 O  O   . THR A 1 192 ? -6.142  -15.503 6.063   1.00 41.86 ? 192 THR A O   1 
ATOM   1423 C  CB  . THR A 1 192 ? -5.409  -17.077 3.649   1.00 18.77 ? 192 THR A CB  1 
ATOM   1424 O  OG1 . THR A 1 192 ? -3.986  -17.134 3.806   1.00 30.88 ? 192 THR A OG1 1 
ATOM   1425 C  CG2 . THR A 1 192 ? -5.801  -17.710 2.344   1.00 21.56 ? 192 THR A CG2 1 
ATOM   1426 N  N   . VAL A 1 193 ? -4.618  -14.102 5.210   1.00 26.25 ? 193 VAL A N   1 
ATOM   1427 C  CA  . VAL A 1 193 ? -4.314  -13.510 6.522   1.00 21.48 ? 193 VAL A CA  1 
ATOM   1428 C  C   . VAL A 1 193 ? -4.257  -11.989 6.508   1.00 28.73 ? 193 VAL A C   1 
ATOM   1429 O  O   . VAL A 1 193 ? -5.013  -11.328 7.218   1.00 35.99 ? 193 VAL A O   1 
ATOM   1430 C  CB  . VAL A 1 193 ? -2.971  -14.002 7.145   1.00 34.11 ? 193 VAL A CB  1 
ATOM   1431 C  CG1 . VAL A 1 193 ? -2.926  -13.649 8.619   1.00 24.53 ? 193 VAL A CG1 1 
ATOM   1432 C  CG2 . VAL A 1 193 ? -2.781  -15.494 6.974   1.00 26.22 ? 193 VAL A CG2 1 
ATOM   1433 N  N   . ALA A 1 194 ? -3.342  -11.425 5.727   1.00 25.76 ? 194 ALA A N   1 
ATOM   1434 C  CA  . ALA A 1 194 ? -3.172  -9.980  5.751   1.00 23.41 ? 194 ALA A CA  1 
ATOM   1435 C  C   . ALA A 1 194 ? -4.450  -9.226  5.308   1.00 24.66 ? 194 ALA A C   1 
ATOM   1436 O  O   . ALA A 1 194 ? -4.829  -8.231  5.920   1.00 23.17 ? 194 ALA A O   1 
ATOM   1437 C  CB  . ALA A 1 194 ? -1.987  -9.576  4.925   1.00 24.52 ? 194 ALA A CB  1 
ATOM   1438 N  N   . GLY A 1 195 ? -5.123  -9.709  4.272   1.00 20.91 ? 195 GLY A N   1 
ATOM   1439 C  CA  . GLY A 1 195 ? -6.336  -9.061  3.803   1.00 19.72 ? 195 GLY A CA  1 
ATOM   1440 C  C   . GLY A 1 195 ? -7.425  -9.017  4.865   1.00 24.68 ? 195 GLY A C   1 
ATOM   1441 O  O   . GLY A 1 195 ? -8.115  -8.002  5.041   1.00 25.08 ? 195 GLY A O   1 
ATOM   1442 N  N   . ILE A 1 196 ? -7.578  -10.124 5.578   1.00 21.90 ? 196 ILE A N   1 
ATOM   1443 C  CA  . ILE A 1 196 ? -8.568  -10.213 6.636   1.00 24.66 ? 196 ILE A CA  1 
ATOM   1444 C  C   . ILE A 1 196 ? -8.254  -9.258  7.797   1.00 21.05 ? 196 ILE A C   1 
ATOM   1445 O  O   . ILE A 1 196 ? -9.122  -8.500  8.246   1.00 23.84 ? 196 ILE A O   1 
ATOM   1446 C  CB  . ILE A 1 196 ? -8.680  -11.653 7.143   1.00 29.50 ? 196 ILE A CB  1 
ATOM   1447 C  CG1 . ILE A 1 196 ? -9.239  -12.538 6.025   1.00 32.37 ? 196 ILE A CG1 1 
ATOM   1448 C  CG2 . ILE A 1 196 ? -9.567  -11.715 8.370   1.00 26.13 ? 196 ILE A CG2 1 
ATOM   1449 C  CD1 . ILE A 1 196 ? -9.074  -14.022 6.279   1.00 32.05 ? 196 ILE A CD1 1 
ATOM   1450 N  N   . VAL A 1 197 ? -7.021  -9.306  8.281   1.00 16.72 ? 197 VAL A N   1 
ATOM   1451 C  CA  . VAL A 1 197 ? -6.581  -8.380  9.303   1.00 24.22 ? 197 VAL A CA  1 
ATOM   1452 C  C   . VAL A 1 197 ? -6.857  -6.938  8.879   1.00 22.14 ? 197 VAL A C   1 
ATOM   1453 O  O   . VAL A 1 197 ? -7.377  -6.145  9.650   1.00 24.48 ? 197 VAL A O   1 
ATOM   1454 C  CB  . VAL A 1 197 ? -5.101  -8.574  9.601   1.00 19.13 ? 197 VAL A CB  1 
ATOM   1455 C  CG1 . VAL A 1 197 ? -4.594  -7.500  10.552  1.00 10.52 ? 197 VAL A CG1 1 
ATOM   1456 C  CG2 . VAL A 1 197 ? -4.906  -9.942  10.192  1.00 18.16 ? 197 VAL A CG2 1 
ATOM   1457 N  N   . GLU A 1 198 ? -6.530  -6.626  7.633   1.00 20.99 ? 198 GLU A N   1 
ATOM   1458 C  CA  . GLU A 1 198 ? -6.791  -5.316  7.072   1.00 20.14 ? 198 GLU A CA  1 
ATOM   1459 C  C   . GLU A 1 198 ? -8.293  -5.005  7.068   1.00 23.24 ? 198 GLU A C   1 
ATOM   1460 O  O   . GLU A 1 198 ? -8.707  -3.902  7.433   1.00 22.14 ? 198 GLU A O   1 
ATOM   1461 C  CB  . GLU A 1 198 ? -6.217  -5.240  5.656   1.00 14.15 ? 198 GLU A CB  1 
ATOM   1462 C  CG  . GLU A 1 198 ? -6.534  -3.971  4.879   1.00 19.10 ? 198 GLU A CG  1 
ATOM   1463 C  CD  . GLU A 1 198 ? -5.508  -2.852  5.082   1.00 27.15 ? 198 GLU A CD  1 
ATOM   1464 O  OE1 . GLU A 1 198 ? -4.545  -3.026  5.878   1.00 25.82 ? 198 GLU A OE1 1 
ATOM   1465 O  OE2 . GLU A 1 198 ? -5.675  -1.789  4.430   1.00 27.73 ? 198 GLU A OE2 1 
ATOM   1466 N  N   . ALA A 1 199 ? -9.101  -5.973  6.652   1.00 15.22 ? 199 ALA A N   1 
ATOM   1467 C  CA  . ALA A 1 199 ? -10.541 -5.773  6.596   1.00 16.46 ? 199 ALA A CA  1 
ATOM   1468 C  C   . ALA A 1 199 ? -11.071 -5.491  8.000   1.00 25.13 ? 199 ALA A C   1 
ATOM   1469 O  O   . ALA A 1 199 ? -11.828 -4.543  8.201   1.00 22.30 ? 199 ALA A O   1 
ATOM   1470 C  CB  . ALA A 1 199 ? -11.230 -6.985  6.012   1.00 13.98 ? 199 ALA A CB  1 
ATOM   1471 N  N   . VAL A 1 200 ? -10.655 -6.312  8.963   1.00 22.48 ? 200 VAL A N   1 
ATOM   1472 C  CA  . VAL A 1 200 ? -11.129 -6.194  10.332  1.00 21.19 ? 200 VAL A CA  1 
ATOM   1473 C  C   . VAL A 1 200 ? -10.771 -4.845  10.928  1.00 23.44 ? 200 VAL A C   1 
ATOM   1474 O  O   . VAL A 1 200 ? -11.631 -4.152  11.470  1.00 33.89 ? 200 VAL A O   1 
ATOM   1475 C  CB  . VAL A 1 200 ? -10.584 -7.319  11.219  1.00 27.20 ? 200 VAL A CB  1 
ATOM   1476 C  CG1 . VAL A 1 200 ? -10.680 -6.941  12.686  1.00 19.23 ? 200 VAL A CG1 1 
ATOM   1477 C  CG2 . VAL A 1 200 ? -11.350 -8.589  10.953  1.00 21.88 ? 200 VAL A CG2 1 
ATOM   1478 N  N   . ILE A 1 201 ? -9.508  -4.467  10.808  1.00 23.58 ? 201 ILE A N   1 
ATOM   1479 C  CA  . ILE A 1 201 ? -9.049  -3.187  11.322  1.00 23.83 ? 201 ILE A CA  1 
ATOM   1480 C  C   . ILE A 1 201 ? -9.770  -2.017  10.644  1.00 21.49 ? 201 ILE A C   1 
ATOM   1481 O  O   . ILE A 1 201 ? -10.117 -1.033  11.291  1.00 22.94 ? 201 ILE A O   1 
ATOM   1482 C  CB  . ILE A 1 201 ? -7.522  -3.059  11.177  1.00 23.16 ? 201 ILE A CB  1 
ATOM   1483 C  CG1 . ILE A 1 201 ? -6.826  -4.034  12.132  1.00 24.25 ? 201 ILE A CG1 1 
ATOM   1484 C  CG2 . ILE A 1 201 ? -7.071  -1.649  11.462  1.00 21.01 ? 201 ILE A CG2 1 
ATOM   1485 C  CD1 . ILE A 1 201 ? -5.310  -4.085  11.960  1.00 15.14 ? 201 ILE A CD1 1 
ATOM   1486 N  N   . THR A 1 202 ? -10.012 -2.130  9.345   1.00 22.65 ? 202 THR A N   1 
ATOM   1487 C  CA  . THR A 1 202 ? -10.698 -1.069  8.615   1.00 27.09 ? 202 THR A CA  1 
ATOM   1488 C  C   . THR A 1 202 ? -12.137 -0.894  9.130   1.00 26.63 ? 202 THR A C   1 
ATOM   1489 O  O   . THR A 1 202 ? -12.535 0.202   9.524   1.00 20.31 ? 202 THR A O   1 
ATOM   1490 C  CB  . THR A 1 202 ? -10.700 -1.361  7.111   1.00 17.62 ? 202 THR A CB  1 
ATOM   1491 O  OG1 . THR A 1 202 ? -9.352  -1.577  6.676   1.00 28.04 ? 202 THR A OG1 1 
ATOM   1492 C  CG2 . THR A 1 202 ? -11.306 -0.213  6.322   1.00 14.24 ? 202 THR A CG2 1 
ATOM   1493 N  N   . GLY A 1 203 ? -12.902 -1.984  9.132   1.00 22.96 ? 203 GLY A N   1 
ATOM   1494 C  CA  . GLY A 1 203 ? -14.283 -1.955  9.571   1.00 23.38 ? 203 GLY A CA  1 
ATOM   1495 C  C   . GLY A 1 203 ? -14.428 -1.494  11.014  1.00 28.78 ? 203 GLY A C   1 
ATOM   1496 O  O   . GLY A 1 203 ? -15.339 -0.747  11.344  1.00 25.90 ? 203 GLY A O   1 
ATOM   1497 N  N   . LEU A 1 204 ? -13.516 -1.938  11.869  1.00 27.49 ? 204 LEU A N   1 
ATOM   1498 C  CA  . LEU A 1 204 ? -13.554 -1.608  13.283  1.00 23.80 ? 204 LEU A CA  1 
ATOM   1499 C  C   . LEU A 1 204 ? -13.400 -0.109  13.524  1.00 26.39 ? 204 LEU A C   1 
ATOM   1500 O  O   . LEU A 1 204 ? -14.202 0.501   14.226  1.00 29.55 ? 204 LEU A O   1 
ATOM   1501 C  CB  . LEU A 1 204 ? -12.441 -2.353  14.006  1.00 26.99 ? 204 LEU A CB  1 
ATOM   1502 C  CG  . LEU A 1 204 ? -12.833 -3.208  15.202  1.00 39.78 ? 204 LEU A CG  1 
ATOM   1503 C  CD1 . LEU A 1 204 ? -14.265 -3.642  15.084  1.00 41.18 ? 204 LEU A CD1 1 
ATOM   1504 C  CD2 . LEU A 1 204 ? -11.928 -4.430  15.270  1.00 37.52 ? 204 LEU A CD2 1 
ATOM   1505 N  N   . VAL A 1 205 ? -12.364 0.479   12.943  1.00 24.33 ? 205 VAL A N   1 
ATOM   1506 C  CA  . VAL A 1 205 ? -12.102 1.894   13.132  1.00 26.24 ? 205 VAL A CA  1 
ATOM   1507 C  C   . VAL A 1 205 ? -13.198 2.723   12.484  1.00 26.89 ? 205 VAL A C   1 
ATOM   1508 O  O   . VAL A 1 205 ? -13.647 3.723   13.048  1.00 30.69 ? 205 VAL A O   1 
ATOM   1509 C  CB  . VAL A 1 205 ? -10.729 2.280   12.569  1.00 19.20 ? 205 VAL A CB  1 
ATOM   1510 C  CG1 . VAL A 1 205 ? -10.459 3.765   12.763  1.00 12.64 ? 205 VAL A CG1 1 
ATOM   1511 C  CG2 . VAL A 1 205 ? -9.666  1.470   13.269  1.00 17.58 ? 205 VAL A CG2 1 
ATOM   1512 N  N   . VAL A 1 206 ? -13.635 2.295   11.304  1.00 24.55 ? 206 VAL A N   1 
ATOM   1513 C  CA  . VAL A 1 206 ? -14.726 2.976   10.625  1.00 25.40 ? 206 VAL A CA  1 
ATOM   1514 C  C   . VAL A 1 206 ? -16.005 2.951   11.476  1.00 26.88 ? 206 VAL A C   1 
ATOM   1515 O  O   . VAL A 1 206 ? -16.684 3.967   11.626  1.00 22.21 ? 206 VAL A O   1 
ATOM   1516 C  CB  . VAL A 1 206 ? -14.961 2.383   9.231   1.00 22.94 ? 206 VAL A CB  1 
ATOM   1517 C  CG1 . VAL A 1 206 ? -16.351 2.734   8.720   1.00 18.25 ? 206 VAL A CG1 1 
ATOM   1518 C  CG2 . VAL A 1 206 ? -13.912 2.914   8.277   1.00 17.72 ? 206 VAL A CG2 1 
ATOM   1519 N  N   . TYR A 1 207 ? -16.297 1.793   12.060  1.00 22.62 ? 207 TYR A N   1 
ATOM   1520 C  CA  . TYR A 1 207 ? -17.422 1.649   12.969  1.00 23.31 ? 207 TYR A CA  1 
ATOM   1521 C  C   . TYR A 1 207 ? -17.372 2.640   14.134  1.00 29.50 ? 207 TYR A C   1 
ATOM   1522 O  O   . TYR A 1 207 ? -18.320 3.390   14.388  1.00 29.94 ? 207 TYR A O   1 
ATOM   1523 C  CB  . TYR A 1 207 ? -17.474 0.237   13.526  1.00 22.04 ? 207 TYR A CB  1 
ATOM   1524 C  CG  . TYR A 1 207 ? -18.570 0.048   14.536  1.00 33.95 ? 207 TYR A CG  1 
ATOM   1525 C  CD1 . TYR A 1 207 ? -19.875 -0.174  14.132  1.00 31.77 ? 207 TYR A CD1 1 
ATOM   1526 C  CD2 . TYR A 1 207 ? -18.306 0.102   15.894  1.00 36.99 ? 207 TYR A CD2 1 
ATOM   1527 C  CE1 . TYR A 1 207 ? -20.883 -0.351  15.046  1.00 31.40 ? 207 TYR A CE1 1 
ATOM   1528 C  CE2 . TYR A 1 207 ? -19.313 -0.072  16.821  1.00 37.04 ? 207 TYR A CE2 1 
ATOM   1529 C  CZ  . TYR A 1 207 ? -20.600 -0.297  16.390  1.00 42.76 ? 207 TYR A CZ  1 
ATOM   1530 O  OH  . TYR A 1 207 ? -21.614 -0.464  17.305  1.00 59.24 ? 207 TYR A OH  1 
ATOM   1531 N  N   . TYR A 1 208 ? -16.263 2.623   14.853  1.00 31.80 ? 208 TYR A N   1 
ATOM   1532 C  CA  A TYR A 1 208 ? -16.048 3.496   15.999  0.46 27.30 ? 208 TYR A CA  1 
ATOM   1533 C  CA  B TYR A 1 208 ? -16.136 3.507   15.992  0.54 27.28 ? 208 TYR A CA  1 
ATOM   1534 C  C   . TYR A 1 208 ? -16.100 4.970   15.599  1.00 29.56 ? 208 TYR A C   1 
ATOM   1535 O  O   . TYR A 1 208 ? -16.593 5.814   16.342  1.00 36.25 ? 208 TYR A O   1 
ATOM   1536 C  CB  A TYR A 1 208 ? -14.703 3.154   16.651  0.46 27.89 ? 208 TYR A CB  1 
ATOM   1537 C  CB  B TYR A 1 208 ? -14.954 3.114   16.866  0.54 27.89 ? 208 TYR A CB  1 
ATOM   1538 C  CG  A TYR A 1 208 ? -14.090 4.249   17.500  0.46 29.14 ? 208 TYR A CG  1 
ATOM   1539 C  CG  B TYR A 1 208 ? -15.301 1.929   17.719  0.54 27.31 ? 208 TYR A CG  1 
ATOM   1540 C  CD1 A TYR A 1 208 ? -13.342 5.268   16.923  0.46 33.22 ? 208 TYR A CD1 1 
ATOM   1541 C  CD1 B TYR A 1 208 ? -16.054 2.083   18.873  0.54 30.34 ? 208 TYR A CD1 1 
ATOM   1542 C  CD2 A TYR A 1 208 ? -14.224 4.243   18.877  0.46 33.11 ? 208 TYR A CD2 1 
ATOM   1543 C  CD2 B TYR A 1 208 ? -14.923 0.653   17.350  0.54 28.76 ? 208 TYR A CD2 1 
ATOM   1544 C  CE1 A TYR A 1 208 ? -12.779 6.266   17.693  0.46 31.09 ? 208 TYR A CE1 1 
ATOM   1545 C  CE1 B TYR A 1 208 ? -16.393 1.000   19.650  0.54 29.73 ? 208 TYR A CE1 1 
ATOM   1546 C  CE2 A TYR A 1 208 ? -13.651 5.231   19.654  0.46 32.46 ? 208 TYR A CE2 1 
ATOM   1547 C  CE2 B TYR A 1 208 ? -15.254 -0.438  18.121  0.54 25.91 ? 208 TYR A CE2 1 
ATOM   1548 C  CZ  A TYR A 1 208 ? -12.937 6.238   19.057  0.46 32.56 ? 208 TYR A CZ  1 
ATOM   1549 C  CZ  B TYR A 1 208 ? -15.988 -0.261  19.266  0.54 31.30 ? 208 TYR A CZ  1 
ATOM   1550 O  OH  A TYR A 1 208 ? -12.379 7.222   19.830  0.46 31.60 ? 208 TYR A OH  1 
ATOM   1551 O  OH  B TYR A 1 208 ? -16.314 -1.355  20.026  0.54 30.72 ? 208 TYR A OH  1 
ATOM   1552 N  N   . LEU A 1 209 ? -15.558 5.280   14.427  1.00 28.26 ? 209 LEU A N   1 
ATOM   1553 C  CA  . LEU A 1 209 ? -15.569 6.668   13.973  1.00 35.37 ? 209 LEU A CA  1 
ATOM   1554 C  C   . LEU A 1 209 ? -17.005 7.148   13.723  1.00 33.43 ? 209 LEU A C   1 
ATOM   1555 O  O   . LEU A 1 209 ? -17.371 8.250   14.110  1.00 32.14 ? 209 LEU A O   1 
ATOM   1556 C  CB  . LEU A 1 209 ? -14.706 6.862   12.724  1.00 23.23 ? 209 LEU A CB  1 
ATOM   1557 C  CG  . LEU A 1 209 ? -13.192 6.995   12.926  1.00 38.06 ? 209 LEU A CG  1 
ATOM   1558 C  CD1 . LEU A 1 209 ? -12.467 6.909   11.581  1.00 23.93 ? 209 LEU A CD1 1 
ATOM   1559 C  CD2 . LEU A 1 209 ? -12.840 8.301   13.637  1.00 25.18 ? 209 LEU A CD2 1 
ATOM   1560 N  N   . LEU A 1 210 ? -17.811 6.303   13.087  1.00 33.27 ? 210 LEU A N   1 
ATOM   1561 C  CA  . LEU A 1 210 ? -19.197 6.635   12.772  1.00 37.38 ? 210 LEU A CA  1 
ATOM   1562 C  C   . LEU A 1 210 ? -20.007 6.799   14.043  1.00 37.24 ? 210 LEU A C   1 
ATOM   1563 O  O   . LEU A 1 210 ? -20.937 7.610   14.114  1.00 26.70 ? 210 LEU A O   1 
ATOM   1564 C  CB  . LEU A 1 210 ? -19.825 5.532   11.927  1.00 25.77 ? 210 LEU A CB  1 
ATOM   1565 C  CG  . LEU A 1 210 ? -19.349 5.539   10.481  1.00 31.95 ? 210 LEU A CG  1 
ATOM   1566 C  CD1 . LEU A 1 210 ? -19.729 4.248   9.775   1.00 13.16 ? 210 LEU A CD1 1 
ATOM   1567 C  CD2 . LEU A 1 210 ? -19.946 6.748   9.782   1.00 21.65 ? 210 LEU A CD2 1 
ATOM   1568 N  N   . GLU A 1 211 ? -19.645 6.006   15.040  1.00 24.46 ? 211 GLU A N   1 
ATOM   1569 C  CA  . GLU A 1 211 ? -20.304 6.048   16.323  1.00 31.83 ? 211 GLU A CA  1 
ATOM   1570 C  C   . GLU A 1 211 ? -19.845 7.308   17.066  1.00 42.39 ? 211 GLU A C   1 
ATOM   1571 O  O   . GLU A 1 211 ? -20.448 7.696   18.062  1.00 37.40 ? 211 GLU A O   1 
ATOM   1572 C  CB  . GLU A 1 211 ? -19.977 4.769   17.104  1.00 22.83 ? 211 GLU A CB  1 
ATOM   1573 C  CG  . GLU A 1 211 ? -21.105 4.217   17.954  1.00 41.88 ? 211 GLU A CG  1 
ATOM   1574 C  CD  . GLU A 1 211 ? -22.254 3.616   17.143  1.00 49.15 ? 211 GLU A CD  1 
ATOM   1575 O  OE1 . GLU A 1 211 ? -22.368 3.880   15.921  1.00 46.21 ? 211 GLU A OE1 1 
ATOM   1576 O  OE2 . GLU A 1 211 ? -23.061 2.873   17.744  1.00 46.66 ? 211 GLU A OE2 1 
ATOM   1577 N  N   . HIS A 1 212 ? -18.788 7.945   16.552  1.00 45.31 ? 212 HIS A N   1 
ATOM   1578 C  CA  . HIS A 1 212 ? -18.124 9.104   17.177  1.00 39.41 ? 212 HIS A CA  1 
ATOM   1579 C  C   . HIS A 1 212 ? -17.709 8.854   18.616  1.00 40.04 ? 212 HIS A C   1 
ATOM   1580 O  O   . HIS A 1 212 ? -17.195 9.750   19.274  1.00 71.71 ? 212 HIS A O   1 
ATOM   1581 C  CB  . HIS A 1 212 ? -18.979 10.369  17.104  1.00 56.08 ? 212 HIS A CB  1 
ATOM   1582 C  CG  . HIS A 1 212 ? -18.933 11.066  15.780  1.00 59.52 ? 212 HIS A CG  1 
ATOM   1583 N  ND1 . HIS A 1 212 ? -17.956 11.981  15.453  1.00 65.64 ? 212 HIS A ND1 1 
ATOM   1584 C  CD2 . HIS A 1 212 ? -19.761 11.000  14.709  1.00 59.17 ? 212 HIS A CD2 1 
ATOM   1585 C  CE1 . HIS A 1 212 ? -18.177 12.439  14.232  1.00 68.24 ? 212 HIS A CE1 1 
ATOM   1586 N  NE2 . HIS A 1 212 ? -19.263 11.862  13.760  1.00 59.98 ? 212 HIS A NE2 1 
ATOM   1587 N  N   . HIS A 1 213 ? -17.906 7.627   19.086  1.00 45.31 ? 213 HIS A N   1 
ATOM   1588 C  CA  . HIS A 1 213 ? -17.710 7.303   20.486  1.00 48.98 ? 213 HIS A CA  1 
ATOM   1589 C  C   . HIS A 1 213 ? -17.397 5.834   20.705  1.00 47.40 ? 213 HIS A C   1 
ATOM   1590 O  O   . HIS A 1 213 ? -16.234 5.464   20.788  1.00 73.75 ? 213 HIS A O   1 
ATOM   1591 C  CB  . HIS A 1 213 ? -18.931 7.714   21.303  1.00 69.90 ? 213 HIS A CB  1 
ATOM   1592 N  N   . HIS A 1 214 ? -18.424 4.998   20.828  1.00 54.17 ? 214 HIS A N   1 
ATOM   1593 C  CA  . HIS A 1 214 ? -18.197 3.598   21.205  1.00 50.08 ? 214 HIS A CA  1 
ATOM   1594 C  C   . HIS A 1 214 ? -19.400 2.686   20.981  1.00 58.87 ? 214 HIS A C   1 
ATOM   1595 O  O   . HIS A 1 214 ? -19.411 1.541   21.447  1.00 62.74 ? 214 HIS A O   1 
ATOM   1596 C  CB  . HIS A 1 214 ? -17.731 3.501   22.667  1.00 73.52 ? 214 HIS A CB  1 
HETATM 1597 CO CO  . CO  B 2 .   ? 5.419   -4.185  3.450   1.00 33.08 ? 301 CO  A CO  1 
HETATM 1598 O  O1  . HEZ C 3 .   ? -18.841 -4.101  16.105  1.00 57.52 ? 302 HEZ A O1  1 
HETATM 1599 C  C1  . HEZ C 3 .   ? -18.680 -4.045  14.732  1.00 53.19 ? 302 HEZ A C1  1 
HETATM 1600 C  C2  . HEZ C 3 .   ? -17.504 -4.747  14.132  1.00 41.75 ? 302 HEZ A C2  1 
HETATM 1601 C  C3  . HEZ C 3 .   ? -17.030 -4.313  12.784  1.00 40.29 ? 302 HEZ A C3  1 
HETATM 1602 C  C4  . HEZ C 3 .   ? -15.927 -5.084  12.136  1.00 37.12 ? 302 HEZ A C4  1 
HETATM 1603 C  C5  . HEZ C 3 .   ? -16.085 -5.482  10.704  1.00 37.25 ? 302 HEZ A C5  1 
HETATM 1604 C  C6  . HEZ C 3 .   ? -15.235 -6.597  10.194  1.00 42.65 ? 302 HEZ A C6  1 
HETATM 1605 O  O6  . HEZ C 3 .   ? -15.504 -7.123  8.945   1.00 42.91 ? 302 HEZ A O6  1 
HETATM 1606 O  O1  . HEZ D 3 .   ? -1.603  -21.308 -3.997  1.00 41.70 ? 303 HEZ A O1  1 
HETATM 1607 C  C1  . HEZ D 3 .   ? -2.548  -20.298 -4.117  1.00 44.61 ? 303 HEZ A C1  1 
HETATM 1608 C  C2  . HEZ D 3 .   ? -2.201  -19.097 -4.934  1.00 33.31 ? 303 HEZ A C2  1 
HETATM 1609 C  C3  . HEZ D 3 .   ? -3.288  -18.150 -5.315  1.00 31.11 ? 303 HEZ A C3  1 
HETATM 1610 C  C4  . HEZ D 3 .   ? -2.984  -17.115 -6.346  1.00 28.57 ? 303 HEZ A C4  1 
HETATM 1611 C  C5  . HEZ D 3 .   ? -4.028  -16.088 -6.644  1.00 30.21 ? 303 HEZ A C5  1 
HETATM 1612 C  C6  . HEZ D 3 .   ? -3.694  -15.026 -7.645  1.00 39.50 ? 303 HEZ A C6  1 
HETATM 1613 O  O6  . HEZ D 3 .   ? -4.578  -13.976 -7.833  1.00 40.05 ? 303 HEZ A O6  1 
HETATM 1614 O  O1  . HEZ E 3 .   ? 12.496  -1.049  -17.274 1.00 45.56 ? 304 HEZ A O1  1 
HETATM 1615 C  C1  . HEZ E 3 .   ? 11.770  -2.094  -16.730 1.00 36.11 ? 304 HEZ A C1  1 
HETATM 1616 C  C2  . HEZ E 3 .   ? 10.665  -1.734  -15.790 1.00 26.99 ? 304 HEZ A C2  1 
HETATM 1617 C  C3  . HEZ E 3 .   ? 9.554   -2.706  -15.544 1.00 23.82 ? 304 HEZ A C3  1 
HETATM 1618 C  C4  . HEZ E 3 .   ? 8.601   -2.374  -14.439 1.00 27.41 ? 304 HEZ A C4  1 
HETATM 1619 C  C5  . HEZ E 3 .   ? 7.540   -3.342  -14.039 1.00 24.68 ? 304 HEZ A C5  1 
HETATM 1620 C  C6  . HEZ E 3 .   ? 6.484   -2.828  -13.114 1.00 39.94 ? 304 HEZ A C6  1 
HETATM 1621 O  O6  . HEZ E 3 .   ? 5.230   -3.416  -13.103 1.00 34.55 ? 304 HEZ A O6  1 
HETATM 1622 O  O1  . HEZ F 3 .   ? 19.272  0.442   11.325  1.00 51.12 ? 305 HEZ A O1  1 
HETATM 1623 C  C1  . HEZ F 3 .   ? 18.400  0.524   10.257  1.00 44.98 ? 305 HEZ A C1  1 
HETATM 1624 C  C2  . HEZ F 3 .   ? 18.753  1.455   9.147   1.00 45.01 ? 305 HEZ A C2  1 
HETATM 1625 C  C3  . HEZ F 3 .   ? 18.339  2.881   9.299   1.00 34.37 ? 305 HEZ A C3  1 
HETATM 1626 C  C4  . HEZ F 3 .   ? 18.750  3.848   8.242   1.00 30.02 ? 305 HEZ A C4  1 
HETATM 1627 C  C5  . HEZ F 3 .   ? 18.098  3.739   6.907   1.00 36.98 ? 305 HEZ A C5  1 
HETATM 1628 C  C6  . HEZ F 3 .   ? 18.913  4.132   5.721   1.00 49.38 ? 305 HEZ A C6  1 
HETATM 1629 O  O6  . HEZ F 3 .   ? 19.440  3.120   4.944   1.00 62.85 ? 305 HEZ A O6  1 
HETATM 1630 O  O1  . HEZ G 3 .   ? 16.928  -16.380 -1.439  1.00 52.12 ? 306 HEZ A O1  1 
HETATM 1631 C  C1  . HEZ G 3 .   ? 16.935  -15.048 -1.819  1.00 43.33 ? 306 HEZ A C1  1 
HETATM 1632 C  C2  . HEZ G 3 .   ? 15.846  -14.171 -1.290  1.00 23.73 ? 306 HEZ A C2  1 
HETATM 1633 C  C3  . HEZ G 3 .   ? 15.678  -12.812 -1.892  1.00 24.63 ? 306 HEZ A C3  1 
HETATM 1634 C  C4  . HEZ G 3 .   ? 16.878  -12.121 -2.458  1.00 22.90 ? 306 HEZ A C4  1 
HETATM 1635 C  C5  . HEZ G 3 .   ? 16.710  -10.704 -2.905  1.00 26.50 ? 306 HEZ A C5  1 
HETATM 1636 C  C6  . HEZ G 3 .   ? 17.668  -10.209 -3.940  1.00 27.32 ? 306 HEZ A C6  1 
HETATM 1637 O  O6  . HEZ G 3 .   ? 19.004  -10.192 -3.590  1.00 46.75 ? 306 HEZ A O6  1 
HETATM 1638 O  O   . HOH H 4 .   ? 1.499   -6.474  3.345   1.00 16.32 ? 401 HOH A O   1 
HETATM 1639 O  O   . HOH H 4 .   ? -7.670  -0.373  5.466   1.00 16.30 ? 402 HOH A O   1 
HETATM 1640 O  O   . HOH H 4 .   ? 16.696  -10.649 -10.885 1.00 16.51 ? 403 HOH A O   1 
HETATM 1641 O  O   . HOH H 4 .   ? -15.051 0.522   -9.211  1.00 25.73 ? 404 HOH A O   1 
HETATM 1642 O  O   . HOH H 4 .   ? 5.485   -2.815  -2.271  1.00 15.13 ? 405 HOH A O   1 
HETATM 1643 O  O   . HOH H 4 .   ? 14.718  -2.677  -4.213  1.00 18.68 ? 406 HOH A O   1 
HETATM 1644 O  O   . HOH H 4 .   ? 9.581   2.068   2.665   1.00 13.86 ? 407 HOH A O   1 
HETATM 1645 O  O   . HOH H 4 .   ? 2.789   -3.500  -12.132 1.00 26.42 ? 408 HOH A O   1 
HETATM 1646 O  O   . HOH H 4 .   ? 14.206  -2.918  4.102   1.00 26.26 ? 409 HOH A O   1 
HETATM 1647 O  O   . HOH H 4 .   ? 11.271  3.001   -6.868  1.00 20.68 ? 410 HOH A O   1 
HETATM 1648 O  O   . HOH H 4 .   ? 10.600  1.943   0.374   1.00 20.62 ? 411 HOH A O   1 
HETATM 1649 O  O   . HOH H 4 .   ? -6.259  -1.440  1.773   1.00 23.51 ? 412 HOH A O   1 
HETATM 1650 O  O   . HOH H 4 .   ? 0.078   -5.292  10.438  1.00 19.97 ? 413 HOH A O   1 
HETATM 1651 O  O   . HOH H 4 .   ? 7.067   -3.211  7.579   1.00 37.88 ? 414 HOH A O   1 
HETATM 1652 O  O   . HOH H 4 .   ? 13.972  -17.700 -11.386 1.00 29.48 ? 415 HOH A O   1 
HETATM 1653 O  O   . HOH H 4 .   ? -20.759 5.467   -4.796  1.00 41.85 ? 416 HOH A O   1 
HETATM 1654 O  O   . HOH H 4 .   ? -16.796 1.430   -9.705  1.00 41.05 ? 417 HOH A O   1 
HETATM 1655 O  O   . HOH H 4 .   ? 5.518   -18.588 0.597   1.00 38.96 ? 418 HOH A O   1 
HETATM 1656 O  O   . HOH H 4 .   ? -17.870 -9.065  -2.116  1.00 45.71 ? 419 HOH A O   1 
HETATM 1657 O  O   . HOH H 4 .   ? -22.429 8.298   12.488  1.00 23.57 ? 420 HOH A O   1 
HETATM 1658 O  O   . HOH H 4 .   ? 18.228  -1.381  -6.913  1.00 34.08 ? 421 HOH A O   1 
HETATM 1659 O  O   . HOH H 4 .   ? 18.330  -1.247  5.677   1.00 44.10 ? 422 HOH A O   1 
HETATM 1660 O  O   . HOH H 4 .   ? -16.356 -7.566  -4.369  1.00 41.17 ? 423 HOH A O   1 
HETATM 1661 O  O   . HOH H 4 .   ? 19.605  0.962   5.674   1.00 49.02 ? 424 HOH A O   1 
HETATM 1662 O  O   . HOH H 4 .   ? 26.389  -20.797 -19.197 1.00 37.86 ? 425 HOH A O   1 
HETATM 1663 O  O   . HOH H 4 .   ? -8.463  13.642  -0.549  1.00 25.54 ? 426 HOH A O   1 
HETATM 1664 O  O   . HOH H 4 .   ? -11.989 14.916  -6.916  1.00 38.17 ? 427 HOH A O   1 
HETATM 1665 O  O   . HOH H 4 .   ? 2.422   -17.394 1.038   1.00 31.51 ? 428 HOH A O   1 
HETATM 1666 O  O   . HOH H 4 .   ? 16.089  1.898   3.704   1.00 38.54 ? 429 HOH A O   1 
HETATM 1667 O  O   . HOH H 4 .   ? -20.627 -8.921  -1.227  1.00 49.95 ? 430 HOH A O   1 
HETATM 1668 O  O   . HOH H 4 .   ? 8.491   -10.060 12.432  1.00 39.34 ? 431 HOH A O   1 
HETATM 1669 O  O   . HOH H 4 .   ? 9.277   -6.024  3.175   1.00 35.82 ? 432 HOH A O   1 
HETATM 1670 O  O   . HOH H 4 .   ? 2.457   -21.218 -11.953 1.00 36.67 ? 433 HOH A O   1 
HETATM 1671 O  O   . HOH H 4 .   ? 14.369  -0.468  12.394  1.00 30.08 ? 434 HOH A O   1 
HETATM 1672 O  O   . HOH H 4 .   ? 18.459  -1.909  -14.644 1.00 36.82 ? 435 HOH A O   1 
HETATM 1673 O  O   . HOH H 4 .   ? -23.454 3.316   7.053   1.00 33.32 ? 436 HOH A O   1 
HETATM 1674 O  O   . HOH H 4 .   ? 5.621   5.749   -16.232 1.00 40.41 ? 437 HOH A O   1 
HETATM 1675 O  O   . HOH H 4 .   ? 12.056  -15.335 -0.386  1.00 41.80 ? 438 HOH A O   1 
HETATM 1676 O  O   . HOH H 4 .   ? 12.233  -19.601 -9.416  1.00 31.67 ? 439 HOH A O   1 
HETATM 1677 O  O   . HOH H 4 .   ? 3.639   -23.371 -12.922 1.00 39.71 ? 440 HOH A O   1 
HETATM 1678 O  O   . HOH H 4 .   ? 8.256   5.551   -17.723 1.00 45.83 ? 441 HOH A O   1 
# 
